data_7MIW
#
_entry.id   7MIW
#
_cell.length_a   59.760
_cell.length_b   92.650
_cell.length_c   98.430
_cell.angle_alpha   116.151
_cell.angle_beta   107.668
_cell.angle_gamma   90.032
#
_symmetry.space_group_name_H-M   'P 1'
#
loop_
_entity.id
_entity.type
_entity.pdbx_description
1 polymer 'Fumarate hydratase class II'
2 non-polymer 1,2-ETHANEDIOL
3 water water
#
_entity_poly.entity_id   1
_entity_poly.type   'polypeptide(L)'
_entity_poly.pdbx_seq_one_letter_code
;MAHHHHHHMIYRTEHDTMGEVKVPVDKFWGAQTERSRNNFKIGPEASMPHEIIEAFAYLKKAAAYANTDLRVLPSDKRDM
ISQVCDEILEGKLFDQFPLVIWQTGSGTQSNMNINEVISNKAHVNNGGQLGEKSEVHPNDDVNKSQSSNDTYPTAMHIAA
YKKVVEHTIPAVETLKNTLKAKSEAFKNIVKIGRTHLMDATPLTLGQEFSGYVAQLEFGLKALKNTLPHLAELALGGTAV
GTGLNTPQGYDVKVAEYIAKFTGLPFITAENKFEALAAHDAIVESHGALKQLAVSLFKIAQDIRMLASGPRSGIGEIHIP
ENEPGSSIMPGKVNPTQNEAMTMVCAQVLGNDTTISFAGTQGNYELNVFKPVMAYNFLQSAQLIADACISFNDHCAVGIE
PNEPRIKELVDKSLMLVTALNTHIGYENAAKIAKTAHKNGTTLKEEAINLGLVTAEQFDEWVKPEDMVGSLK
;
_entity_poly.pdbx_strand_id   A,B,C,D
#
loop_
_chem_comp.id
_chem_comp.type
_chem_comp.name
_chem_comp.formula
EDO non-polymer 1,2-ETHANEDIOL 'C2 H6 O2'
#
# COMPACT_ATOMS: atom_id res chain seq x y z
N HIS A 8 15.38 -16.10 -42.04
CA HIS A 8 15.54 -17.47 -41.54
C HIS A 8 14.24 -18.03 -40.99
N MET A 9 13.36 -17.16 -40.47
CA MET A 9 12.11 -17.61 -39.86
C MET A 9 11.20 -18.30 -40.86
N ILE A 10 10.99 -19.60 -40.67
CA ILE A 10 10.06 -20.41 -41.46
C ILE A 10 8.78 -20.61 -40.65
N TYR A 11 7.64 -20.55 -41.33
CA TYR A 11 6.33 -20.67 -40.70
C TYR A 11 5.55 -21.80 -41.34
N ARG A 12 4.65 -22.39 -40.56
CA ARG A 12 3.54 -23.12 -41.13
C ARG A 12 2.31 -22.24 -41.09
N THR A 13 1.32 -22.57 -41.91
CA THR A 13 0.10 -21.79 -41.97
C THR A 13 -1.02 -22.58 -41.34
N GLU A 14 -1.58 -22.05 -40.26
CA GLU A 14 -2.81 -22.58 -39.66
CA GLU A 14 -2.81 -22.58 -39.66
C GLU A 14 -3.98 -21.70 -40.06
N HIS A 15 -5.19 -22.13 -39.69
CA HIS A 15 -6.36 -21.43 -40.17
C HIS A 15 -7.48 -21.51 -39.15
N ASP A 16 -8.18 -20.40 -38.97
CA ASP A 16 -9.40 -20.34 -38.17
C ASP A 16 -10.35 -19.33 -38.84
N THR A 17 -11.41 -18.93 -38.14
CA THR A 17 -12.35 -17.99 -38.76
C THR A 17 -11.83 -16.56 -38.87
N MET A 18 -10.69 -16.25 -38.29
CA MET A 18 -10.02 -14.97 -38.57
CA MET A 18 -10.02 -14.98 -38.56
C MET A 18 -9.12 -15.05 -39.78
N GLY A 19 -9.08 -16.20 -40.45
CA GLY A 19 -8.25 -16.40 -41.61
C GLY A 19 -7.00 -17.20 -41.28
N GLU A 20 -6.05 -17.11 -42.19
CA GLU A 20 -4.77 -17.75 -42.00
C GLU A 20 -3.99 -17.07 -40.88
N VAL A 21 -3.15 -17.86 -40.21
CA VAL A 21 -2.21 -17.34 -39.23
C VAL A 21 -0.92 -18.15 -39.33
N LYS A 22 0.20 -17.45 -39.50
CA LYS A 22 1.50 -18.08 -39.57
C LYS A 22 1.98 -18.43 -38.17
N VAL A 23 2.41 -19.66 -37.98
CA VAL A 23 2.93 -20.15 -36.71
C VAL A 23 4.35 -20.61 -36.97
N PRO A 24 5.33 -20.24 -36.13
CA PRO A 24 6.71 -20.72 -36.35
C PRO A 24 6.73 -22.23 -36.56
N VAL A 25 7.40 -22.66 -37.64
CA VAL A 25 7.18 -24.00 -38.20
C VAL A 25 7.50 -25.10 -37.20
N ASP A 26 8.45 -24.86 -36.29
CA ASP A 26 8.90 -25.89 -35.37
CA ASP A 26 8.95 -25.85 -35.35
C ASP A 26 8.26 -25.80 -33.99
N LYS A 27 7.39 -24.83 -33.76
CA LYS A 27 6.83 -24.61 -32.44
CA LYS A 27 6.83 -24.61 -32.44
C LYS A 27 5.55 -25.43 -32.25
N PHE A 28 5.34 -25.89 -31.01
CA PHE A 28 4.25 -26.80 -30.67
C PHE A 28 2.97 -26.11 -30.26
N TRP A 29 2.98 -24.79 -30.04
CA TRP A 29 1.72 -24.10 -29.85
C TRP A 29 1.00 -24.00 -31.19
N GLY A 30 -0.24 -23.52 -31.15
CA GLY A 30 -1.06 -23.43 -32.34
C GLY A 30 -1.61 -22.05 -32.62
N ALA A 31 -2.63 -21.99 -33.48
CA ALA A 31 -3.15 -20.72 -33.96
C ALA A 31 -3.62 -19.83 -32.82
N GLN A 32 -4.24 -20.40 -31.80
CA GLN A 32 -4.80 -19.55 -30.75
C GLN A 32 -3.71 -18.91 -29.92
N THR A 33 -2.67 -19.67 -29.59
CA THR A 33 -1.55 -19.11 -28.85
C THR A 33 -0.85 -18.05 -29.70
N GLU A 34 -0.69 -18.31 -31.00
CA GLU A 34 -0.02 -17.34 -31.84
C GLU A 34 -0.79 -16.02 -31.90
N ARG A 35 -2.11 -16.09 -32.09
CA ARG A 35 -2.88 -14.84 -32.09
C ARG A 35 -2.77 -14.14 -30.73
N SER A 36 -2.72 -14.91 -29.64
CA SER A 36 -2.64 -14.32 -28.31
C SER A 36 -1.32 -13.59 -28.06
N ARG A 37 -0.22 -13.99 -28.71
CA ARG A 37 1.02 -13.22 -28.60
C ARG A 37 0.81 -11.80 -29.03
N ASN A 38 0.12 -11.60 -30.15
CA ASN A 38 -0.09 -10.28 -30.73
C ASN A 38 -1.17 -9.51 -29.99
N ASN A 39 -2.18 -10.21 -29.46
CA ASN A 39 -3.24 -9.54 -28.73
CA ASN A 39 -3.25 -9.54 -28.74
C ASN A 39 -2.77 -8.98 -27.40
N PHE A 40 -1.68 -9.51 -26.85
CA PHE A 40 -1.21 -9.10 -25.53
C PHE A 40 0.31 -8.87 -25.57
N LYS A 41 0.73 -7.87 -26.34
CA LYS A 41 2.15 -7.47 -26.39
C LYS A 41 2.41 -6.50 -25.23
N ILE A 42 2.46 -7.05 -24.02
CA ILE A 42 2.48 -6.22 -22.81
C ILE A 42 3.61 -6.73 -21.92
N GLY A 43 4.67 -5.94 -21.82
CA GLY A 43 5.88 -6.36 -21.13
C GLY A 43 6.63 -7.41 -21.92
N PRO A 44 7.70 -7.92 -21.34
CA PRO A 44 8.54 -8.91 -22.04
C PRO A 44 7.77 -10.17 -22.39
N GLU A 45 8.14 -10.78 -23.51
CA GLU A 45 7.48 -12.01 -23.93
C GLU A 45 7.68 -13.11 -22.88
N ALA A 46 6.72 -14.03 -22.84
CA ALA A 46 6.85 -15.27 -22.10
C ALA A 46 6.91 -15.06 -20.60
N SER A 47 6.31 -13.98 -20.10
CA SER A 47 6.43 -13.65 -18.70
C SER A 47 5.53 -14.49 -17.79
N MET A 48 4.56 -15.23 -18.30
CA MET A 48 3.79 -16.08 -17.39
C MET A 48 4.75 -17.02 -16.66
N PRO A 49 4.68 -17.11 -15.33
CA PRO A 49 5.72 -17.88 -14.61
C PRO A 49 5.76 -19.34 -15.02
N HIS A 50 6.99 -19.86 -15.14
CA HIS A 50 7.15 -21.28 -15.46
C HIS A 50 6.45 -22.16 -14.44
N GLU A 51 6.38 -21.73 -13.18
CA GLU A 51 5.71 -22.52 -12.16
C GLU A 51 4.23 -22.67 -12.45
N ILE A 52 3.62 -21.69 -13.11
CA ILE A 52 2.22 -21.82 -13.52
C ILE A 52 2.10 -22.85 -14.63
N ILE A 53 3.02 -22.83 -15.60
CA ILE A 53 2.99 -23.83 -16.67
C ILE A 53 3.16 -25.24 -16.10
N GLU A 54 4.11 -25.40 -15.17
CA GLU A 54 4.31 -26.70 -14.51
CA GLU A 54 4.29 -26.71 -14.54
C GLU A 54 3.04 -27.15 -13.79
N ALA A 55 2.39 -26.22 -13.09
CA ALA A 55 1.16 -26.55 -12.38
C ALA A 55 0.06 -26.96 -13.35
N PHE A 56 -0.04 -26.29 -14.50
CA PHE A 56 -0.99 -26.72 -15.54
C PHE A 56 -0.69 -28.14 -15.98
N ALA A 57 0.59 -28.51 -16.10
CA ALA A 57 0.91 -29.87 -16.50
C ALA A 57 0.40 -30.88 -15.47
N TYR A 58 0.56 -30.59 -14.19
CA TYR A 58 0.03 -31.48 -13.15
C TYR A 58 -1.49 -31.62 -13.28
N LEU A 59 -2.20 -30.50 -13.43
CA LEU A 59 -3.65 -30.59 -13.41
C LEU A 59 -4.20 -31.19 -14.69
N LYS A 60 -3.53 -30.96 -15.83
CA LYS A 60 -4.01 -31.58 -17.07
C LYS A 60 -3.83 -33.09 -17.03
N LYS A 61 -2.70 -33.54 -16.48
CA LYS A 61 -2.48 -34.97 -16.30
C LYS A 61 -3.54 -35.56 -15.37
N ALA A 62 -3.81 -34.89 -14.25
CA ALA A 62 -4.81 -35.38 -13.31
C ALA A 62 -6.20 -35.41 -13.93
N ALA A 63 -6.55 -34.38 -14.73
CA ALA A 63 -7.87 -34.35 -15.37
C ALA A 63 -8.01 -35.52 -16.34
N ALA A 64 -6.96 -35.82 -17.10
CA ALA A 64 -7.02 -36.96 -18.01
C ALA A 64 -7.19 -38.27 -17.24
N TYR A 65 -6.45 -38.44 -16.14
CA TYR A 65 -6.60 -39.65 -15.33
C TYR A 65 -8.00 -39.77 -14.74
N ALA A 66 -8.53 -38.67 -14.19
CA ALA A 66 -9.88 -38.71 -13.62
C ALA A 66 -10.92 -38.98 -14.70
N ASN A 67 -10.77 -38.35 -15.86
CA ASN A 67 -11.70 -38.52 -16.96
C ASN A 67 -11.72 -39.95 -17.47
N THR A 68 -10.55 -40.60 -17.54
CA THR A 68 -10.53 -42.00 -17.94
C THR A 68 -11.17 -42.90 -16.89
N ASP A 69 -10.87 -42.70 -15.60
CA ASP A 69 -11.51 -43.50 -14.57
C ASP A 69 -13.03 -43.39 -14.65
N LEU A 70 -13.56 -42.21 -14.94
CA LEU A 70 -14.98 -41.95 -14.98
C LEU A 70 -15.58 -42.19 -16.37
N ARG A 71 -14.78 -42.74 -17.29
CA ARG A 71 -15.24 -43.32 -18.55
C ARG A 71 -15.71 -42.26 -19.54
N VAL A 72 -15.11 -41.07 -19.49
CA VAL A 72 -15.40 -40.04 -20.47
C VAL A 72 -14.22 -39.75 -21.39
N LEU A 73 -13.06 -40.37 -21.16
CA LEU A 73 -11.88 -40.19 -22.02
C LEU A 73 -11.23 -41.55 -22.20
N PRO A 74 -10.91 -41.98 -23.42
CA PRO A 74 -10.25 -43.28 -23.58
C PRO A 74 -8.83 -43.26 -23.01
N SER A 75 -8.43 -44.39 -22.44
CA SER A 75 -7.13 -44.46 -21.78
CA SER A 75 -7.12 -44.48 -21.78
C SER A 75 -5.96 -44.22 -22.74
N ASP A 76 -6.12 -44.56 -24.02
CA ASP A 76 -5.02 -44.29 -24.95
CA ASP A 76 -5.03 -44.28 -24.96
C ASP A 76 -4.78 -42.79 -25.08
N LYS A 77 -5.84 -41.97 -25.05
CA LYS A 77 -5.67 -40.52 -25.10
C LYS A 77 -5.15 -39.99 -23.78
N ARG A 78 -5.59 -40.56 -22.65
CA ARG A 78 -4.99 -40.21 -21.37
C ARG A 78 -3.49 -40.39 -21.42
N ASP A 79 -3.03 -41.52 -21.97
CA ASP A 79 -1.59 -41.80 -22.00
C ASP A 79 -0.84 -40.79 -22.86
N MET A 80 -1.43 -40.39 -23.99
CA MET A 80 -0.82 -39.39 -24.86
C MET A 80 -0.68 -38.06 -24.15
N ILE A 81 -1.75 -37.64 -23.46
CA ILE A 81 -1.75 -36.38 -22.72
C ILE A 81 -0.73 -36.43 -21.59
N SER A 82 -0.76 -37.52 -20.83
CA SER A 82 0.10 -37.66 -19.66
C SER A 82 1.57 -37.64 -20.06
N GLN A 83 1.91 -38.24 -21.20
CA GLN A 83 3.30 -38.24 -21.64
CA GLN A 83 3.30 -38.24 -21.63
C GLN A 83 3.80 -36.82 -21.87
N VAL A 84 3.01 -35.97 -22.54
CA VAL A 84 3.46 -34.60 -22.75
C VAL A 84 3.53 -33.84 -21.43
N CYS A 85 2.56 -34.06 -20.54
CA CYS A 85 2.63 -33.43 -19.23
C CYS A 85 3.92 -33.76 -18.51
N ASP A 86 4.35 -35.03 -18.59
CA ASP A 86 5.62 -35.43 -17.96
C ASP A 86 6.79 -34.69 -18.58
N GLU A 87 6.78 -34.51 -19.91
CA GLU A 87 7.84 -33.74 -20.55
C GLU A 87 7.88 -32.30 -20.04
N ILE A 88 6.71 -31.67 -19.89
CA ILE A 88 6.65 -30.32 -19.36
C ILE A 88 7.21 -30.29 -17.95
N LEU A 89 6.80 -31.25 -17.12
CA LEU A 89 7.27 -31.31 -15.74
C LEU A 89 8.77 -31.55 -15.65
N GLU A 90 9.34 -32.22 -16.64
CA GLU A 90 10.79 -32.43 -16.72
C GLU A 90 11.54 -31.18 -17.19
N GLY A 91 10.83 -30.10 -17.53
CA GLY A 91 11.46 -28.87 -17.94
C GLY A 91 11.88 -28.80 -19.39
N LYS A 92 11.34 -29.68 -20.25
CA LYS A 92 11.80 -29.80 -21.63
C LYS A 92 11.10 -28.88 -22.61
N LEU A 93 10.01 -28.23 -22.22
CA LEU A 93 9.16 -27.54 -23.21
C LEU A 93 8.85 -26.10 -22.85
N PHE A 94 9.67 -25.43 -22.01
CA PHE A 94 9.30 -24.07 -21.61
C PHE A 94 9.32 -23.10 -22.79
N ASP A 95 10.13 -23.37 -23.82
CA ASP A 95 10.17 -22.55 -25.03
CA ASP A 95 10.13 -22.46 -24.96
C ASP A 95 8.87 -22.58 -25.81
N GLN A 96 7.92 -23.41 -25.39
CA GLN A 96 6.63 -23.54 -26.08
C GLN A 96 5.54 -22.68 -25.45
N PHE A 97 5.90 -21.79 -24.52
CA PHE A 97 4.96 -20.98 -23.76
C PHE A 97 5.37 -19.51 -23.88
N PRO A 98 4.87 -18.81 -24.91
CA PRO A 98 5.37 -17.45 -25.18
C PRO A 98 4.51 -16.33 -24.61
N LEU A 99 3.47 -16.65 -23.85
CA LEU A 99 2.46 -15.67 -23.46
C LEU A 99 2.83 -14.94 -22.17
N VAL A 100 2.29 -13.73 -22.05
CA VAL A 100 2.57 -12.85 -20.93
C VAL A 100 1.59 -13.07 -19.78
N ILE A 101 1.99 -12.56 -18.61
CA ILE A 101 1.09 -12.43 -17.45
C ILE A 101 -0.16 -11.66 -17.83
N TRP A 102 0.03 -10.56 -18.58
CA TRP A 102 -0.98 -9.51 -18.77
C TRP A 102 -1.89 -9.87 -19.95
N GLN A 103 -2.55 -11.01 -19.80
CA GLN A 103 -3.51 -11.58 -20.77
C GLN A 103 -4.93 -11.42 -20.20
N THR A 104 -5.86 -12.29 -20.59
CA THR A 104 -7.15 -12.25 -19.89
C THR A 104 -6.97 -12.55 -18.42
N GLY A 105 -7.89 -12.01 -17.62
CA GLY A 105 -7.80 -12.18 -16.18
C GLY A 105 -8.20 -13.54 -15.69
N SER A 106 -8.75 -14.39 -16.57
CA SER A 106 -8.97 -15.80 -16.30
C SER A 106 -7.80 -16.67 -16.72
N GLY A 107 -6.75 -16.11 -17.32
CA GLY A 107 -5.66 -16.94 -17.80
C GLY A 107 -6.07 -17.88 -18.91
N THR A 108 -7.08 -17.50 -19.70
CA THR A 108 -7.65 -18.36 -20.75
C THR A 108 -6.60 -18.72 -21.78
N GLN A 109 -5.76 -17.75 -22.13
CA GLN A 109 -4.81 -17.98 -23.20
C GLN A 109 -3.75 -18.98 -22.78
N SER A 110 -3.32 -18.95 -21.51
CA SER A 110 -2.36 -19.96 -21.07
C SER A 110 -2.97 -21.35 -20.99
N ASN A 111 -4.25 -21.45 -20.59
CA ASN A 111 -4.94 -22.74 -20.65
C ASN A 111 -4.92 -23.27 -22.09
N MET A 112 -5.28 -22.42 -23.05
CA MET A 112 -5.26 -22.82 -24.45
CA MET A 112 -5.27 -22.87 -24.42
C MET A 112 -3.86 -23.19 -24.91
N ASN A 113 -2.85 -22.46 -24.43
CA ASN A 113 -1.47 -22.71 -24.82
C ASN A 113 -1.05 -24.13 -24.43
N ILE A 114 -1.36 -24.55 -23.19
CA ILE A 114 -0.99 -25.92 -22.83
C ILE A 114 -1.85 -26.94 -23.58
N ASN A 115 -3.12 -26.65 -23.82
CA ASN A 115 -3.94 -27.57 -24.59
C ASN A 115 -3.35 -27.80 -25.99
N GLU A 116 -2.93 -26.72 -26.65
CA GLU A 116 -2.37 -26.83 -28.00
C GLU A 116 -1.03 -27.54 -27.98
N VAL A 117 -0.17 -27.22 -27.02
CA VAL A 117 1.14 -27.85 -26.94
C VAL A 117 1.00 -29.35 -26.68
N ILE A 118 0.13 -29.73 -25.74
CA ILE A 118 -0.12 -31.14 -25.49
C ILE A 118 -0.63 -31.83 -26.76
N SER A 119 -1.61 -31.20 -27.43
CA SER A 119 -2.17 -31.79 -28.64
C SER A 119 -1.11 -32.01 -29.72
N ASN A 120 -0.28 -31.00 -29.98
CA ASN A 120 0.67 -31.09 -31.09
C ASN A 120 1.85 -31.99 -30.75
N LYS A 121 2.37 -31.88 -29.52
CA LYS A 121 3.48 -32.75 -29.14
C LYS A 121 3.03 -34.21 -29.07
N ALA A 122 1.81 -34.47 -28.61
CA ALA A 122 1.30 -35.83 -28.64
C ALA A 122 1.28 -36.39 -30.06
N HIS A 123 0.92 -35.56 -31.04
CA HIS A 123 0.86 -36.04 -32.41
C HIS A 123 2.25 -36.45 -32.89
N VAL A 124 3.25 -35.62 -32.59
CA VAL A 124 4.63 -35.97 -32.94
C VAL A 124 5.07 -37.22 -32.18
N ASN A 125 4.73 -37.32 -30.90
CA ASN A 125 5.07 -38.52 -30.14
C ASN A 125 4.42 -39.76 -30.73
N ASN A 126 3.24 -39.61 -31.35
CA ASN A 126 2.54 -40.71 -31.99
C ASN A 126 3.13 -41.07 -33.35
N GLY A 127 4.14 -40.36 -33.81
CA GLY A 127 4.77 -40.63 -35.09
C GLY A 127 4.36 -39.70 -36.22
N GLY A 128 3.57 -38.66 -35.93
CA GLY A 128 3.13 -37.72 -36.95
C GLY A 128 4.09 -36.57 -37.13
N GLN A 129 3.77 -35.72 -38.11
CA GLN A 129 4.54 -34.50 -38.36
C GLN A 129 3.83 -33.31 -37.74
N LEU A 130 4.60 -32.47 -37.06
CA LEU A 130 4.06 -31.25 -36.48
C LEU A 130 3.39 -30.40 -37.56
N GLY A 131 2.15 -30.00 -37.31
CA GLY A 131 1.36 -29.26 -38.27
C GLY A 131 0.22 -30.05 -38.86
N GLU A 132 0.27 -31.39 -38.79
CA GLU A 132 -0.86 -32.22 -39.16
C GLU A 132 -1.90 -32.25 -38.05
N LYS A 133 -3.12 -32.64 -38.41
CA LYS A 133 -4.18 -32.80 -37.41
C LYS A 133 -3.79 -33.85 -36.38
N SER A 134 -3.96 -33.52 -35.10
CA SER A 134 -3.56 -34.42 -34.02
C SER A 134 -4.66 -35.42 -33.68
N GLU A 135 -4.24 -36.58 -33.13
CA GLU A 135 -5.17 -37.54 -32.54
C GLU A 135 -5.84 -36.99 -31.29
N VAL A 136 -5.24 -36.00 -30.64
CA VAL A 136 -5.68 -35.47 -29.36
C VAL A 136 -6.19 -34.06 -29.61
N HIS A 137 -7.49 -33.85 -29.41
CA HIS A 137 -8.05 -32.53 -29.71
C HIS A 137 -7.79 -31.59 -28.54
N PRO A 138 -7.31 -30.36 -28.79
CA PRO A 138 -6.99 -29.47 -27.66
CA PRO A 138 -6.99 -29.46 -27.66
C PRO A 138 -8.17 -29.19 -26.74
N ASN A 139 -9.34 -28.94 -27.31
CA ASN A 139 -10.49 -28.66 -26.47
C ASN A 139 -11.24 -29.94 -26.07
N ASP A 140 -11.57 -30.78 -27.05
CA ASP A 140 -12.46 -31.91 -26.76
C ASP A 140 -11.79 -32.96 -25.87
N ASP A 141 -10.47 -33.11 -25.96
CA ASP A 141 -9.75 -34.12 -25.19
C ASP A 141 -8.95 -33.49 -24.07
N VAL A 142 -8.05 -32.54 -24.38
CA VAL A 142 -7.14 -32.05 -23.34
C VAL A 142 -7.90 -31.19 -22.33
N ASN A 143 -8.96 -30.51 -22.77
CA ASN A 143 -9.76 -29.63 -21.92
C ASN A 143 -11.05 -30.31 -21.44
N LYS A 144 -11.18 -31.63 -21.61
CA LYS A 144 -12.40 -32.31 -21.25
C LYS A 144 -12.70 -32.13 -19.76
N SER A 145 -13.96 -31.81 -19.46
CA SER A 145 -14.49 -31.61 -18.10
C SER A 145 -13.96 -30.35 -17.45
N GLN A 146 -13.35 -29.43 -18.21
CA GLN A 146 -12.68 -28.26 -17.66
C GLN A 146 -13.17 -26.98 -18.32
N SER A 147 -12.88 -25.87 -17.65
CA SER A 147 -13.07 -24.51 -18.16
CA SER A 147 -13.02 -24.55 -18.25
C SER A 147 -11.75 -23.77 -17.94
N SER A 148 -11.48 -22.73 -18.74
CA SER A 148 -10.41 -21.82 -18.37
CA SER A 148 -10.40 -21.85 -18.36
C SER A 148 -10.65 -21.25 -16.98
N ASN A 149 -11.92 -21.17 -16.58
CA ASN A 149 -12.22 -20.46 -15.34
C ASN A 149 -11.76 -21.23 -14.13
N ASP A 150 -11.82 -22.56 -14.17
CA ASP A 150 -11.42 -23.36 -13.01
C ASP A 150 -10.01 -23.92 -13.13
N THR A 151 -9.43 -23.94 -14.34
CA THR A 151 -8.09 -24.47 -14.49
C THR A 151 -7.03 -23.50 -14.00
N TYR A 152 -7.08 -22.23 -14.41
CA TYR A 152 -6.06 -21.28 -13.97
C TYR A 152 -5.98 -21.14 -12.46
N PRO A 153 -7.08 -20.97 -11.71
CA PRO A 153 -6.90 -20.86 -10.25
C PRO A 153 -6.36 -22.12 -9.63
N THR A 154 -6.65 -23.29 -10.22
CA THR A 154 -6.04 -24.53 -9.76
C THR A 154 -4.53 -24.50 -9.95
N ALA A 155 -4.09 -24.08 -11.15
CA ALA A 155 -2.66 -23.93 -11.39
C ALA A 155 -2.03 -22.95 -10.40
N MET A 156 -2.72 -21.84 -10.16
CA MET A 156 -2.20 -20.84 -9.22
C MET A 156 -1.98 -21.43 -7.84
N HIS A 157 -2.97 -22.19 -7.32
CA HIS A 157 -2.81 -22.79 -6.00
C HIS A 157 -1.72 -23.85 -5.97
N ILE A 158 -1.68 -24.71 -6.99
CA ILE A 158 -0.63 -25.72 -7.03
C ILE A 158 0.74 -25.06 -6.98
N ALA A 159 0.95 -24.06 -7.85
CA ALA A 159 2.24 -23.39 -7.90
C ALA A 159 2.56 -22.66 -6.58
N ALA A 160 1.57 -21.96 -6.04
CA ALA A 160 1.77 -21.21 -4.80
C ALA A 160 2.13 -22.13 -3.64
N TYR A 161 1.34 -23.19 -3.47
CA TYR A 161 1.56 -24.13 -2.37
C TYR A 161 2.93 -24.80 -2.50
N LYS A 162 3.24 -25.27 -3.71
CA LYS A 162 4.53 -25.92 -3.92
CA LYS A 162 4.55 -25.89 -3.99
C LYS A 162 5.69 -24.96 -3.62
N LYS A 163 5.60 -23.70 -4.05
CA LYS A 163 6.70 -22.78 -3.81
C LYS A 163 6.89 -22.54 -2.32
N VAL A 164 5.79 -22.36 -1.60
CA VAL A 164 5.87 -22.10 -0.16
C VAL A 164 6.47 -23.29 0.59
N VAL A 165 5.96 -24.50 0.31
CA VAL A 165 6.35 -25.66 1.13
C VAL A 165 7.69 -26.21 0.70
N GLU A 166 8.03 -26.15 -0.59
CA GLU A 166 9.28 -26.70 -1.10
C GLU A 166 10.43 -25.72 -1.15
N HIS A 167 10.16 -24.41 -1.02
CA HIS A 167 11.21 -23.41 -1.13
C HIS A 167 11.20 -22.38 0.01
N THR A 168 10.09 -21.65 0.17
CA THR A 168 10.09 -20.55 1.14
C THR A 168 10.29 -21.05 2.56
N ILE A 169 9.46 -22.01 3.00
CA ILE A 169 9.53 -22.51 4.38
C ILE A 169 10.89 -23.12 4.68
N PRO A 170 11.44 -24.03 3.84
CA PRO A 170 12.78 -24.57 4.14
C PRO A 170 13.84 -23.50 4.28
N ALA A 171 13.81 -22.48 3.43
CA ALA A 171 14.82 -21.42 3.47
C ALA A 171 14.70 -20.60 4.76
N VAL A 172 13.48 -20.24 5.15
CA VAL A 172 13.30 -19.51 6.40
C VAL A 172 13.73 -20.36 7.59
N GLU A 173 13.33 -21.64 7.58
CA GLU A 173 13.70 -22.55 8.66
C GLU A 173 15.21 -22.63 8.83
N THR A 174 15.95 -22.75 7.73
CA THR A 174 17.41 -22.84 7.82
C THR A 174 18.00 -21.59 8.42
N LEU A 175 17.54 -20.40 7.98
CA LEU A 175 18.05 -19.16 8.54
C LEU A 175 17.73 -19.05 10.02
N LYS A 176 16.51 -19.44 10.39
CA LYS A 176 16.12 -19.43 11.79
C LYS A 176 17.05 -20.33 12.62
N ASN A 177 17.38 -21.51 12.09
CA ASN A 177 18.28 -22.43 12.80
C ASN A 177 19.66 -21.82 13.00
N THR A 178 20.17 -21.12 11.98
CA THR A 178 21.47 -20.46 12.11
C THR A 178 21.41 -19.39 13.20
N LEU A 179 20.38 -18.54 13.15
CA LEU A 179 20.26 -17.49 14.15
C LEU A 179 20.08 -18.06 15.55
N LYS A 180 19.41 -19.22 15.67
CA LYS A 180 19.26 -19.86 16.98
C LYS A 180 20.60 -20.38 17.49
N ALA A 181 21.39 -21.01 16.61
CA ALA A 181 22.73 -21.45 17.01
C ALA A 181 23.59 -20.27 17.43
N LYS A 182 23.51 -19.15 16.69
CA LYS A 182 24.26 -17.96 17.08
C LYS A 182 23.78 -17.44 18.44
N SER A 183 22.46 -17.41 18.63
CA SER A 183 21.93 -16.94 19.91
C SER A 183 22.47 -17.76 21.07
N GLU A 184 22.55 -19.08 20.91
CA GLU A 184 23.11 -19.93 21.96
CA GLU A 184 23.10 -19.92 21.96
C GLU A 184 24.60 -19.65 22.15
N ALA A 185 25.34 -19.49 21.04
CA ALA A 185 26.77 -19.21 21.13
C ALA A 185 27.05 -17.89 21.84
N PHE A 186 26.13 -16.93 21.73
CA PHE A 186 26.31 -15.58 22.25
C PHE A 186 25.63 -15.36 23.59
N LYS A 187 25.16 -16.43 24.24
CA LYS A 187 24.29 -16.28 25.41
C LYS A 187 24.96 -15.62 26.61
N ASN A 188 26.29 -15.61 26.67
CA ASN A 188 26.97 -15.01 27.82
C ASN A 188 27.69 -13.72 27.50
N ILE A 189 27.47 -13.13 26.33
CA ILE A 189 28.13 -11.89 25.94
C ILE A 189 27.18 -10.74 26.28
N VAL A 190 27.48 -10.01 27.36
CA VAL A 190 26.63 -8.89 27.78
C VAL A 190 26.95 -7.66 26.94
N LYS A 191 25.91 -7.01 26.42
CA LYS A 191 26.07 -5.81 25.61
C LYS A 191 25.09 -4.74 26.10
N ILE A 192 25.25 -3.52 25.58
CA ILE A 192 24.40 -2.40 25.97
CA ILE A 192 24.40 -2.41 25.96
C ILE A 192 23.16 -2.38 25.08
N GLY A 193 21.98 -2.27 25.70
CA GLY A 193 20.75 -2.11 24.94
C GLY A 193 20.63 -0.74 24.32
N ARG A 194 19.79 -0.66 23.29
CA ARG A 194 19.48 0.61 22.63
C ARG A 194 17.97 0.68 22.46
N THR A 195 17.36 1.73 22.99
CA THR A 195 15.93 1.98 22.84
C THR A 195 15.80 3.41 22.36
N HIS A 196 14.94 3.64 21.36
CA HIS A 196 14.85 4.96 20.72
C HIS A 196 16.11 5.33 19.96
N LEU A 197 17.02 4.38 19.74
CA LEU A 197 18.41 4.52 19.24
C LEU A 197 19.36 4.99 20.34
N MET A 198 18.88 5.13 21.58
CA MET A 198 19.61 5.75 22.66
C MET A 198 20.07 4.71 23.68
N ASP A 199 21.09 5.07 24.47
CA ASP A 199 21.70 4.14 25.43
C ASP A 199 20.64 3.59 26.38
N ALA A 200 20.66 2.28 26.60
CA ALA A 200 19.71 1.64 27.50
C ALA A 200 20.43 0.61 28.37
N THR A 201 19.66 -0.10 29.19
CA THR A 201 20.21 -1.10 30.09
C THR A 201 20.67 -2.36 29.34
N PRO A 202 21.45 -3.22 29.98
CA PRO A 202 22.09 -4.32 29.26
C PRO A 202 21.17 -5.49 28.92
N LEU A 203 21.61 -6.24 27.92
CA LEU A 203 21.05 -7.56 27.60
C LEU A 203 22.19 -8.33 26.94
N THR A 204 22.03 -9.64 26.81
CA THR A 204 23.07 -10.38 26.12
C THR A 204 22.87 -10.33 24.61
N LEU A 205 23.98 -10.45 23.88
CA LEU A 205 23.88 -10.57 22.43
C LEU A 205 23.04 -11.79 22.05
N GLY A 206 23.10 -12.86 22.85
CA GLY A 206 22.25 -14.01 22.61
C GLY A 206 20.78 -13.70 22.80
N GLN A 207 20.45 -12.90 23.82
CA GLN A 207 19.05 -12.49 23.99
C GLN A 207 18.57 -11.69 22.78
N GLU A 208 19.38 -10.72 22.34
CA GLU A 208 18.99 -9.93 21.17
C GLU A 208 18.74 -10.82 19.95
N PHE A 209 19.64 -11.78 19.71
CA PHE A 209 19.44 -12.69 18.59
C PHE A 209 18.25 -13.62 18.81
N SER A 210 17.94 -13.96 20.07
CA SER A 210 16.79 -14.81 20.33
C SER A 210 15.50 -14.14 19.91
N GLY A 211 15.45 -12.81 19.92
CA GLY A 211 14.27 -12.12 19.41
C GLY A 211 14.06 -12.40 17.94
N TYR A 212 15.15 -12.34 17.14
CA TYR A 212 15.05 -12.63 15.71
C TYR A 212 14.54 -14.04 15.47
N VAL A 213 15.06 -15.00 16.25
CA VAL A 213 14.61 -16.39 16.13
C VAL A 213 13.12 -16.48 16.38
N ALA A 214 12.66 -15.87 17.48
CA ALA A 214 11.24 -15.92 17.81
C ALA A 214 10.38 -15.30 16.72
N GLN A 215 10.85 -14.20 16.12
CA GLN A 215 10.11 -13.56 15.04
C GLN A 215 9.93 -14.52 13.87
N LEU A 216 11.01 -15.20 13.47
CA LEU A 216 10.89 -16.15 12.36
C LEU A 216 10.03 -17.34 12.73
N GLU A 217 10.12 -17.83 13.97
CA GLU A 217 9.24 -18.94 14.39
C GLU A 217 7.77 -18.55 14.29
N PHE A 218 7.41 -17.35 14.75
CA PHE A 218 6.02 -16.91 14.63
C PHE A 218 5.60 -16.77 13.18
N GLY A 219 6.48 -16.23 12.32
CA GLY A 219 6.12 -16.08 10.92
C GLY A 219 5.92 -17.42 10.24
N LEU A 220 6.77 -18.40 10.57
CA LEU A 220 6.58 -19.75 10.05
C LEU A 220 5.23 -20.33 10.48
N LYS A 221 4.88 -20.18 11.76
CA LYS A 221 3.61 -20.68 12.23
CA LYS A 221 3.60 -20.69 12.23
C LYS A 221 2.45 -20.01 11.51
N ALA A 222 2.56 -18.69 11.31
CA ALA A 222 1.48 -17.94 10.66
C ALA A 222 1.33 -18.37 9.21
N LEU A 223 2.45 -18.58 8.53
CA LEU A 223 2.37 -19.04 7.14
C LEU A 223 1.79 -20.44 7.05
N LYS A 224 2.20 -21.34 7.94
CA LYS A 224 1.63 -22.69 7.93
C LYS A 224 0.14 -22.67 8.22
N ASN A 225 -0.33 -21.71 9.05
CA ASN A 225 -1.74 -21.61 9.32
C ASN A 225 -2.56 -21.36 8.06
N THR A 226 -1.96 -20.73 7.05
CA THR A 226 -2.66 -20.39 5.81
C THR A 226 -2.69 -21.55 4.81
N LEU A 227 -1.96 -22.63 5.07
CA LEU A 227 -1.87 -23.70 4.07
C LEU A 227 -3.18 -24.44 3.84
N PRO A 228 -4.00 -24.73 4.88
CA PRO A 228 -5.24 -25.46 4.59
C PRO A 228 -6.17 -24.78 3.59
N HIS A 229 -6.31 -23.45 3.64
CA HIS A 229 -7.13 -22.76 2.65
C HIS A 229 -6.48 -22.82 1.28
N LEU A 230 -5.14 -22.66 1.21
CA LEU A 230 -4.42 -22.71 -0.06
C LEU A 230 -4.47 -24.10 -0.69
N ALA A 231 -4.64 -25.16 0.12
CA ALA A 231 -4.72 -26.53 -0.39
C ALA A 231 -6.01 -26.82 -1.17
N GLU A 232 -7.04 -25.98 -1.01
CA GLU A 232 -8.31 -26.20 -1.67
C GLU A 232 -8.21 -25.79 -3.14
N LEU A 233 -8.69 -26.63 -4.04
CA LEU A 233 -8.57 -26.40 -5.47
C LEU A 233 -9.93 -26.19 -6.14
N ALA A 234 -9.97 -25.25 -7.08
CA ALA A 234 -11.20 -24.93 -7.80
C ALA A 234 -11.58 -25.99 -8.83
N LEU A 235 -10.66 -26.86 -9.23
CA LEU A 235 -10.90 -27.71 -10.38
C LEU A 235 -12.15 -28.57 -10.18
N GLY A 236 -13.03 -28.55 -11.17
CA GLY A 236 -14.33 -29.18 -11.08
C GLY A 236 -15.46 -28.19 -10.90
N GLY A 237 -15.15 -26.94 -10.57
CA GLY A 237 -16.19 -25.93 -10.57
C GLY A 237 -16.65 -25.53 -11.96
N THR A 238 -15.85 -25.83 -12.99
CA THR A 238 -16.08 -25.39 -14.37
C THR A 238 -16.38 -23.89 -14.47
N ALA A 239 -17.30 -23.46 -15.34
CA ALA A 239 -17.35 -22.05 -15.73
C ALA A 239 -17.79 -21.14 -14.58
N VAL A 240 -18.79 -21.55 -13.79
CA VAL A 240 -19.37 -20.66 -12.80
C VAL A 240 -19.38 -21.25 -11.40
N GLY A 241 -18.91 -22.48 -11.21
CA GLY A 241 -18.84 -23.09 -9.90
C GLY A 241 -19.76 -24.29 -9.73
N THR A 242 -20.70 -24.54 -10.63
CA THR A 242 -21.68 -25.60 -10.43
C THR A 242 -21.15 -26.99 -10.78
N GLY A 243 -20.04 -27.09 -11.51
CA GLY A 243 -19.59 -28.39 -11.96
C GLY A 243 -20.36 -28.95 -13.15
N LEU A 244 -21.23 -28.15 -13.77
CA LEU A 244 -21.83 -28.56 -15.03
C LEU A 244 -20.73 -28.98 -16.00
N ASN A 245 -20.97 -30.07 -16.71
CA ASN A 245 -20.03 -30.66 -17.68
C ASN A 245 -18.90 -31.44 -17.05
N THR A 246 -19.02 -31.82 -15.79
CA THR A 246 -18.12 -32.79 -15.20
C THR A 246 -18.87 -34.07 -14.86
N PRO A 247 -18.22 -35.23 -14.94
CA PRO A 247 -18.86 -36.46 -14.46
C PRO A 247 -18.97 -36.45 -12.94
N GLN A 248 -19.98 -37.14 -12.43
CA GLN A 248 -20.18 -37.19 -10.99
CA GLN A 248 -20.19 -37.21 -10.99
C GLN A 248 -18.94 -37.74 -10.31
N GLY A 249 -18.48 -37.03 -9.28
CA GLY A 249 -17.31 -37.43 -8.53
C GLY A 249 -15.99 -36.91 -9.08
N TYR A 250 -16.01 -36.22 -10.21
CA TYR A 250 -14.78 -35.71 -10.82
C TYR A 250 -14.01 -34.77 -9.87
N ASP A 251 -14.72 -33.87 -9.18
CA ASP A 251 -14.06 -32.93 -8.28
C ASP A 251 -13.13 -33.64 -7.29
N VAL A 252 -13.65 -34.64 -6.59
CA VAL A 252 -12.87 -35.33 -5.59
C VAL A 252 -11.76 -36.14 -6.24
N LYS A 253 -12.08 -36.84 -7.33
CA LYS A 253 -11.08 -37.71 -7.96
C LYS A 253 -9.92 -36.92 -8.57
N VAL A 254 -10.22 -35.80 -9.23
CA VAL A 254 -9.13 -35.04 -9.85
C VAL A 254 -8.24 -34.43 -8.78
N ALA A 255 -8.80 -34.01 -7.64
CA ALA A 255 -7.96 -33.49 -6.57
C ALA A 255 -7.08 -34.59 -6.01
N GLU A 256 -7.61 -35.81 -5.91
CA GLU A 256 -6.81 -36.95 -5.44
CA GLU A 256 -6.80 -36.92 -5.43
C GLU A 256 -5.63 -37.20 -6.36
N TYR A 257 -5.86 -37.15 -7.68
CA TYR A 257 -4.74 -37.31 -8.60
C TYR A 257 -3.73 -36.19 -8.50
N ILE A 258 -4.20 -34.94 -8.35
CA ILE A 258 -3.26 -33.82 -8.18
C ILE A 258 -2.42 -34.02 -6.92
N ALA A 259 -3.06 -34.44 -5.82
CA ALA A 259 -2.34 -34.70 -4.57
C ALA A 259 -1.32 -35.81 -4.76
N LYS A 260 -1.69 -36.85 -5.51
CA LYS A 260 -0.75 -37.95 -5.75
C LYS A 260 0.44 -37.49 -6.58
N PHE A 261 0.17 -36.82 -7.70
CA PHE A 261 1.26 -36.50 -8.63
C PHE A 261 2.20 -35.44 -8.04
N THR A 262 1.66 -34.49 -7.28
CA THR A 262 2.49 -33.46 -6.66
C THR A 262 3.11 -33.91 -5.34
N GLY A 263 2.52 -34.90 -4.68
CA GLY A 263 2.97 -35.26 -3.34
C GLY A 263 2.57 -34.27 -2.27
N LEU A 264 1.63 -33.38 -2.55
CA LEU A 264 1.20 -32.34 -1.62
C LEU A 264 -0.27 -32.52 -1.29
N PRO A 265 -0.73 -32.09 -0.09
CA PRO A 265 -2.08 -32.47 0.39
C PRO A 265 -3.21 -31.60 -0.13
N PHE A 266 -3.36 -31.55 -1.46
CA PHE A 266 -4.45 -30.80 -2.08
C PHE A 266 -5.78 -31.52 -1.88
N ILE A 267 -6.85 -30.73 -1.79
CA ILE A 267 -8.21 -31.24 -1.65
C ILE A 267 -9.10 -30.40 -2.55
N THR A 268 -10.29 -30.92 -2.86
CA THR A 268 -11.22 -30.14 -3.66
C THR A 268 -11.81 -29.02 -2.82
N ALA A 269 -12.04 -27.86 -3.41
CA ALA A 269 -12.55 -26.75 -2.63
C ALA A 269 -13.97 -27.07 -2.13
N GLU A 270 -14.24 -26.74 -0.87
CA GLU A 270 -15.55 -27.02 -0.29
C GLU A 270 -16.64 -26.17 -0.94
N ASN A 271 -16.29 -24.97 -1.41
CA ASN A 271 -17.25 -24.09 -2.05
C ASN A 271 -16.62 -23.57 -3.33
N LYS A 272 -17.10 -24.06 -4.48
CA LYS A 272 -16.48 -23.70 -5.75
C LYS A 272 -16.76 -22.26 -6.16
N PHE A 273 -17.83 -21.67 -5.63
CA PHE A 273 -18.14 -20.27 -5.93
C PHE A 273 -17.12 -19.36 -5.27
N GLU A 274 -16.81 -19.62 -4.00
CA GLU A 274 -15.74 -18.92 -3.31
C GLU A 274 -14.41 -19.13 -4.03
N ALA A 275 -14.19 -20.30 -4.62
CA ALA A 275 -12.93 -20.63 -5.26
C ALA A 275 -12.73 -19.96 -6.61
N LEU A 276 -13.81 -19.53 -7.26
CA LEU A 276 -13.75 -18.87 -8.56
C LEU A 276 -13.91 -17.37 -8.47
N ALA A 277 -14.77 -16.90 -7.59
CA ALA A 277 -15.17 -15.50 -7.53
C ALA A 277 -14.20 -14.65 -6.72
N ALA A 278 -13.27 -15.28 -6.02
CA ALA A 278 -12.33 -14.58 -5.17
C ALA A 278 -11.08 -15.44 -5.05
N HIS A 279 -9.98 -14.82 -4.61
CA HIS A 279 -8.74 -15.52 -4.33
C HIS A 279 -8.26 -15.15 -2.94
N ASP A 280 -9.17 -15.32 -1.99
CA ASP A 280 -8.89 -14.95 -0.62
C ASP A 280 -7.78 -15.81 -0.02
N ALA A 281 -7.59 -17.07 -0.49
CA ALA A 281 -6.47 -17.88 -0.01
C ALA A 281 -5.13 -17.26 -0.38
N ILE A 282 -5.06 -16.63 -1.56
CA ILE A 282 -3.83 -15.95 -1.96
C ILE A 282 -3.60 -14.72 -1.09
N VAL A 283 -4.67 -13.96 -0.81
CA VAL A 283 -4.56 -12.82 0.12
C VAL A 283 -4.09 -13.29 1.48
N GLU A 284 -4.70 -14.38 1.99
CA GLU A 284 -4.37 -14.92 3.31
C GLU A 284 -2.92 -15.35 3.39
N SER A 285 -2.49 -16.21 2.45
CA SER A 285 -1.12 -16.69 2.45
C SER A 285 -0.13 -15.57 2.17
N HIS A 286 -0.45 -14.63 1.26
CA HIS A 286 0.49 -13.56 1.01
C HIS A 286 0.65 -12.66 2.23
N GLY A 287 -0.42 -12.48 3.01
CA GLY A 287 -0.26 -11.70 4.23
C GLY A 287 0.77 -12.31 5.15
N ALA A 288 0.85 -13.65 5.18
CA ALA A 288 1.86 -14.31 6.00
C ALA A 288 3.26 -14.18 5.40
N LEU A 289 3.39 -14.24 4.07
CA LEU A 289 4.68 -13.94 3.46
C LEU A 289 5.13 -12.52 3.79
N LYS A 290 4.18 -11.58 3.75
CA LYS A 290 4.50 -10.20 4.07
C LYS A 290 4.87 -10.04 5.55
N GLN A 291 4.22 -10.80 6.45
CA GLN A 291 4.61 -10.80 7.86
C GLN A 291 6.05 -11.26 8.01
N LEU A 292 6.45 -12.32 7.30
CA LEU A 292 7.83 -12.74 7.33
C LEU A 292 8.76 -11.66 6.77
N ALA A 293 8.38 -11.00 5.67
CA ALA A 293 9.19 -9.93 5.11
C ALA A 293 9.36 -8.78 6.08
N VAL A 294 8.32 -8.47 6.86
CA VAL A 294 8.41 -7.41 7.86
C VAL A 294 9.44 -7.75 8.93
N SER A 295 9.42 -9.01 9.40
CA SER A 295 10.39 -9.46 10.39
C SER A 295 11.80 -9.49 9.80
N LEU A 296 11.92 -10.06 8.60
CA LEU A 296 13.23 -10.16 7.95
C LEU A 296 13.85 -8.79 7.73
N PHE A 297 13.05 -7.78 7.37
CA PHE A 297 13.60 -6.45 7.20
C PHE A 297 14.26 -5.99 8.49
N LYS A 298 13.54 -6.12 9.61
CA LYS A 298 14.05 -5.64 10.88
C LYS A 298 15.32 -6.39 11.27
N ILE A 299 15.32 -7.72 11.09
CA ILE A 299 16.51 -8.52 11.38
C ILE A 299 17.70 -8.05 10.56
N ALA A 300 17.51 -7.91 9.24
CA ALA A 300 18.61 -7.49 8.37
C ALA A 300 19.08 -6.08 8.72
N GLN A 301 18.14 -5.20 9.08
CA GLN A 301 18.49 -3.82 9.42
C GLN A 301 19.34 -3.79 10.70
N ASP A 302 18.91 -4.51 11.74
CA ASP A 302 19.71 -4.58 12.96
C ASP A 302 21.09 -5.13 12.68
N ILE A 303 21.19 -6.20 11.89
CA ILE A 303 22.50 -6.80 11.71
C ILE A 303 23.46 -5.85 11.00
N ARG A 304 22.97 -5.12 9.99
CA ARG A 304 23.89 -4.16 9.34
C ARG A 304 24.21 -2.97 10.24
N MET A 305 23.27 -2.54 11.08
CA MET A 305 23.61 -1.48 12.04
CA MET A 305 23.58 -1.49 12.06
C MET A 305 24.65 -1.96 13.04
N LEU A 306 24.48 -3.17 13.58
CA LEU A 306 25.43 -3.71 14.56
C LEU A 306 26.82 -3.89 13.97
N ALA A 307 26.90 -4.18 12.67
CA ALA A 307 28.18 -4.38 11.98
C ALA A 307 28.76 -3.09 11.44
N SER A 308 28.09 -1.95 11.62
CA SER A 308 28.48 -0.74 10.92
C SER A 308 29.79 -0.18 11.46
N GLY A 309 30.54 0.48 10.58
CA GLY A 309 31.79 1.10 10.93
C GLY A 309 32.78 0.98 9.80
N PRO A 310 33.96 0.41 10.06
CA PRO A 310 34.36 -0.32 11.27
C PRO A 310 34.87 0.52 12.43
N ARG A 311 34.96 1.84 12.25
CA ARG A 311 35.53 2.67 13.31
C ARG A 311 34.56 3.71 13.84
N SER A 312 33.69 4.27 13.00
CA SER A 312 32.88 5.42 13.37
C SER A 312 31.39 5.09 13.30
N GLY A 313 31.06 3.83 13.54
CA GLY A 313 29.69 3.35 13.68
C GLY A 313 29.51 2.62 14.99
N ILE A 314 28.81 1.48 14.93
CA ILE A 314 28.49 0.69 16.12
C ILE A 314 29.57 -0.37 16.35
N GLY A 315 29.79 -1.24 15.36
CA GLY A 315 30.94 -2.12 15.42
C GLY A 315 30.89 -3.27 16.40
N GLU A 316 29.70 -3.66 16.86
CA GLU A 316 29.58 -4.73 17.86
C GLU A 316 29.77 -6.12 17.28
N ILE A 317 29.51 -6.33 15.98
CA ILE A 317 29.67 -7.63 15.36
C ILE A 317 30.49 -7.49 14.09
N HIS A 318 31.09 -8.61 13.68
CA HIS A 318 31.71 -8.78 12.39
C HIS A 318 30.78 -9.62 11.52
N ILE A 319 30.70 -9.29 10.24
CA ILE A 319 29.97 -10.12 9.28
C ILE A 319 30.93 -10.50 8.16
N PRO A 320 30.62 -11.55 7.41
CA PRO A 320 31.48 -11.93 6.28
C PRO A 320 31.62 -10.79 5.29
N GLU A 321 32.83 -10.63 4.78
CA GLU A 321 33.19 -9.59 3.82
C GLU A 321 33.40 -10.30 2.48
N ASN A 322 32.44 -10.16 1.56
CA ASN A 322 32.38 -11.05 0.42
C ASN A 322 32.89 -10.44 -0.88
N GLU A 323 32.98 -9.12 -0.97
CA GLU A 323 33.39 -8.48 -2.22
C GLU A 323 33.81 -7.05 -1.91
N PRO A 324 34.62 -6.44 -2.77
CA PRO A 324 34.89 -5.00 -2.61
C PRO A 324 33.60 -4.18 -2.65
N GLY A 325 33.51 -3.20 -1.76
CA GLY A 325 32.33 -2.37 -1.68
C GLY A 325 32.34 -1.14 -2.56
N SER A 326 33.53 -0.72 -3.01
CA SER A 326 33.69 0.57 -3.66
C SER A 326 34.99 0.56 -4.47
N SER A 327 34.96 1.19 -5.64
CA SER A 327 36.19 1.40 -6.39
C SER A 327 36.90 2.67 -5.98
N ILE A 328 36.16 3.68 -5.53
CA ILE A 328 36.75 4.96 -5.16
C ILE A 328 37.28 4.93 -3.72
N MET A 329 36.61 4.21 -2.82
CA MET A 329 37.03 4.09 -1.43
C MET A 329 37.70 2.74 -1.23
N PRO A 330 39.04 2.68 -1.20
CA PRO A 330 39.74 1.40 -1.30
C PRO A 330 39.69 0.62 0.02
N GLY A 331 39.34 -0.66 -0.08
CA GLY A 331 39.20 -1.51 1.09
C GLY A 331 37.85 -1.46 1.77
N LYS A 332 36.95 -0.58 1.35
CA LYS A 332 35.64 -0.54 1.97
C LYS A 332 34.85 -1.79 1.58
N VAL A 333 34.14 -2.38 2.55
CA VAL A 333 33.29 -3.54 2.32
C VAL A 333 31.94 -3.27 2.96
N ASN A 334 30.88 -3.54 2.24
CA ASN A 334 29.53 -3.16 2.65
C ASN A 334 28.69 -4.39 2.97
N PRO A 335 27.65 -4.22 3.80
CA PRO A 335 26.74 -5.33 4.18
C PRO A 335 25.75 -5.62 3.06
N THR A 336 26.27 -6.10 1.93
CA THR A 336 25.49 -6.18 0.71
C THR A 336 24.41 -7.27 0.77
N GLN A 337 24.64 -8.35 1.53
CA GLN A 337 23.57 -9.34 1.71
C GLN A 337 22.38 -8.74 2.45
N ASN A 338 22.66 -7.91 3.46
CA ASN A 338 21.59 -7.22 4.17
C ASN A 338 20.81 -6.31 3.23
N GLU A 339 21.51 -5.65 2.32
CA GLU A 339 20.87 -4.75 1.37
C GLU A 339 19.96 -5.52 0.43
N ALA A 340 20.44 -6.64 -0.12
CA ALA A 340 19.60 -7.45 -0.99
C ALA A 340 18.34 -7.90 -0.26
N MET A 341 18.48 -8.34 1.00
CA MET A 341 17.33 -8.77 1.79
C MET A 341 16.34 -7.63 1.98
N THR A 342 16.83 -6.45 2.41
CA THR A 342 15.89 -5.34 2.65
C THR A 342 15.18 -4.92 1.38
N MET A 343 15.85 -4.99 0.21
CA MET A 343 15.18 -4.67 -1.05
C MET A 343 14.09 -5.69 -1.38
N VAL A 344 14.37 -6.98 -1.18
CA VAL A 344 13.35 -8.01 -1.38
C VAL A 344 12.15 -7.75 -0.47
N CYS A 345 12.42 -7.38 0.79
CA CYS A 345 11.31 -7.13 1.69
C CYS A 345 10.46 -5.95 1.22
N ALA A 346 11.10 -4.88 0.73
CA ALA A 346 10.35 -3.76 0.16
C ALA A 346 9.46 -4.22 -1.00
N GLN A 347 9.98 -5.13 -1.83
CA GLN A 347 9.20 -5.66 -2.94
C GLN A 347 7.96 -6.40 -2.43
N VAL A 348 8.13 -7.23 -1.39
CA VAL A 348 7.01 -8.02 -0.87
C VAL A 348 5.90 -7.11 -0.34
N LEU A 349 6.26 -6.00 0.34
CA LEU A 349 5.27 -5.07 0.85
CA LEU A 349 5.23 -5.13 0.87
C LEU A 349 4.37 -4.54 -0.25
N GLY A 350 4.97 -4.16 -1.38
CA GLY A 350 4.17 -3.65 -2.50
C GLY A 350 3.41 -4.76 -3.20
N ASN A 351 4.00 -5.96 -3.31
CA ASN A 351 3.24 -7.08 -3.83
C ASN A 351 1.97 -7.31 -3.02
N ASP A 352 2.03 -7.08 -1.70
CA ASP A 352 0.84 -7.25 -0.88
C ASP A 352 -0.24 -6.22 -1.22
N THR A 353 0.16 -4.98 -1.53
CA THR A 353 -0.81 -3.99 -1.99
C THR A 353 -1.51 -4.46 -3.26
N THR A 354 -0.73 -4.93 -4.24
CA THR A 354 -1.32 -5.39 -5.51
C THR A 354 -2.28 -6.55 -5.29
N ILE A 355 -1.85 -7.56 -4.51
CA ILE A 355 -2.69 -8.73 -4.29
C ILE A 355 -3.97 -8.35 -3.57
N SER A 356 -3.87 -7.48 -2.58
CA SER A 356 -5.06 -7.07 -1.83
C SER A 356 -6.03 -6.31 -2.71
N PHE A 357 -5.52 -5.35 -3.50
CA PHE A 357 -6.36 -4.64 -4.46
C PHE A 357 -7.06 -5.61 -5.40
N ALA A 358 -6.29 -6.46 -6.06
CA ALA A 358 -6.88 -7.40 -7.03
C ALA A 358 -7.90 -8.31 -6.34
N GLY A 359 -7.63 -8.70 -5.09
CA GLY A 359 -8.53 -9.60 -4.38
C GLY A 359 -9.89 -8.99 -4.12
N THR A 360 -9.99 -7.66 -4.04
CA THR A 360 -11.28 -7.01 -3.83
C THR A 360 -12.14 -7.00 -5.08
N GLN A 361 -11.56 -7.23 -6.26
CA GLN A 361 -12.16 -6.80 -7.51
C GLN A 361 -12.88 -7.90 -8.28
N GLY A 362 -13.15 -9.05 -7.67
CA GLY A 362 -13.99 -10.04 -8.33
C GLY A 362 -15.39 -9.50 -8.55
N ASN A 363 -16.02 -9.92 -9.64
CA ASN A 363 -17.40 -9.52 -9.90
C ASN A 363 -18.23 -10.77 -10.18
N TYR A 364 -19.33 -10.91 -9.46
CA TYR A 364 -20.23 -12.03 -9.68
C TYR A 364 -19.48 -13.35 -9.60
N GLU A 365 -19.52 -14.16 -10.64
CA GLU A 365 -19.03 -15.54 -10.52
C GLU A 365 -17.52 -15.68 -10.69
N LEU A 366 -16.78 -14.63 -11.07
CA LEU A 366 -15.37 -14.83 -11.41
C LEU A 366 -14.52 -13.62 -11.04
N ASN A 367 -13.41 -13.85 -10.37
CA ASN A 367 -12.38 -12.84 -10.23
C ASN A 367 -11.49 -12.94 -11.46
N VAL A 368 -11.38 -11.83 -12.21
CA VAL A 368 -10.55 -11.84 -13.42
C VAL A 368 -9.30 -10.99 -13.22
N PHE A 369 -8.62 -11.24 -12.10
CA PHE A 369 -7.29 -10.69 -11.81
C PHE A 369 -6.33 -11.82 -11.49
N LYS A 370 -6.59 -13.02 -12.03
CA LYS A 370 -5.84 -14.19 -11.55
C LYS A 370 -4.37 -14.13 -11.89
N PRO A 371 -3.95 -13.83 -13.13
CA PRO A 371 -2.51 -13.83 -13.40
C PRO A 371 -1.71 -12.85 -12.57
N VAL A 372 -2.20 -11.62 -12.37
CA VAL A 372 -1.42 -10.66 -11.58
C VAL A 372 -1.30 -11.15 -10.14
N MET A 373 -2.35 -11.77 -9.59
CA MET A 373 -2.24 -12.31 -8.23
C MET A 373 -1.22 -13.46 -8.17
N ALA A 374 -1.25 -14.34 -9.16
CA ALA A 374 -0.33 -15.47 -9.17
C ALA A 374 1.11 -15.01 -9.30
N TYR A 375 1.36 -14.06 -10.21
CA TYR A 375 2.71 -13.56 -10.46
C TYR A 375 3.28 -12.89 -9.21
N ASN A 376 2.49 -12.02 -8.57
CA ASN A 376 2.98 -11.37 -7.36
C ASN A 376 3.22 -12.38 -6.24
N PHE A 377 2.32 -13.36 -6.08
CA PHE A 377 2.50 -14.33 -5.00
C PHE A 377 3.77 -15.14 -5.21
N LEU A 378 3.96 -15.66 -6.43
CA LEU A 378 5.12 -16.49 -6.70
C LEU A 378 6.41 -15.68 -6.59
N GLN A 379 6.37 -14.40 -7.01
CA GLN A 379 7.57 -13.58 -6.86
C GLN A 379 7.95 -13.42 -5.40
N SER A 380 6.98 -13.08 -4.55
CA SER A 380 7.30 -12.93 -3.13
C SER A 380 7.85 -14.23 -2.55
N ALA A 381 7.16 -15.35 -2.83
CA ALA A 381 7.58 -16.63 -2.24
C ALA A 381 8.98 -17.00 -2.71
N GLN A 382 9.27 -16.77 -4.00
CA GLN A 382 10.58 -17.11 -4.54
C GLN A 382 11.66 -16.18 -3.99
N LEU A 383 11.42 -14.86 -4.01
CA LEU A 383 12.46 -13.94 -3.56
C LEU A 383 12.75 -14.10 -2.08
N ILE A 384 11.73 -14.34 -1.26
CA ILE A 384 11.98 -14.60 0.16
C ILE A 384 12.84 -15.85 0.32
N ALA A 385 12.50 -16.93 -0.40
CA ALA A 385 13.29 -18.15 -0.31
C ALA A 385 14.74 -17.88 -0.69
N ASP A 386 14.94 -17.28 -1.87
CA ASP A 386 16.30 -17.07 -2.38
C ASP A 386 17.11 -16.15 -1.49
N ALA A 387 16.49 -15.06 -1.01
CA ALA A 387 17.19 -14.12 -0.15
C ALA A 387 17.53 -14.77 1.18
N CYS A 388 16.64 -15.61 1.73
CA CYS A 388 16.97 -16.28 2.98
C CYS A 388 18.13 -17.26 2.80
N ILE A 389 18.18 -17.97 1.67
CA ILE A 389 19.32 -18.84 1.42
C ILE A 389 20.61 -18.03 1.34
N SER A 390 20.58 -16.95 0.53
CA SER A 390 21.78 -16.16 0.31
C SER A 390 22.22 -15.48 1.60
N PHE A 391 21.28 -14.87 2.31
CA PHE A 391 21.61 -14.18 3.56
C PHE A 391 22.15 -15.17 4.59
N ASN A 392 21.56 -16.37 4.67
CA ASN A 392 22.09 -17.38 5.57
C ASN A 392 23.53 -17.71 5.21
N ASP A 393 23.76 -18.07 3.93
CA ASP A 393 25.06 -18.66 3.56
C ASP A 393 26.15 -17.61 3.52
N HIS A 394 25.81 -16.37 3.19
CA HIS A 394 26.80 -15.31 2.94
C HIS A 394 26.81 -14.24 4.01
N CYS A 395 26.00 -14.39 5.07
CA CYS A 395 26.06 -13.44 6.17
C CYS A 395 25.86 -14.17 7.51
N ALA A 396 24.67 -14.74 7.74
CA ALA A 396 24.30 -15.18 9.09
C ALA A 396 25.27 -16.23 9.66
N VAL A 397 25.67 -17.21 8.83
CA VAL A 397 26.53 -18.28 9.35
C VAL A 397 27.86 -17.74 9.87
N GLY A 398 28.30 -16.58 9.38
CA GLY A 398 29.58 -16.01 9.72
C GLY A 398 29.55 -14.86 10.70
N ILE A 399 28.40 -14.57 11.32
CA ILE A 399 28.36 -13.47 12.29
C ILE A 399 29.21 -13.82 13.50
N GLU A 400 30.07 -12.89 13.93
CA GLU A 400 30.87 -13.09 15.13
C GLU A 400 30.87 -11.82 15.96
N PRO A 401 30.98 -11.94 17.28
CA PRO A 401 31.02 -10.74 18.12
C PRO A 401 32.37 -10.07 18.05
N ASN A 402 32.35 -8.75 18.21
CA ASN A 402 33.57 -8.01 18.49
C ASN A 402 33.58 -7.81 19.99
N GLU A 403 34.16 -8.78 20.70
CA GLU A 403 34.03 -8.75 22.16
C GLU A 403 34.70 -7.54 22.80
N PRO A 404 35.88 -7.08 22.34
CA PRO A 404 36.44 -5.87 22.96
C PRO A 404 35.58 -4.64 22.76
N ARG A 405 34.97 -4.48 21.58
CA ARG A 405 34.12 -3.30 21.35
C ARG A 405 32.87 -3.38 22.22
N ILE A 406 32.24 -4.55 22.29
CA ILE A 406 31.06 -4.72 23.12
C ILE A 406 31.39 -4.39 24.57
N LYS A 407 32.53 -4.89 25.05
CA LYS A 407 32.92 -4.67 26.43
CA LYS A 407 32.91 -4.66 26.44
C LYS A 407 33.21 -3.19 26.70
N GLU A 408 33.88 -2.52 25.76
CA GLU A 408 34.13 -1.08 25.88
C GLU A 408 32.81 -0.32 26.08
N LEU A 409 31.81 -0.65 25.25
CA LEU A 409 30.53 0.04 25.36
C LEU A 409 29.87 -0.23 26.72
N VAL A 410 29.94 -1.46 27.21
CA VAL A 410 29.37 -1.75 28.53
C VAL A 410 30.10 -0.97 29.61
N ASP A 411 31.43 -1.00 29.59
CA ASP A 411 32.20 -0.37 30.66
C ASP A 411 32.04 1.14 30.69
N LYS A 412 31.83 1.76 29.53
CA LYS A 412 31.69 3.21 29.45
C LYS A 412 30.25 3.68 29.60
N SER A 413 29.29 2.77 29.68
CA SER A 413 27.91 3.22 29.75
C SER A 413 27.60 3.89 31.08
N LEU A 414 26.74 4.91 31.04
CA LEU A 414 26.19 5.47 32.27
C LEU A 414 24.97 4.70 32.76
N MET A 415 24.46 3.77 31.95
CA MET A 415 23.19 3.13 32.24
C MET A 415 23.27 2.02 33.30
N LEU A 416 24.46 1.61 33.72
CA LEU A 416 24.56 0.58 34.75
C LEU A 416 24.50 1.15 36.16
N VAL A 417 24.38 2.48 36.30
CA VAL A 417 24.58 3.12 37.61
C VAL A 417 23.52 2.69 38.61
N THR A 418 22.32 2.34 38.14
CA THR A 418 21.24 1.97 39.04
C THR A 418 21.50 0.68 39.81
N ALA A 419 22.51 -0.10 39.41
CA ALA A 419 22.93 -1.23 40.23
C ALA A 419 23.43 -0.78 41.60
N LEU A 420 23.77 0.50 41.76
CA LEU A 420 24.31 1.01 43.00
C LEU A 420 23.25 1.48 43.99
N ASN A 421 22.00 1.68 43.53
CA ASN A 421 20.99 2.34 44.37
C ASN A 421 20.79 1.61 45.69
N THR A 422 20.63 0.28 45.65
CA THR A 422 20.32 -0.43 46.88
C THR A 422 21.50 -0.45 47.84
N HIS A 423 22.71 -0.12 47.36
CA HIS A 423 23.90 -0.19 48.18
C HIS A 423 24.34 1.17 48.73
N ILE A 424 24.25 2.23 47.94
CA ILE A 424 24.69 3.55 48.36
C ILE A 424 23.60 4.61 48.28
N GLY A 425 22.42 4.26 47.80
CA GLY A 425 21.33 5.21 47.74
C GLY A 425 21.27 5.95 46.41
N TYR A 426 20.07 6.43 46.09
CA TYR A 426 19.82 7.10 44.82
C TYR A 426 20.71 8.32 44.65
N GLU A 427 20.83 9.15 45.70
CA GLU A 427 21.53 10.42 45.55
C GLU A 427 23.01 10.21 45.23
N ASN A 428 23.66 9.28 45.93
CA ASN A 428 25.06 9.01 45.65
C ASN A 428 25.25 8.39 44.26
N ALA A 429 24.35 7.49 43.87
CA ALA A 429 24.40 6.92 42.53
C ALA A 429 24.30 8.01 41.48
N ALA A 430 23.33 8.93 41.66
CA ALA A 430 23.16 10.02 40.71
C ALA A 430 24.40 10.92 40.68
N LYS A 431 25.01 11.15 41.84
CA LYS A 431 26.22 11.97 41.86
C LYS A 431 27.33 11.34 41.03
N ILE A 432 27.47 10.03 41.11
CA ILE A 432 28.49 9.34 40.32
C ILE A 432 28.19 9.48 38.83
N ALA A 433 26.95 9.26 38.43
CA ALA A 433 26.61 9.37 37.01
C ALA A 433 26.79 10.79 36.49
N LYS A 434 26.36 11.78 37.27
CA LYS A 434 26.49 13.17 36.85
C LYS A 434 27.95 13.55 36.70
N THR A 435 28.80 13.08 37.62
CA THR A 435 30.22 13.44 37.55
C THR A 435 30.89 12.75 36.36
N ALA A 436 30.58 11.47 36.14
CA ALA A 436 31.10 10.76 34.96
C ALA A 436 30.68 11.44 33.66
N HIS A 437 29.41 11.83 33.59
CA HIS A 437 28.93 12.51 32.38
C HIS A 437 29.64 13.84 32.16
N LYS A 438 29.81 14.62 33.22
CA LYS A 438 30.48 15.91 33.09
C LYS A 438 31.94 15.74 32.67
N ASN A 439 32.60 14.71 33.19
CA ASN A 439 34.05 14.56 33.02
C ASN A 439 34.44 13.68 31.85
N GLY A 440 33.50 12.98 31.23
CA GLY A 440 33.87 12.03 30.19
C GLY A 440 34.48 10.75 30.71
N THR A 441 34.29 10.45 32.00
CA THR A 441 34.90 9.30 32.64
C THR A 441 33.87 8.19 32.82
N THR A 442 34.31 7.06 33.36
CA THR A 442 33.43 5.93 33.62
C THR A 442 32.79 6.04 35.00
N LEU A 443 31.69 5.29 35.17
CA LEU A 443 31.07 5.17 36.49
C LEU A 443 32.06 4.66 37.52
N LYS A 444 32.85 3.64 37.18
CA LYS A 444 33.78 3.09 38.16
C LYS A 444 34.79 4.15 38.58
N GLU A 445 35.36 4.88 37.61
CA GLU A 445 36.35 5.91 37.92
CA GLU A 445 36.36 5.88 37.96
C GLU A 445 35.80 6.92 38.91
N GLU A 446 34.57 7.38 38.68
CA GLU A 446 34.04 8.40 39.59
C GLU A 446 33.57 7.82 40.92
N ALA A 447 33.02 6.60 40.93
CA ALA A 447 32.66 5.98 42.20
C ALA A 447 33.88 5.90 43.12
N ILE A 448 35.03 5.52 42.56
CA ILE A 448 36.27 5.42 43.34
C ILE A 448 36.76 6.81 43.73
N ASN A 449 36.84 7.71 42.74
CA ASN A 449 37.54 8.95 42.99
C ASN A 449 36.72 9.97 43.78
N LEU A 450 35.40 9.80 43.84
CA LEU A 450 34.58 10.56 44.77
C LEU A 450 34.62 9.95 46.18
N GLY A 451 35.32 8.83 46.38
CA GLY A 451 35.40 8.22 47.69
C GLY A 451 34.12 7.54 48.12
N LEU A 452 33.27 7.16 47.18
CA LEU A 452 31.98 6.58 47.52
C LEU A 452 31.98 5.06 47.49
N VAL A 453 32.79 4.44 46.63
CA VAL A 453 32.85 2.97 46.48
C VAL A 453 34.30 2.59 46.21
N THR A 454 34.77 1.52 46.86
CA THR A 454 36.08 1.02 46.49
C THR A 454 35.99 0.27 45.16
N ALA A 455 37.15 0.10 44.52
CA ALA A 455 37.19 -0.65 43.26
C ALA A 455 36.63 -2.06 43.43
N GLU A 456 37.01 -2.73 44.52
CA GLU A 456 36.57 -4.11 44.72
C GLU A 456 35.07 -4.18 45.00
N GLN A 457 34.56 -3.25 45.81
CA GLN A 457 33.13 -3.23 46.07
CA GLN A 457 33.13 -3.18 46.08
C GLN A 457 32.34 -2.89 44.81
N PHE A 458 32.86 -1.97 43.99
CA PHE A 458 32.18 -1.63 42.75
C PHE A 458 32.05 -2.86 41.87
N ASP A 459 33.15 -3.61 41.70
CA ASP A 459 33.12 -4.81 40.86
C ASP A 459 32.13 -5.85 41.39
N GLU A 460 31.95 -5.91 42.71
CA GLU A 460 31.02 -6.86 43.31
C GLU A 460 29.58 -6.42 43.11
N TRP A 461 29.30 -5.11 43.18
CA TRP A 461 27.94 -4.60 43.14
C TRP A 461 27.45 -4.36 41.73
N VAL A 462 28.34 -4.08 40.79
CA VAL A 462 27.97 -3.74 39.42
C VAL A 462 28.49 -4.84 38.52
N LYS A 463 27.71 -5.92 38.39
CA LYS A 463 28.09 -7.06 37.56
CA LYS A 463 28.08 -7.06 37.57
C LYS A 463 27.13 -7.11 36.38
N PRO A 464 27.58 -6.75 35.17
CA PRO A 464 26.66 -6.72 34.02
C PRO A 464 25.97 -8.05 33.80
N GLU A 465 26.65 -9.16 34.09
CA GLU A 465 26.05 -10.47 33.89
C GLU A 465 24.91 -10.75 34.86
N ASP A 466 24.79 -9.97 35.93
CA ASP A 466 23.68 -10.08 36.88
C ASP A 466 22.55 -9.12 36.54
N MET A 467 22.66 -8.40 35.44
CA MET A 467 21.70 -7.35 35.10
C MET A 467 20.88 -7.71 33.87
N VAL A 468 20.82 -8.98 33.51
CA VAL A 468 20.16 -9.40 32.27
C VAL A 468 19.03 -10.39 32.57
N GLY A 469 18.46 -10.30 33.77
CA GLY A 469 17.31 -11.09 34.17
C GLY A 469 16.58 -10.46 35.35
N SER A 470 15.45 -11.07 35.71
CA SER A 470 14.65 -10.60 36.83
CA SER A 470 14.65 -10.60 36.83
CA SER A 470 14.63 -10.62 36.83
C SER A 470 15.34 -10.82 38.17
N HIS B 8 -12.25 32.30 32.51
CA HIS B 8 -12.80 31.36 33.49
C HIS B 8 -11.76 30.35 33.98
N MET B 9 -10.89 29.90 33.07
CA MET B 9 -9.94 28.83 33.37
C MET B 9 -9.09 29.11 34.61
N ILE B 10 -9.29 28.31 35.65
CA ILE B 10 -8.51 28.36 36.89
C ILE B 10 -7.48 27.25 36.85
N TYR B 11 -6.27 27.53 37.32
CA TYR B 11 -5.18 26.59 37.31
C TYR B 11 -4.63 26.39 38.71
N ARG B 12 -4.05 25.22 38.95
CA ARG B 12 -3.11 25.07 40.05
C ARG B 12 -1.70 25.12 39.47
N THR B 13 -0.72 25.39 40.33
CA THR B 13 0.66 25.47 39.88
C THR B 13 1.41 24.26 40.40
N GLU B 14 1.91 23.43 39.48
CA GLU B 14 2.82 22.35 39.80
CA GLU B 14 2.83 22.36 39.82
C GLU B 14 4.25 22.78 39.47
N HIS B 15 5.21 21.94 39.86
CA HIS B 15 6.60 22.34 39.68
C HIS B 15 7.48 21.13 39.39
N ASP B 16 8.41 21.31 38.47
CA ASP B 16 9.47 20.34 38.18
C ASP B 16 10.73 21.11 37.82
N THR B 17 11.75 20.42 37.30
CA THR B 17 13.00 21.11 36.97
C THR B 17 12.91 22.00 35.73
N MET B 18 11.83 21.97 34.98
CA MET B 18 11.59 22.97 33.94
CA MET B 18 11.58 22.96 33.95
C MET B 18 10.89 24.20 34.50
N GLY B 19 10.65 24.26 35.81
CA GLY B 19 9.99 25.36 36.43
C GLY B 19 8.53 25.06 36.74
N GLU B 20 7.80 26.14 36.98
CA GLU B 20 6.37 26.03 37.23
C GLU B 20 5.63 25.60 35.97
N VAL B 21 4.53 24.90 36.16
CA VAL B 21 3.62 24.58 35.07
C VAL B 21 2.20 24.62 35.60
N LYS B 22 1.35 25.39 34.91
CA LYS B 22 -0.04 25.52 35.28
C LYS B 22 -0.82 24.31 34.78
N VAL B 23 -1.60 23.70 35.67
CA VAL B 23 -2.42 22.54 35.35
C VAL B 23 -3.85 22.94 35.65
N PRO B 24 -4.82 22.68 34.76
CA PRO B 24 -6.21 22.99 35.07
C PRO B 24 -6.61 22.48 36.45
N VAL B 25 -7.20 23.36 37.26
CA VAL B 25 -7.26 23.17 38.70
C VAL B 25 -8.03 21.90 39.07
N ASP B 26 -9.01 21.52 38.26
CA ASP B 26 -9.86 20.38 38.58
CA ASP B 26 -9.90 20.39 38.53
C ASP B 26 -9.45 19.08 37.89
N LYS B 27 -8.39 19.10 37.10
CA LYS B 27 -8.01 17.92 36.33
CA LYS B 27 -8.00 17.93 36.33
C LYS B 27 -7.04 17.05 37.13
N PHE B 28 -7.15 15.73 36.91
CA PHE B 28 -6.42 14.74 37.68
C PHE B 28 -5.08 14.36 37.08
N TRP B 29 -4.77 14.79 35.86
CA TRP B 29 -3.42 14.61 35.37
C TRP B 29 -2.49 15.57 36.09
N GLY B 30 -1.19 15.41 35.85
CA GLY B 30 -0.20 16.23 36.51
C GLY B 30 0.73 16.98 35.57
N ALA B 31 1.83 17.47 36.13
CA ALA B 31 2.77 18.31 35.39
C ALA B 31 3.27 17.63 34.12
N GLN B 32 3.55 16.32 34.19
CA GLN B 32 4.15 15.69 33.02
C GLN B 32 3.16 15.57 31.88
N THR B 33 1.91 15.23 32.20
CA THR B 33 0.89 15.17 31.16
C THR B 33 0.64 16.56 30.58
N GLU B 34 0.61 17.58 31.44
CA GLU B 34 0.38 18.92 30.95
C GLU B 34 1.46 19.36 29.98
N ARG B 35 2.73 19.15 30.34
CA ARG B 35 3.80 19.50 29.40
C ARG B 35 3.69 18.71 28.11
N SER B 36 3.25 17.45 28.19
CA SER B 36 3.13 16.61 27.01
C SER B 36 2.04 17.09 26.05
N ARG B 37 0.99 17.75 26.56
CA ARG B 37 0.00 18.36 25.67
C ARG B 37 0.66 19.33 24.71
N ASN B 38 1.54 20.17 25.23
CA ASN B 38 2.21 21.20 24.44
CA ASN B 38 2.19 21.19 24.41
C ASN B 38 3.32 20.63 23.57
N ASN B 39 4.00 19.60 24.05
CA ASN B 39 5.08 19.00 23.26
CA ASN B 39 5.08 19.01 23.26
C ASN B 39 4.57 18.26 22.04
N PHE B 40 3.30 17.86 22.05
CA PHE B 40 2.76 17.05 20.96
C PHE B 40 1.39 17.61 20.54
N LYS B 41 1.38 18.84 20.02
CA LYS B 41 0.16 19.45 19.49
C LYS B 41 -0.02 19.00 18.04
N ILE B 42 -0.39 17.73 17.88
CA ILE B 42 -0.38 17.09 16.57
C ILE B 42 -1.74 16.42 16.36
N GLY B 43 -2.56 16.98 15.47
CA GLY B 43 -3.91 16.53 15.28
C GLY B 43 -4.81 16.92 16.45
N PRO B 44 -6.07 16.47 16.42
CA PRO B 44 -7.00 16.86 17.47
C PRO B 44 -6.57 16.35 18.84
N GLU B 45 -6.91 17.12 19.88
CA GLU B 45 -6.55 16.72 21.23
C GLU B 45 -7.20 15.39 21.59
N ALA B 46 -6.53 14.67 22.49
CA ALA B 46 -7.11 13.51 23.15
C ALA B 46 -7.35 12.34 22.19
N SER B 47 -6.57 12.26 21.12
CA SER B 47 -6.81 11.24 20.11
C SER B 47 -6.33 9.85 20.49
N MET B 48 -5.52 9.68 21.54
CA MET B 48 -5.16 8.32 21.91
C MET B 48 -6.43 7.53 22.19
N PRO B 49 -6.62 6.34 21.58
CA PRO B 49 -7.92 5.66 21.70
C PRO B 49 -8.30 5.36 23.15
N HIS B 50 -9.58 5.55 23.46
CA HIS B 50 -10.07 5.20 24.79
C HIS B 50 -9.81 3.74 25.12
N GLU B 51 -9.81 2.86 24.11
CA GLU B 51 -9.56 1.46 24.37
C GLU B 51 -8.14 1.23 24.90
N ILE B 52 -7.20 2.07 24.49
CA ILE B 52 -5.84 1.97 25.03
C ILE B 52 -5.82 2.40 26.48
N ILE B 53 -6.54 3.48 26.82
CA ILE B 53 -6.63 3.92 28.22
C ILE B 53 -7.26 2.84 29.09
N GLU B 54 -8.35 2.22 28.61
CA GLU B 54 -8.99 1.12 29.32
CA GLU B 54 -8.98 1.14 29.35
C GLU B 54 -8.02 -0.02 29.53
N ALA B 55 -7.27 -0.38 28.49
CA ALA B 55 -6.30 -1.45 28.60
C ALA B 55 -5.20 -1.12 29.61
N PHE B 56 -4.74 0.14 29.65
CA PHE B 56 -3.80 0.55 30.69
C PHE B 56 -4.41 0.36 32.07
N ALA B 57 -5.71 0.64 32.25
CA ALA B 57 -6.31 0.43 33.57
C ALA B 57 -6.27 -1.03 33.97
N TYR B 58 -6.54 -1.94 33.03
CA TYR B 58 -6.44 -3.37 33.36
C TYR B 58 -5.02 -3.75 33.77
N LEU B 59 -4.03 -3.29 33.01
CA LEU B 59 -2.66 -3.74 33.30
C LEU B 59 -2.09 -3.09 34.55
N LYS B 60 -2.49 -1.84 34.84
CA LYS B 60 -2.01 -1.21 36.07
C LYS B 60 -2.61 -1.89 37.30
N LYS B 61 -3.90 -2.28 37.21
CA LYS B 61 -4.52 -3.01 38.30
C LYS B 61 -3.82 -4.34 38.50
N ALA B 62 -3.56 -5.06 37.39
CA ALA B 62 -2.89 -6.35 37.48
C ALA B 62 -1.47 -6.20 38.03
N ALA B 63 -0.73 -5.16 37.62
CA ALA B 63 0.63 -4.96 38.14
C ALA B 63 0.59 -4.73 39.64
N ALA B 64 -0.35 -3.92 40.13
CA ALA B 64 -0.46 -3.70 41.57
C ALA B 64 -0.78 -5.00 42.30
N TYR B 65 -1.70 -5.81 41.77
CA TYR B 65 -2.02 -7.10 42.40
C TYR B 65 -0.80 -8.03 42.42
N ALA B 66 -0.09 -8.14 41.29
CA ALA B 66 1.10 -8.99 41.25
C ALA B 66 2.18 -8.49 42.20
N ASN B 67 2.39 -7.17 42.23
CA ASN B 67 3.40 -6.58 43.09
C ASN B 67 3.11 -6.81 44.56
N THR B 68 1.83 -6.73 44.96
CA THR B 68 1.49 -7.03 46.34
C THR B 68 1.68 -8.50 46.66
N ASP B 69 1.27 -9.41 45.78
CA ASP B 69 1.47 -10.83 46.04
C ASP B 69 2.96 -11.13 46.22
N LEU B 70 3.82 -10.47 45.45
CA LEU B 70 5.25 -10.71 45.48
C LEU B 70 5.97 -9.82 46.49
N ARG B 71 5.21 -9.08 47.30
CA ARG B 71 5.70 -8.41 48.50
C ARG B 71 6.59 -7.22 48.19
N VAL B 72 6.35 -6.55 47.06
CA VAL B 72 7.04 -5.30 46.74
C VAL B 72 6.13 -4.08 46.78
N LEU B 73 4.83 -4.24 46.99
CA LEU B 73 3.90 -3.11 47.11
C LEU B 73 2.95 -3.43 48.25
N PRO B 74 2.71 -2.51 49.19
CA PRO B 74 1.75 -2.79 50.27
C PRO B 74 0.33 -2.88 49.72
N SER B 75 -0.46 -3.77 50.33
CA SER B 75 -1.81 -4.02 49.84
CA SER B 75 -1.82 -4.02 49.86
C SER B 75 -2.70 -2.78 49.94
N ASP B 76 -2.46 -1.89 50.91
CA ASP B 76 -3.27 -0.68 50.99
CA ASP B 76 -3.27 -0.68 50.99
C ASP B 76 -3.08 0.18 49.75
N LYS B 77 -1.86 0.24 49.22
CA LYS B 77 -1.61 1.01 47.99
C LYS B 77 -2.16 0.28 46.77
N ARG B 78 -2.08 -1.06 46.76
CA ARG B 78 -2.76 -1.83 45.71
C ARG B 78 -4.23 -1.46 45.66
N ASP B 79 -4.89 -1.39 46.82
CA ASP B 79 -6.32 -1.10 46.84
C ASP B 79 -6.61 0.30 46.31
N MET B 80 -5.76 1.27 46.64
CA MET B 80 -5.94 2.63 46.15
C MET B 80 -5.82 2.68 44.63
N ILE B 81 -4.81 2.00 44.09
CA ILE B 81 -4.59 1.97 42.64
C ILE B 81 -5.75 1.26 41.95
N SER B 82 -6.14 0.10 42.49
CA SER B 82 -7.17 -0.72 41.87
C SER B 82 -8.50 0.03 41.81
N GLN B 83 -8.81 0.80 42.85
CA GLN B 83 -10.05 1.56 42.86
CA GLN B 83 -10.05 1.56 42.86
C GLN B 83 -10.10 2.56 41.71
N VAL B 84 -9.02 3.29 41.47
CA VAL B 84 -9.03 4.22 40.34
C VAL B 84 -9.10 3.47 39.02
N CYS B 85 -8.38 2.36 38.90
CA CYS B 85 -8.47 1.56 37.69
C CYS B 85 -9.90 1.14 37.41
N ASP B 86 -10.65 0.74 38.45
CA ASP B 86 -12.05 0.37 38.28
C ASP B 86 -12.87 1.56 37.79
N GLU B 87 -12.59 2.76 38.30
CA GLU B 87 -13.30 3.95 37.82
C GLU B 87 -13.02 4.20 36.34
N ILE B 88 -11.77 4.04 35.91
CA ILE B 88 -11.45 4.21 34.49
C ILE B 88 -12.19 3.18 33.66
N LEU B 89 -12.19 1.92 34.11
CA LEU B 89 -12.86 0.85 33.39
C LEU B 89 -14.37 1.08 33.32
N GLU B 90 -14.95 1.77 34.30
CA GLU B 90 -16.36 2.14 34.28
C GLU B 90 -16.66 3.30 33.34
N GLY B 91 -15.63 3.88 32.73
CA GLY B 91 -15.81 4.97 31.79
C GLY B 91 -15.98 6.33 32.42
N LYS B 92 -15.55 6.51 33.67
CA LYS B 92 -15.83 7.75 34.40
C LYS B 92 -14.76 8.82 34.24
N LEU B 93 -13.60 8.49 33.67
CA LEU B 93 -12.47 9.41 33.73
C LEU B 93 -11.84 9.68 32.37
N PHE B 94 -12.56 9.50 31.24
CA PHE B 94 -11.90 9.71 29.95
C PHE B 94 -11.48 11.15 29.73
N ASP B 95 -12.16 12.12 30.38
CA ASP B 95 -11.79 13.52 30.29
CA ASP B 95 -11.73 13.50 30.19
C ASP B 95 -10.42 13.81 30.90
N GLN B 96 -9.81 12.82 31.54
CA GLN B 96 -8.53 13.00 32.20
C GLN B 96 -7.36 12.56 31.33
N PHE B 97 -7.61 12.30 30.04
CA PHE B 97 -6.60 11.76 29.11
C PHE B 97 -6.58 12.64 27.88
N PRO B 98 -5.77 13.71 27.89
CA PRO B 98 -5.81 14.71 26.81
C PRO B 98 -4.79 14.49 25.70
N LEU B 99 -4.00 13.43 25.74
CA LEU B 99 -2.84 13.28 24.87
C LEU B 99 -3.18 12.61 23.54
N VAL B 100 -2.36 12.93 22.55
CA VAL B 100 -2.58 12.47 21.17
C VAL B 100 -1.89 11.14 20.92
N ILE B 101 -2.29 10.49 19.82
CA ILE B 101 -1.59 9.33 19.27
C ILE B 101 -0.14 9.66 19.02
N TRP B 102 0.11 10.84 18.43
CA TRP B 102 1.37 11.22 17.81
C TRP B 102 2.32 11.80 18.85
N GLN B 103 2.60 10.97 19.86
CA GLN B 103 3.52 11.26 20.97
C GLN B 103 4.82 10.48 20.77
N THR B 104 5.53 10.15 21.86
CA THR B 104 6.65 9.24 21.66
C THR B 104 6.16 7.90 21.13
N GLY B 105 7.06 7.23 20.42
CA GLY B 105 6.71 5.95 19.82
C GLY B 105 6.65 4.80 20.78
N SER B 106 7.06 5.01 22.03
CA SER B 106 6.86 4.07 23.10
C SER B 106 5.56 4.33 23.87
N GLY B 107 4.81 5.39 23.54
CA GLY B 107 3.63 5.70 24.33
C GLY B 107 3.94 6.11 25.75
N THR B 108 5.15 6.65 25.99
CA THR B 108 5.61 7.00 27.34
C THR B 108 4.67 7.99 28.00
N GLN B 109 4.21 8.96 27.23
CA GLN B 109 3.40 10.03 27.81
C GLN B 109 2.05 9.50 28.29
N SER B 110 1.45 8.56 27.54
CA SER B 110 0.20 7.97 28.02
C SER B 110 0.39 7.09 29.26
N ASN B 111 1.50 6.36 29.34
CA ASN B 111 1.83 5.64 30.57
C ASN B 111 1.89 6.61 31.75
N MET B 112 2.62 7.72 31.58
CA MET B 112 2.72 8.70 32.65
CA MET B 112 2.70 8.68 32.67
C MET B 112 1.35 9.33 32.97
N ASN B 113 0.53 9.53 31.94
CA ASN B 113 -0.80 10.12 32.14
C ASN B 113 -1.64 9.24 33.06
N ILE B 114 -1.66 7.92 32.83
CA ILE B 114 -2.44 7.09 33.74
C ILE B 114 -1.79 7.02 35.13
N ASN B 115 -0.45 7.02 35.19
CA ASN B 115 0.19 7.02 36.51
C ASN B 115 -0.21 8.24 37.32
N GLU B 116 -0.23 9.42 36.67
CA GLU B 116 -0.58 10.66 37.36
C GLU B 116 -2.04 10.68 37.75
N VAL B 117 -2.93 10.25 36.85
CA VAL B 117 -4.36 10.25 37.15
C VAL B 117 -4.66 9.30 38.30
N ILE B 118 -4.07 8.09 38.28
CA ILE B 118 -4.26 7.17 39.40
C ILE B 118 -3.76 7.78 40.69
N SER B 119 -2.55 8.37 40.66
CA SER B 119 -1.99 8.99 41.86
C SER B 119 -2.90 10.07 42.43
N ASN B 120 -3.37 10.99 41.58
CA ASN B 120 -4.13 12.14 42.09
C ASN B 120 -5.54 11.74 42.48
N LYS B 121 -6.20 10.90 41.69
CA LYS B 121 -7.55 10.48 42.04
C LYS B 121 -7.54 9.63 43.31
N ALA B 122 -6.51 8.80 43.48
CA ALA B 122 -6.38 8.05 44.73
C ALA B 122 -6.29 9.00 45.93
N HIS B 123 -5.57 10.10 45.79
CA HIS B 123 -5.45 11.02 46.91
C HIS B 123 -6.80 11.62 47.28
N VAL B 124 -7.58 12.00 46.28
CA VAL B 124 -8.93 12.51 46.53
C VAL B 124 -9.80 11.43 47.13
N ASN B 125 -9.71 10.20 46.61
CA ASN B 125 -10.48 9.11 47.18
C ASN B 125 -10.10 8.85 48.64
N ASN B 126 -8.84 9.13 49.01
CA ASN B 126 -8.38 8.96 50.38
C ASN B 126 -8.81 10.11 51.28
N GLY B 127 -9.52 11.10 50.76
CA GLY B 127 -9.97 12.23 51.55
C GLY B 127 -9.16 13.50 51.41
N GLY B 128 -8.18 13.52 50.50
CA GLY B 128 -7.35 14.69 50.31
C GLY B 128 -7.90 15.64 49.27
N GLN B 129 -7.21 16.76 49.10
CA GLN B 129 -7.57 17.74 48.09
C GLN B 129 -6.66 17.59 46.87
N LEU B 130 -7.28 17.62 45.69
CA LEU B 130 -6.53 17.54 44.45
C LEU B 130 -5.51 18.66 44.38
N GLY B 131 -4.26 18.31 44.10
CA GLY B 131 -3.16 19.25 44.09
C GLY B 131 -2.19 19.06 45.24
N GLU B 132 -2.62 18.40 46.32
CA GLU B 132 -1.72 18.03 47.40
C GLU B 132 -0.92 16.79 47.02
N LYS B 133 0.20 16.60 47.72
CA LYS B 133 1.00 15.39 47.51
C LYS B 133 0.19 14.14 47.82
N SER B 134 0.26 13.15 46.92
CA SER B 134 -0.54 11.93 47.07
C SER B 134 0.18 10.87 47.90
N GLU B 135 -0.62 10.01 48.53
CA GLU B 135 -0.11 8.82 49.19
C GLU B 135 0.50 7.82 48.19
N VAL B 136 0.08 7.89 46.92
CA VAL B 136 0.45 6.94 45.89
C VAL B 136 1.36 7.67 44.92
N HIS B 137 2.62 7.24 44.83
CA HIS B 137 3.56 7.94 43.96
C HIS B 137 3.39 7.47 42.52
N PRO B 138 3.29 8.38 41.53
CA PRO B 138 3.06 7.92 40.14
CA PRO B 138 3.05 7.92 40.15
C PRO B 138 4.11 6.95 39.63
N ASN B 139 5.37 7.22 39.90
CA ASN B 139 6.41 6.33 39.42
C ASN B 139 6.72 5.20 40.39
N ASP B 140 6.94 5.54 41.68
CA ASP B 140 7.44 4.55 42.61
C ASP B 140 6.39 3.48 42.94
N ASP B 141 5.11 3.84 42.92
CA ASP B 141 4.03 2.92 43.26
C ASP B 141 3.25 2.49 42.03
N VAL B 142 2.70 3.43 41.25
CA VAL B 142 1.83 3.03 40.15
C VAL B 142 2.61 2.36 39.04
N ASN B 143 3.86 2.75 38.83
CA ASN B 143 4.73 2.22 37.80
C ASN B 143 5.70 1.17 38.33
N LYS B 144 5.48 0.67 39.55
CA LYS B 144 6.41 -0.29 40.14
C LYS B 144 6.52 -1.53 39.27
N SER B 145 7.76 -1.98 39.04
CA SER B 145 8.08 -3.18 38.26
C SER B 145 7.82 -3.01 36.77
N GLN B 146 7.61 -1.79 36.30
CA GLN B 146 7.22 -1.53 34.91
C GLN B 146 8.13 -0.50 34.25
N SER B 147 8.06 -0.47 32.93
CA SER B 147 8.68 0.52 32.06
CA SER B 147 8.62 0.60 32.14
C SER B 147 7.59 1.03 31.12
N SER B 148 7.73 2.26 30.60
CA SER B 148 6.89 2.64 29.48
CA SER B 148 6.87 2.62 29.50
C SER B 148 7.06 1.66 28.33
N ASN B 149 8.24 1.02 28.25
CA ASN B 149 8.52 0.24 27.07
C ASN B 149 7.67 -1.02 27.01
N ASP B 150 7.39 -1.63 28.18
CA ASP B 150 6.61 -2.87 28.20
C ASP B 150 5.14 -2.65 28.51
N THR B 151 4.78 -1.48 29.06
CA THR B 151 3.38 -1.21 29.37
C THR B 151 2.55 -0.91 28.12
N TYR B 152 3.02 0.03 27.29
CA TYR B 152 2.24 0.36 26.09
C TYR B 152 1.96 -0.84 25.19
N PRO B 153 2.93 -1.69 24.85
CA PRO B 153 2.58 -2.83 23.97
C PRO B 153 1.61 -3.80 24.63
N THR B 154 1.66 -3.90 25.97
CA THR B 154 0.67 -4.70 26.69
C THR B 154 -0.72 -4.10 26.53
N ALA B 155 -0.84 -2.78 26.71
CA ALA B 155 -2.13 -2.13 26.50
C ALA B 155 -2.61 -2.33 25.06
N MET B 156 -1.69 -2.20 24.10
CA MET B 156 -2.07 -2.41 22.70
C MET B 156 -2.64 -3.80 22.46
N HIS B 157 -1.99 -4.84 22.98
CA HIS B 157 -2.50 -6.20 22.79
C HIS B 157 -3.82 -6.41 23.50
N ILE B 158 -3.94 -5.93 24.74
CA ILE B 158 -5.20 -6.08 25.45
C ILE B 158 -6.33 -5.44 24.65
N ALA B 159 -6.12 -4.19 24.19
CA ALA B 159 -7.16 -3.48 23.46
C ALA B 159 -7.47 -4.17 22.14
N ALA B 160 -6.43 -4.59 21.42
CA ALA B 160 -6.63 -5.23 20.12
C ALA B 160 -7.39 -6.54 20.25
N TYR B 161 -6.96 -7.39 21.19
CA TYR B 161 -7.59 -8.70 21.38
C TYR B 161 -9.05 -8.52 21.79
N LYS B 162 -9.29 -7.63 22.77
CA LYS B 162 -10.65 -7.40 23.22
CA LYS B 162 -10.65 -7.33 23.24
C LYS B 162 -11.54 -6.90 22.08
N LYS B 163 -11.05 -5.97 21.26
CA LYS B 163 -11.88 -5.46 20.18
C LYS B 163 -12.23 -6.56 19.18
N VAL B 164 -11.25 -7.38 18.82
CA VAL B 164 -11.48 -8.46 17.85
C VAL B 164 -12.49 -9.48 18.39
N VAL B 165 -12.29 -9.93 19.63
CA VAL B 165 -13.10 -11.04 20.12
C VAL B 165 -14.47 -10.57 20.60
N GLU B 166 -14.56 -9.37 21.17
CA GLU B 166 -15.82 -8.86 21.70
C GLU B 166 -16.64 -8.05 20.71
N HIS B 167 -16.05 -7.63 19.59
CA HIS B 167 -16.75 -6.78 18.62
C HIS B 167 -16.65 -7.28 17.18
N THR B 168 -15.43 -7.38 16.65
CA THR B 168 -15.29 -7.70 15.23
C THR B 168 -15.82 -9.08 14.89
N ILE B 169 -15.37 -10.12 15.61
CA ILE B 169 -15.79 -11.49 15.32
C ILE B 169 -17.30 -11.65 15.47
N PRO B 170 -17.93 -11.22 16.57
CA PRO B 170 -19.40 -11.37 16.66
C PRO B 170 -20.14 -10.70 15.52
N ALA B 171 -19.70 -9.51 15.11
CA ALA B 171 -20.36 -8.79 14.02
C ALA B 171 -20.23 -9.53 12.69
N VAL B 172 -19.04 -10.02 12.38
CA VAL B 172 -18.86 -10.80 11.14
C VAL B 172 -19.68 -12.08 11.19
N GLU B 173 -19.67 -12.76 12.34
CA GLU B 173 -20.43 -14.00 12.50
CA GLU B 173 -20.44 -13.99 12.49
C GLU B 173 -21.92 -13.76 12.24
N THR B 174 -22.47 -12.68 12.80
CA THR B 174 -23.90 -12.40 12.61
C THR B 174 -24.22 -12.17 11.14
N LEU B 175 -23.39 -11.37 10.45
CA LEU B 175 -23.61 -11.14 9.02
C LEU B 175 -23.51 -12.43 8.23
N LYS B 176 -22.51 -13.26 8.55
CA LYS B 176 -22.36 -14.55 7.90
C LYS B 176 -23.60 -15.39 8.08
N ASN B 177 -24.17 -15.41 9.29
CA ASN B 177 -25.38 -16.18 9.56
C ASN B 177 -26.55 -15.70 8.73
N THR B 178 -26.69 -14.38 8.58
CA THR B 178 -27.77 -13.85 7.75
C THR B 178 -27.59 -14.27 6.31
N LEU B 179 -26.38 -14.12 5.77
CA LEU B 179 -26.13 -14.51 4.40
C LEU B 179 -26.35 -16.01 4.19
N LYS B 180 -26.04 -16.83 5.21
CA LYS B 180 -26.28 -18.26 5.11
C LYS B 180 -27.77 -18.58 5.08
N ALA B 181 -28.56 -17.91 5.93
CA ALA B 181 -30.01 -18.09 5.89
C ALA B 181 -30.58 -17.67 4.54
N LYS B 182 -30.07 -16.55 3.98
CA LYS B 182 -30.51 -16.12 2.66
C LYS B 182 -30.13 -17.16 1.60
N SER B 183 -28.90 -17.67 1.68
CA SER B 183 -28.47 -18.67 0.73
CA SER B 183 -28.48 -18.67 0.71
C SER B 183 -29.40 -19.89 0.74
N GLU B 184 -29.81 -20.34 1.93
CA GLU B 184 -30.73 -21.47 2.03
CA GLU B 184 -30.72 -21.47 2.01
C GLU B 184 -32.10 -21.11 1.46
N ALA B 185 -32.58 -19.89 1.77
CA ALA B 185 -33.88 -19.46 1.27
C ALA B 185 -33.90 -19.37 -0.26
N PHE B 186 -32.76 -19.09 -0.88
CA PHE B 186 -32.64 -18.84 -2.31
C PHE B 186 -32.15 -20.05 -3.07
N LYS B 187 -32.09 -21.22 -2.43
CA LYS B 187 -31.40 -22.37 -3.02
C LYS B 187 -32.05 -22.90 -4.30
N ASN B 188 -33.33 -22.60 -4.55
CA ASN B 188 -33.99 -23.11 -5.74
C ASN B 188 -34.27 -22.05 -6.79
N ILE B 189 -33.72 -20.85 -6.64
CA ILE B 189 -33.94 -19.77 -7.60
C ILE B 189 -32.79 -19.78 -8.58
N VAL B 190 -33.04 -20.27 -9.80
CA VAL B 190 -32.00 -20.35 -10.83
C VAL B 190 -31.84 -18.99 -11.50
N LYS B 191 -30.59 -18.53 -11.61
CA LYS B 191 -30.30 -17.25 -12.24
C LYS B 191 -29.15 -17.43 -13.24
N ILE B 192 -28.88 -16.40 -14.03
CA ILE B 192 -27.83 -16.44 -15.04
CA ILE B 192 -27.84 -16.44 -15.05
C ILE B 192 -26.51 -16.02 -14.41
N GLY B 193 -25.46 -16.80 -14.64
CA GLY B 193 -24.14 -16.42 -14.19
C GLY B 193 -23.55 -15.30 -15.01
N ARG B 194 -22.56 -14.62 -14.43
CA ARG B 194 -21.81 -13.57 -15.12
C ARG B 194 -20.34 -13.79 -14.85
N THR B 195 -19.56 -13.91 -15.92
CA THR B 195 -18.11 -14.07 -15.82
C THR B 195 -17.52 -13.04 -16.76
N HIS B 196 -16.49 -12.32 -16.32
CA HIS B 196 -15.94 -11.20 -17.09
C HIS B 196 -16.92 -10.05 -17.21
N LEU B 197 -18.01 -10.05 -16.43
CA LEU B 197 -19.21 -9.19 -16.53
C LEU B 197 -20.15 -9.64 -17.63
N MET B 198 -19.86 -10.75 -18.30
CA MET B 198 -20.55 -11.18 -19.51
C MET B 198 -21.45 -12.38 -19.22
N ASP B 199 -22.42 -12.61 -20.10
CA ASP B 199 -23.40 -13.69 -19.88
C ASP B 199 -22.70 -15.04 -19.74
N ALA B 200 -23.10 -15.82 -18.74
CA ALA B 200 -22.52 -17.14 -18.52
C ALA B 200 -23.62 -18.15 -18.19
N THR B 201 -23.22 -19.38 -17.91
CA THR B 201 -24.15 -20.46 -17.60
C THR B 201 -24.81 -20.27 -16.22
N PRO B 202 -25.88 -21.00 -15.95
CA PRO B 202 -26.68 -20.73 -14.74
C PRO B 202 -26.07 -21.22 -13.44
N LEU B 203 -26.54 -20.62 -12.36
CA LEU B 203 -26.31 -21.09 -11.00
C LEU B 203 -27.49 -20.59 -10.18
N THR B 204 -27.67 -21.12 -8.98
CA THR B 204 -28.77 -20.59 -8.18
C THR B 204 -28.32 -19.34 -7.42
N LEU B 205 -29.31 -18.50 -7.10
CA LEU B 205 -29.02 -17.35 -6.26
C LEU B 205 -28.48 -17.82 -4.91
N GLY B 206 -28.97 -18.96 -4.41
CA GLY B 206 -28.42 -19.51 -3.18
C GLY B 206 -26.97 -19.93 -3.31
N GLN B 207 -26.59 -20.51 -4.46
CA GLN B 207 -25.20 -20.85 -4.67
C GLN B 207 -24.32 -19.61 -4.67
N GLU B 208 -24.76 -18.56 -5.37
CA GLU B 208 -23.99 -17.33 -5.39
C GLU B 208 -23.79 -16.77 -3.97
N PHE B 209 -24.87 -16.76 -3.17
CA PHE B 209 -24.76 -16.28 -1.81
C PHE B 209 -23.91 -17.21 -0.95
N SER B 210 -23.91 -18.52 -1.26
CA SER B 210 -23.08 -19.45 -0.49
C SER B 210 -21.60 -19.13 -0.63
N GLY B 211 -21.20 -18.54 -1.77
CA GLY B 211 -19.83 -18.11 -1.90
C GLY B 211 -19.46 -17.04 -0.88
N TYR B 212 -20.36 -16.06 -0.67
CA TYR B 212 -20.13 -15.00 0.31
C TYR B 212 -19.98 -15.60 1.70
N VAL B 213 -20.85 -16.56 2.03
CA VAL B 213 -20.79 -17.23 3.33
C VAL B 213 -19.43 -17.88 3.52
N ALA B 214 -19.00 -18.66 2.52
CA ALA B 214 -17.72 -19.36 2.62
C ALA B 214 -16.58 -18.37 2.78
N GLN B 215 -16.62 -17.22 2.09
CA GLN B 215 -15.57 -16.23 2.22
C GLN B 215 -15.48 -15.72 3.66
N LEU B 216 -16.63 -15.40 4.25
CA LEU B 216 -16.60 -14.93 5.64
C LEU B 216 -16.16 -16.02 6.59
N GLU B 217 -16.57 -17.28 6.36
CA GLU B 217 -16.11 -18.38 7.21
CA GLU B 217 -16.12 -18.37 7.22
C GLU B 217 -14.59 -18.52 7.17
N PHE B 218 -14.00 -18.43 5.98
CA PHE B 218 -12.54 -18.52 5.88
C PHE B 218 -11.87 -17.35 6.58
N GLY B 219 -12.42 -16.14 6.42
CA GLY B 219 -11.81 -14.98 7.07
C GLY B 219 -11.88 -15.07 8.58
N LEU B 220 -13.00 -15.59 9.11
CA LEU B 220 -13.12 -15.81 10.54
C LEU B 220 -12.06 -16.81 11.01
N LYS B 221 -11.90 -17.92 10.30
CA LYS B 221 -10.88 -18.90 10.68
CA LYS B 221 -10.88 -18.90 10.68
C LYS B 221 -9.50 -18.28 10.66
N ALA B 222 -9.21 -17.48 9.63
CA ALA B 222 -7.89 -16.88 9.50
C ALA B 222 -7.63 -15.89 10.62
N LEU B 223 -8.64 -15.10 10.99
CA LEU B 223 -8.47 -14.16 12.09
C LEU B 223 -8.28 -14.89 13.41
N LYS B 224 -9.06 -15.94 13.65
CA LYS B 224 -8.88 -16.70 14.89
C LYS B 224 -7.51 -17.36 14.95
N ASN B 225 -6.93 -17.73 13.81
CA ASN B 225 -5.60 -18.32 13.80
C ASN B 225 -4.56 -17.35 14.36
N THR B 226 -4.81 -16.04 14.25
CA THR B 226 -3.87 -15.02 14.70
C THR B 226 -3.99 -14.72 16.19
N LEU B 227 -5.01 -15.24 16.87
CA LEU B 227 -5.23 -14.86 18.26
C LEU B 227 -4.15 -15.38 19.21
N PRO B 228 -3.59 -16.59 19.05
CA PRO B 228 -2.58 -17.02 20.03
C PRO B 228 -1.36 -16.13 20.10
N HIS B 229 -0.87 -15.60 18.97
CA HIS B 229 0.24 -14.66 19.02
C HIS B 229 -0.18 -13.34 19.67
N LEU B 230 -1.38 -12.86 19.37
CA LEU B 230 -1.88 -11.62 19.94
C LEU B 230 -2.12 -11.73 21.44
N ALA B 231 -2.37 -12.95 21.96
CA ALA B 231 -2.59 -13.16 23.38
C ALA B 231 -1.33 -12.99 24.22
N GLU B 232 -0.14 -13.03 23.60
CA GLU B 232 1.11 -12.90 24.33
C GLU B 232 1.35 -11.45 24.71
N LEU B 233 1.73 -11.22 25.96
CA LEU B 233 1.89 -9.86 26.48
C LEU B 233 3.35 -9.56 26.85
N ALA B 234 3.78 -8.34 26.55
CA ALA B 234 5.14 -7.92 26.83
C ALA B 234 5.40 -7.64 28.31
N LEU B 235 4.36 -7.47 29.11
CA LEU B 235 4.54 -6.94 30.47
C LEU B 235 5.45 -7.85 31.27
N GLY B 236 6.44 -7.25 31.92
CA GLY B 236 7.51 -7.97 32.58
C GLY B 236 8.81 -7.96 31.83
N GLY B 237 8.80 -7.57 30.55
CA GLY B 237 10.06 -7.38 29.86
C GLY B 237 10.82 -6.16 30.32
N THR B 238 10.14 -5.20 30.97
CA THR B 238 10.69 -3.90 31.35
C THR B 238 11.41 -3.21 30.18
N ALA B 239 12.54 -2.55 30.41
CA ALA B 239 13.04 -1.58 29.42
C ALA B 239 13.51 -2.24 28.13
N VAL B 240 14.22 -3.37 28.23
CA VAL B 240 14.87 -3.95 27.06
C VAL B 240 14.50 -5.41 26.85
N GLY B 241 13.68 -6.02 27.73
CA GLY B 241 13.26 -7.38 27.56
C GLY B 241 13.75 -8.34 28.61
N THR B 242 14.72 -7.93 29.45
CA THR B 242 15.34 -8.86 30.39
C THR B 242 14.51 -9.06 31.66
N GLY B 243 13.56 -8.17 31.95
CA GLY B 243 12.85 -8.27 33.20
C GLY B 243 13.62 -7.75 34.40
N LEU B 244 14.75 -7.08 34.18
CA LEU B 244 15.41 -6.37 35.27
C LEU B 244 14.41 -5.44 35.94
N ASN B 245 14.46 -5.40 37.27
CA ASN B 245 13.56 -4.60 38.12
C ASN B 245 12.16 -5.19 38.27
N THR B 246 11.98 -6.47 37.96
CA THR B 246 10.76 -7.17 38.34
C THR B 246 11.08 -8.25 39.37
N PRO B 247 10.15 -8.53 40.28
CA PRO B 247 10.35 -9.68 41.18
C PRO B 247 10.22 -10.99 40.42
N GLN B 248 10.92 -12.00 40.90
CA GLN B 248 10.88 -13.31 40.25
CA GLN B 248 10.88 -13.32 40.27
C GLN B 248 9.44 -13.81 40.16
N GLY B 249 9.04 -14.21 38.95
CA GLY B 249 7.70 -14.71 38.71
C GLY B 249 6.67 -13.66 38.36
N TYR B 250 7.06 -12.37 38.35
CA TYR B 250 6.10 -11.30 38.05
C TYR B 250 5.49 -11.47 36.66
N ASP B 251 6.30 -11.83 35.65
CA ASP B 251 5.77 -11.97 34.29
C ASP B 251 4.55 -12.88 34.23
N VAL B 252 4.68 -14.08 34.79
CA VAL B 252 3.58 -15.05 34.76
C VAL B 252 2.41 -14.56 35.60
N LYS B 253 2.69 -14.04 36.79
CA LYS B 253 1.62 -13.65 37.69
C LYS B 253 0.82 -12.47 37.16
N VAL B 254 1.51 -11.48 36.60
CA VAL B 254 0.80 -10.31 36.10
C VAL B 254 -0.06 -10.68 34.89
N ALA B 255 0.41 -11.60 34.04
CA ALA B 255 -0.42 -12.03 32.92
C ALA B 255 -1.64 -12.77 33.43
N GLU B 256 -1.49 -13.57 34.51
CA GLU B 256 -2.64 -14.26 35.06
CA GLU B 256 -2.63 -14.27 35.10
C GLU B 256 -3.67 -13.28 35.58
N TYR B 257 -3.23 -12.21 36.26
CA TYR B 257 -4.20 -11.21 36.70
C TYR B 257 -4.87 -10.50 35.53
N ILE B 258 -4.11 -10.18 34.47
CA ILE B 258 -4.72 -9.56 33.30
C ILE B 258 -5.77 -10.49 32.69
N ALA B 259 -5.45 -11.78 32.57
CA ALA B 259 -6.41 -12.75 32.04
C ALA B 259 -7.65 -12.82 32.93
N LYS B 260 -7.46 -12.77 34.24
CA LYS B 260 -8.61 -12.82 35.15
C LYS B 260 -9.49 -11.59 35.02
N PHE B 261 -8.87 -10.40 35.05
CA PHE B 261 -9.67 -9.17 35.07
C PHE B 261 -10.37 -8.93 33.74
N THR B 262 -9.71 -9.28 32.63
CA THR B 262 -10.34 -9.09 31.32
C THR B 262 -11.25 -10.25 30.92
N GLY B 263 -11.06 -11.43 31.51
CA GLY B 263 -11.77 -12.61 31.08
C GLY B 263 -11.32 -13.16 29.75
N LEU B 264 -10.13 -12.77 29.27
CA LEU B 264 -9.60 -13.21 27.98
C LEU B 264 -8.30 -13.96 28.21
N PRO B 265 -7.94 -14.89 27.31
CA PRO B 265 -6.84 -15.84 27.61
C PRO B 265 -5.45 -15.31 27.30
N PHE B 266 -5.08 -14.21 27.97
CA PHE B 266 -3.74 -13.64 27.82
C PHE B 266 -2.70 -14.50 28.53
N ILE B 267 -1.48 -14.50 27.99
CA ILE B 267 -0.34 -15.23 28.54
C ILE B 267 0.87 -14.31 28.45
N THR B 268 1.90 -14.61 29.23
CA THR B 268 3.13 -13.82 29.12
C THR B 268 3.85 -14.19 27.84
N ALA B 269 4.47 -13.21 27.20
CA ALA B 269 5.16 -13.51 25.93
C ALA B 269 6.32 -14.46 26.18
N GLU B 270 6.46 -15.46 25.30
CA GLU B 270 7.55 -16.43 25.44
C GLU B 270 8.91 -15.78 25.23
N ASN B 271 8.98 -14.75 24.40
CA ASN B 271 10.23 -14.04 24.13
C ASN B 271 9.97 -12.56 24.25
N LYS B 272 10.47 -11.94 25.33
CA LYS B 272 10.18 -10.53 25.57
C LYS B 272 10.91 -9.59 24.62
N PHE B 273 12.01 -10.05 24.02
CA PHE B 273 12.72 -9.25 23.04
C PHE B 273 11.89 -9.11 21.77
N GLU B 274 11.32 -10.22 21.29
CA GLU B 274 10.38 -10.19 20.17
C GLU B 274 9.18 -9.31 20.50
N ALA B 275 8.74 -9.30 21.76
CA ALA B 275 7.55 -8.57 22.18
C ALA B 275 7.77 -7.06 22.26
N LEU B 276 9.02 -6.61 22.39
CA LEU B 276 9.34 -5.20 22.51
CA LEU B 276 9.35 -5.20 22.51
C LEU B 276 9.89 -4.60 21.23
N ALA B 277 10.69 -5.38 20.50
CA ALA B 277 11.44 -4.90 19.34
C ALA B 277 10.62 -4.92 18.06
N ALA B 278 9.45 -5.55 18.09
CA ALA B 278 8.62 -5.69 16.92
C ALA B 278 7.18 -5.85 17.40
N HIS B 279 6.25 -5.63 16.48
CA HIS B 279 4.82 -5.85 16.73
C HIS B 279 4.25 -6.72 15.63
N ASP B 280 4.94 -7.85 15.42
CA ASP B 280 4.56 -8.78 14.36
C ASP B 280 3.16 -9.38 14.61
N ALA B 281 2.72 -9.51 15.88
CA ALA B 281 1.36 -9.99 16.13
C ALA B 281 0.31 -9.01 15.61
N ILE B 282 0.60 -7.71 15.67
CA ILE B 282 -0.32 -6.73 15.11
C ILE B 282 -0.33 -6.82 13.58
N VAL B 283 0.84 -7.00 12.96
CA VAL B 283 0.90 -7.24 11.52
C VAL B 283 0.10 -8.49 11.14
N GLU B 284 0.31 -9.59 11.90
CA GLU B 284 -0.37 -10.86 11.63
C GLU B 284 -1.88 -10.72 11.72
N SER B 285 -2.36 -10.21 12.87
CA SER B 285 -3.80 -10.06 13.05
C SER B 285 -4.39 -9.04 12.08
N HIS B 286 -3.68 -7.93 11.83
CA HIS B 286 -4.26 -6.97 10.89
C HIS B 286 -4.34 -7.55 9.49
N GLY B 287 -3.40 -8.41 9.11
CA GLY B 287 -3.52 -9.03 7.80
C GLY B 287 -4.81 -9.83 7.66
N ALA B 288 -5.27 -10.44 8.76
CA ALA B 288 -6.53 -11.16 8.74
C ALA B 288 -7.73 -10.23 8.74
N LEU B 289 -7.66 -9.08 9.45
CA LEU B 289 -8.71 -8.07 9.30
C LEU B 289 -8.79 -7.59 7.86
N LYS B 290 -7.63 -7.36 7.24
CA LYS B 290 -7.61 -6.92 5.84
C LYS B 290 -8.16 -8.00 4.91
N GLN B 291 -7.87 -9.28 5.19
CA GLN B 291 -8.47 -10.37 4.41
C GLN B 291 -10.00 -10.31 4.49
N LEU B 292 -10.54 -10.09 5.69
CA LEU B 292 -11.98 -9.93 5.82
C LEU B 292 -12.48 -8.72 5.04
N ALA B 293 -11.76 -7.60 5.10
CA ALA B 293 -12.16 -6.41 4.36
C ALA B 293 -12.15 -6.66 2.85
N VAL B 294 -11.21 -7.45 2.36
CA VAL B 294 -11.16 -7.76 0.94
C VAL B 294 -12.40 -8.55 0.53
N SER B 295 -12.80 -9.52 1.35
CA SER B 295 -14.00 -10.32 1.07
C SER B 295 -15.25 -9.47 1.19
N LEU B 296 -15.34 -8.67 2.26
CA LEU B 296 -16.51 -7.82 2.47
C LEU B 296 -16.69 -6.83 1.33
N PHE B 297 -15.59 -6.29 0.79
CA PHE B 297 -15.71 -5.37 -0.34
C PHE B 297 -16.42 -6.06 -1.49
N LYS B 298 -15.95 -7.26 -1.86
CA LYS B 298 -16.52 -7.98 -2.98
C LYS B 298 -17.99 -8.31 -2.74
N ILE B 299 -18.32 -8.76 -1.52
CA ILE B 299 -19.70 -9.07 -1.18
C ILE B 299 -20.59 -7.84 -1.33
N ALA B 300 -20.15 -6.70 -0.76
CA ALA B 300 -20.95 -5.49 -0.84
C ALA B 300 -21.07 -4.99 -2.28
N GLN B 301 -20.00 -5.14 -3.07
CA GLN B 301 -20.01 -4.72 -4.47
C GLN B 301 -21.01 -5.55 -5.27
N ASP B 302 -20.94 -6.87 -5.14
CA ASP B 302 -21.91 -7.73 -5.83
C ASP B 302 -23.33 -7.35 -5.45
N ILE B 303 -23.59 -7.16 -4.15
CA ILE B 303 -24.98 -6.93 -3.74
C ILE B 303 -25.53 -5.64 -4.34
N ARG B 304 -24.71 -4.57 -4.37
CA ARG B 304 -25.22 -3.34 -4.98
C ARG B 304 -25.34 -3.46 -6.50
N MET B 305 -24.45 -4.22 -7.15
CA MET B 305 -24.64 -4.46 -8.58
CA MET B 305 -24.62 -4.50 -8.58
C MET B 305 -25.92 -5.25 -8.85
N LEU B 306 -26.17 -6.31 -8.07
CA LEU B 306 -27.37 -7.14 -8.26
C LEU B 306 -28.64 -6.34 -8.03
N ALA B 307 -28.58 -5.34 -7.15
CA ALA B 307 -29.73 -4.51 -6.81
C ALA B 307 -29.87 -3.29 -7.72
N SER B 308 -28.95 -3.09 -8.66
CA SER B 308 -28.88 -1.84 -9.41
C SER B 308 -30.07 -1.69 -10.35
N GLY B 309 -30.46 -0.43 -10.58
CA GLY B 309 -31.55 -0.11 -11.46
C GLY B 309 -32.34 1.05 -10.94
N PRO B 310 -33.67 0.89 -10.79
CA PRO B 310 -34.41 -0.37 -10.86
C PRO B 310 -34.85 -0.80 -12.23
N ARG B 311 -34.57 -0.04 -13.28
CA ARG B 311 -35.05 -0.38 -14.60
CA ARG B 311 -35.04 -0.39 -14.60
C ARG B 311 -33.94 -0.60 -15.61
N SER B 312 -32.82 0.13 -15.51
CA SER B 312 -31.78 0.13 -16.54
C SER B 312 -30.44 -0.38 -15.99
N GLY B 313 -30.52 -1.25 -14.99
CA GLY B 313 -29.36 -1.95 -14.48
C GLY B 313 -29.59 -3.46 -14.47
N ILE B 314 -29.23 -4.12 -13.37
CA ILE B 314 -29.32 -5.58 -13.25
C ILE B 314 -30.68 -5.97 -12.66
N GLY B 315 -30.97 -5.48 -11.46
CA GLY B 315 -32.31 -5.61 -10.91
C GLY B 315 -32.73 -6.99 -10.44
N GLU B 316 -31.78 -7.88 -10.15
CA GLU B 316 -32.12 -9.24 -9.74
C GLU B 316 -32.57 -9.35 -8.30
N ILE B 317 -32.16 -8.43 -7.42
CA ILE B 317 -32.58 -8.45 -6.03
C ILE B 317 -33.13 -7.09 -5.64
N HIS B 318 -33.93 -7.11 -4.58
CA HIS B 318 -34.37 -5.92 -3.86
C HIS B 318 -33.58 -5.83 -2.56
N ILE B 319 -33.21 -4.61 -2.18
CA ILE B 319 -32.59 -4.38 -0.87
C ILE B 319 -33.42 -3.36 -0.12
N PRO B 320 -33.29 -3.30 1.20
CA PRO B 320 -34.03 -2.28 1.97
C PRO B 320 -33.71 -0.88 1.48
N GLU B 321 -34.73 -0.05 1.41
CA GLU B 321 -34.63 1.34 0.98
C GLU B 321 -34.83 2.20 2.22
N ASN B 322 -33.74 2.78 2.73
CA ASN B 322 -33.74 3.34 4.07
C ASN B 322 -33.86 4.85 4.14
N GLU B 323 -33.56 5.56 3.06
CA GLU B 323 -33.59 7.01 3.08
C GLU B 323 -33.66 7.53 1.65
N PRO B 324 -34.12 8.76 1.44
CA PRO B 324 -34.01 9.39 0.11
C PRO B 324 -32.56 9.44 -0.34
N GLY B 325 -32.35 9.10 -1.62
CA GLY B 325 -31.00 9.10 -2.17
C GLY B 325 -30.56 10.41 -2.77
N SER B 326 -31.51 11.29 -3.08
CA SER B 326 -31.20 12.49 -3.87
C SER B 326 -32.31 13.52 -3.67
N SER B 327 -31.92 14.79 -3.61
CA SER B 327 -32.92 15.85 -3.59
C SER B 327 -33.36 16.20 -5.01
N ILE B 328 -32.41 16.26 -5.94
CA ILE B 328 -32.70 16.68 -7.31
C ILE B 328 -33.42 15.58 -8.08
N MET B 329 -33.12 14.31 -7.81
CA MET B 329 -33.75 13.19 -8.48
C MET B 329 -34.79 12.58 -7.54
N PRO B 330 -36.08 12.89 -7.70
CA PRO B 330 -37.07 12.53 -6.68
C PRO B 330 -37.44 11.05 -6.72
N GLY B 331 -37.44 10.41 -5.54
CA GLY B 331 -37.74 9.00 -5.42
C GLY B 331 -36.55 8.07 -5.58
N LYS B 332 -35.39 8.59 -5.98
CA LYS B 332 -34.22 7.74 -6.12
C LYS B 332 -33.76 7.28 -4.74
N VAL B 333 -33.39 6.00 -4.63
CA VAL B 333 -32.86 5.43 -3.39
C VAL B 333 -31.61 4.65 -3.74
N ASN B 334 -30.55 4.88 -2.97
CA ASN B 334 -29.25 4.32 -3.29
C ASN B 334 -28.82 3.25 -2.29
N PRO B 335 -27.93 2.34 -2.69
CA PRO B 335 -27.43 1.26 -1.80
C PRO B 335 -26.39 1.80 -0.84
N THR B 336 -26.85 2.69 0.06
CA THR B 336 -25.93 3.47 0.89
C THR B 336 -25.21 2.62 1.94
N GLN B 337 -25.84 1.55 2.43
CA GLN B 337 -25.12 0.65 3.34
C GLN B 337 -23.95 -0.03 2.62
N ASN B 338 -24.14 -0.42 1.37
CA ASN B 338 -23.05 -1.00 0.61
C ASN B 338 -21.91 0.00 0.44
N GLU B 339 -22.27 1.27 0.25
CA GLU B 339 -21.26 2.30 0.08
C GLU B 339 -20.46 2.51 1.36
N ALA B 340 -21.13 2.56 2.51
CA ALA B 340 -20.40 2.71 3.75
C ALA B 340 -19.44 1.54 3.96
N MET B 341 -19.89 0.33 3.66
CA MET B 341 -19.05 -0.86 3.80
C MET B 341 -17.83 -0.76 2.89
N THR B 342 -18.03 -0.46 1.60
CA THR B 342 -16.89 -0.39 0.69
C THR B 342 -15.89 0.69 1.09
N MET B 343 -16.37 1.81 1.64
CA MET B 343 -15.45 2.84 2.13
C MET B 343 -14.63 2.36 3.33
N VAL B 344 -15.29 1.68 4.27
CA VAL B 344 -14.57 1.09 5.41
C VAL B 344 -13.52 0.12 4.90
N CYS B 345 -13.87 -0.69 3.89
CA CYS B 345 -12.88 -1.64 3.40
C CYS B 345 -11.67 -0.93 2.79
N ALA B 346 -11.92 0.15 2.03
CA ALA B 346 -10.81 0.95 1.50
C ALA B 346 -9.92 1.46 2.61
N GLN B 347 -10.52 1.90 3.72
CA GLN B 347 -9.74 2.38 4.86
C GLN B 347 -8.84 1.28 5.42
N VAL B 348 -9.39 0.06 5.58
CA VAL B 348 -8.62 -1.04 6.15
C VAL B 348 -7.42 -1.38 5.28
N LEU B 349 -7.57 -1.35 3.95
CA LEU B 349 -6.46 -1.63 3.06
CA LEU B 349 -6.44 -1.67 3.11
C LEU B 349 -5.28 -0.69 3.32
N GLY B 350 -5.57 0.61 3.49
CA GLY B 350 -4.51 1.57 3.74
C GLY B 350 -3.95 1.45 5.15
N ASN B 351 -4.81 1.14 6.12
CA ASN B 351 -4.32 0.86 7.46
C ASN B 351 -3.31 -0.27 7.44
N ASP B 352 -3.52 -1.26 6.56
CA ASP B 352 -2.57 -2.35 6.45
C ASP B 352 -1.20 -1.89 5.94
N THR B 353 -1.19 -0.95 4.97
CA THR B 353 0.08 -0.37 4.53
C THR B 353 0.81 0.29 5.70
N THR B 354 0.10 1.11 6.47
CA THR B 354 0.73 1.81 7.60
C THR B 354 1.28 0.83 8.62
N ILE B 355 0.48 -0.17 8.99
CA ILE B 355 0.92 -1.12 10.02
C ILE B 355 2.13 -1.91 9.53
N SER B 356 2.13 -2.30 8.26
CA SER B 356 3.24 -3.08 7.73
C SER B 356 4.52 -2.24 7.68
N PHE B 357 4.40 -1.00 7.21
CA PHE B 357 5.55 -0.08 7.22
C PHE B 357 6.11 0.08 8.63
N ALA B 358 5.25 0.45 9.56
CA ALA B 358 5.69 0.66 10.94
C ALA B 358 6.31 -0.61 11.54
N GLY B 359 5.75 -1.78 11.17
CA GLY B 359 6.25 -3.03 11.71
C GLY B 359 7.66 -3.35 11.28
N THR B 360 8.11 -2.81 10.12
CA THR B 360 9.48 -3.06 9.68
C THR B 360 10.51 -2.22 10.44
N GLN B 361 10.07 -1.18 11.15
CA GLN B 361 10.95 -0.07 11.52
C GLN B 361 11.47 -0.13 12.95
N GLY B 362 11.31 -1.26 13.66
CA GLY B 362 11.94 -1.39 14.96
C GLY B 362 13.45 -1.33 14.82
N ASN B 363 14.11 -0.77 15.85
CA ASN B 363 15.56 -0.74 15.86
C ASN B 363 16.05 -1.30 17.18
N TYR B 364 16.96 -2.28 17.11
CA TYR B 364 17.54 -2.84 18.31
C TYR B 364 16.46 -3.33 19.27
N GLU B 365 16.42 -2.83 20.51
CA GLU B 365 15.57 -3.42 21.53
C GLU B 365 14.12 -2.95 21.49
N LEU B 366 13.77 -1.93 20.68
CA LEU B 366 12.44 -1.37 20.80
C LEU B 366 11.89 -0.88 19.45
N ASN B 367 10.66 -1.26 19.15
CA ASN B 367 9.93 -0.64 18.04
C ASN B 367 9.26 0.61 18.60
N VAL B 368 9.58 1.78 18.05
CA VAL B 368 8.98 3.03 18.54
C VAL B 368 7.99 3.60 17.52
N PHE B 369 7.10 2.71 17.04
CA PHE B 369 5.95 3.08 16.23
C PHE B 369 4.68 2.55 16.87
N LYS B 370 4.68 2.38 18.21
CA LYS B 370 3.57 1.63 18.83
C LYS B 370 2.24 2.35 18.73
N PRO B 371 2.13 3.66 19.03
CA PRO B 371 0.79 4.27 18.96
C PRO B 371 0.18 4.26 17.58
N VAL B 372 0.94 4.51 16.51
CA VAL B 372 0.33 4.49 15.19
C VAL B 372 -0.16 3.08 14.84
N MET B 373 0.60 2.04 15.23
CA MET B 373 0.14 0.69 14.98
C MET B 373 -1.13 0.38 15.76
N ALA B 374 -1.19 0.78 17.03
CA ALA B 374 -2.36 0.54 17.85
C ALA B 374 -3.59 1.24 17.29
N TYR B 375 -3.43 2.53 16.91
CA TYR B 375 -4.53 3.33 16.40
C TYR B 375 -5.10 2.74 15.12
N ASN B 376 -4.22 2.39 14.17
CA ASN B 376 -4.69 1.79 12.92
C ASN B 376 -5.36 0.44 13.17
N PHE B 377 -4.80 -0.38 14.05
CA PHE B 377 -5.41 -1.70 14.30
C PHE B 377 -6.80 -1.54 14.89
N LEU B 378 -6.93 -0.71 15.92
CA LEU B 378 -8.22 -0.54 16.58
C LEU B 378 -9.23 0.09 15.64
N GLN B 379 -8.79 1.02 14.79
CA GLN B 379 -9.74 1.60 13.82
C GLN B 379 -10.27 0.54 12.87
N SER B 380 -9.39 -0.29 12.31
CA SER B 380 -9.88 -1.34 11.42
C SER B 380 -10.85 -2.28 12.13
N ALA B 381 -10.47 -2.75 13.33
CA ALA B 381 -11.30 -3.71 14.03
C ALA B 381 -12.66 -3.11 14.36
N GLN B 382 -12.67 -1.84 14.78
CA GLN B 382 -13.91 -1.17 15.13
C GLN B 382 -14.78 -0.91 13.91
N LEU B 383 -14.20 -0.37 12.84
CA LEU B 383 -14.99 -0.03 11.67
C LEU B 383 -15.54 -1.28 10.99
N ILE B 384 -14.76 -2.36 10.93
CA ILE B 384 -15.30 -3.60 10.39
C ILE B 384 -16.49 -4.08 11.23
N ALA B 385 -16.34 -4.06 12.57
CA ALA B 385 -17.43 -4.48 13.42
C ALA B 385 -18.68 -3.64 13.17
N ASP B 386 -18.53 -2.32 13.24
CA ASP B 386 -19.67 -1.43 13.13
C ASP B 386 -20.32 -1.52 11.74
N ALA B 387 -19.51 -1.60 10.69
CA ALA B 387 -20.06 -1.71 9.34
C ALA B 387 -20.78 -3.04 9.16
N CYS B 388 -20.24 -4.13 9.73
CA CYS B 388 -20.93 -5.42 9.60
C CYS B 388 -22.27 -5.41 10.32
N ILE B 389 -22.34 -4.77 11.51
CA ILE B 389 -23.63 -4.65 12.18
C ILE B 389 -24.61 -3.85 11.33
N SER B 390 -24.15 -2.69 10.85
CA SER B 390 -25.03 -1.81 10.10
C SER B 390 -25.48 -2.46 8.80
N PHE B 391 -24.53 -3.04 8.07
CA PHE B 391 -24.85 -3.68 6.80
C PHE B 391 -25.79 -4.86 7.01
N ASN B 392 -25.58 -5.64 8.08
CA ASN B 392 -26.50 -6.72 8.38
C ASN B 392 -27.90 -6.19 8.63
N ASP B 393 -28.02 -5.22 9.56
CA ASP B 393 -29.34 -4.82 10.04
C ASP B 393 -30.10 -3.99 9.00
N HIS B 394 -29.38 -3.24 8.18
CA HIS B 394 -30.00 -2.28 7.27
C HIS B 394 -29.89 -2.68 5.81
N CYS B 395 -29.33 -3.86 5.52
CA CYS B 395 -29.30 -4.34 4.15
C CYS B 395 -29.52 -5.85 4.10
N ALA B 396 -28.59 -6.64 4.66
CA ALA B 396 -28.56 -8.08 4.40
C ALA B 396 -29.84 -8.79 4.85
N VAL B 397 -30.37 -8.43 6.02
CA VAL B 397 -31.56 -9.13 6.51
C VAL B 397 -32.75 -8.97 5.59
N GLY B 398 -32.78 -7.90 4.80
CA GLY B 398 -33.91 -7.60 3.94
C GLY B 398 -33.71 -7.88 2.48
N ILE B 399 -32.64 -8.59 2.09
CA ILE B 399 -32.45 -8.90 0.67
C ILE B 399 -33.55 -9.86 0.22
N GLU B 400 -34.18 -9.55 -0.91
CA GLU B 400 -35.19 -10.45 -1.48
C GLU B 400 -34.97 -10.56 -2.98
N PRO B 401 -35.30 -11.71 -3.57
CA PRO B 401 -35.14 -11.86 -5.01
C PRO B 401 -36.24 -11.12 -5.78
N ASN B 402 -35.88 -10.65 -6.96
CA ASN B 402 -36.88 -10.20 -7.92
C ASN B 402 -37.07 -11.38 -8.87
N GLU B 403 -37.99 -12.29 -8.51
CA GLU B 403 -38.10 -13.53 -9.26
C GLU B 403 -38.50 -13.32 -10.70
N PRO B 404 -39.44 -12.42 -11.04
CA PRO B 404 -39.74 -12.22 -12.46
C PRO B 404 -38.54 -11.72 -13.26
N ARG B 405 -37.75 -10.81 -12.71
CA ARG B 405 -36.59 -10.32 -13.45
C ARG B 405 -35.55 -11.42 -13.63
N ILE B 406 -35.28 -12.20 -12.57
CA ILE B 406 -34.34 -13.30 -12.67
C ILE B 406 -34.79 -14.28 -13.74
N LYS B 407 -36.08 -14.62 -13.75
CA LYS B 407 -36.60 -15.58 -14.71
C LYS B 407 -36.53 -15.04 -16.14
N GLU B 408 -36.83 -13.75 -16.32
CA GLU B 408 -36.70 -13.13 -17.63
C GLU B 408 -35.28 -13.29 -18.17
N LEU B 409 -34.29 -13.01 -17.32
CA LEU B 409 -32.90 -13.13 -17.75
C LEU B 409 -32.56 -14.58 -18.13
N VAL B 410 -33.02 -15.55 -17.34
CA VAL B 410 -32.77 -16.95 -17.68
C VAL B 410 -33.43 -17.31 -19.01
N ASP B 411 -34.71 -16.94 -19.18
CA ASP B 411 -35.44 -17.34 -20.38
C ASP B 411 -34.89 -16.70 -21.65
N LYS B 412 -34.30 -15.52 -21.55
CA LYS B 412 -33.77 -14.81 -22.71
C LYS B 412 -32.30 -15.11 -22.96
N SER B 413 -31.65 -15.86 -22.08
CA SER B 413 -30.23 -16.09 -22.27
C SER B 413 -29.96 -17.00 -23.48
N LEU B 414 -28.87 -16.73 -24.18
CA LEU B 414 -28.39 -17.65 -25.20
C LEU B 414 -27.52 -18.76 -24.61
N MET B 415 -27.16 -18.64 -23.32
CA MET B 415 -26.18 -19.52 -22.73
C MET B 415 -26.71 -20.91 -22.36
N LEU B 416 -28.02 -21.13 -22.40
CA LEU B 416 -28.54 -22.45 -22.07
C LEU B 416 -28.56 -23.39 -23.28
N VAL B 417 -28.13 -22.92 -24.45
CA VAL B 417 -28.34 -23.67 -25.70
C VAL B 417 -27.61 -25.00 -25.68
N THR B 418 -26.49 -25.10 -24.94
CA THR B 418 -25.71 -26.33 -24.93
C THR B 418 -26.43 -27.50 -24.27
N ALA B 419 -27.53 -27.26 -23.57
CA ALA B 419 -28.38 -28.36 -23.10
C ALA B 419 -28.96 -29.16 -24.24
N LEU B 420 -28.96 -28.61 -25.46
CA LEU B 420 -29.53 -29.27 -26.62
C LEU B 420 -28.54 -30.18 -27.35
N ASN B 421 -27.23 -30.04 -27.09
CA ASN B 421 -26.23 -30.73 -27.91
C ASN B 421 -26.43 -32.23 -27.94
N THR B 422 -26.61 -32.87 -26.78
CA THR B 422 -26.72 -34.32 -26.77
C THR B 422 -28.01 -34.81 -27.41
N HIS B 423 -28.97 -33.93 -27.65
CA HIS B 423 -30.27 -34.32 -28.20
C HIS B 423 -30.40 -34.05 -29.69
N ILE B 424 -29.87 -32.92 -30.18
CA ILE B 424 -30.01 -32.54 -31.58
C ILE B 424 -28.67 -32.27 -32.25
N GLY B 425 -27.57 -32.36 -31.54
CA GLY B 425 -26.27 -32.14 -32.15
C GLY B 425 -25.81 -30.70 -32.06
N TYR B 426 -24.49 -30.54 -32.09
CA TYR B 426 -23.87 -29.22 -31.99
C TYR B 426 -24.36 -28.27 -33.07
N GLU B 427 -24.40 -28.74 -34.33
CA GLU B 427 -24.70 -27.84 -35.43
C GLU B 427 -26.12 -27.28 -35.32
N ASN B 428 -27.10 -28.14 -35.00
CA ASN B 428 -28.47 -27.65 -34.85
C ASN B 428 -28.59 -26.71 -33.65
N ALA B 429 -27.93 -27.03 -32.54
CA ALA B 429 -27.91 -26.14 -31.39
C ALA B 429 -27.33 -24.77 -31.76
N ALA B 430 -26.19 -24.78 -32.46
CA ALA B 430 -25.59 -23.52 -32.89
C ALA B 430 -26.51 -22.74 -33.82
N LYS B 431 -27.21 -23.44 -34.72
CA LYS B 431 -28.15 -22.75 -35.61
C LYS B 431 -29.24 -22.03 -34.81
N ILE B 432 -29.76 -22.68 -33.77
CA ILE B 432 -30.78 -22.05 -32.94
C ILE B 432 -30.23 -20.80 -32.26
N ALA B 433 -29.04 -20.91 -31.66
CA ALA B 433 -28.45 -19.76 -30.98
C ALA B 433 -28.17 -18.61 -31.94
N LYS B 434 -27.62 -18.93 -33.13
CA LYS B 434 -27.31 -17.89 -34.10
CA LYS B 434 -27.31 -17.89 -34.10
C LYS B 434 -28.57 -17.19 -34.58
N THR B 435 -29.65 -17.95 -34.78
CA THR B 435 -30.88 -17.35 -35.26
C THR B 435 -31.52 -16.49 -34.18
N ALA B 436 -31.54 -16.97 -32.93
CA ALA B 436 -32.04 -16.17 -31.82
C ALA B 436 -31.25 -14.87 -31.66
N HIS B 437 -29.93 -14.96 -31.76
CA HIS B 437 -29.11 -13.76 -31.62
C HIS B 437 -29.39 -12.77 -32.76
N LYS B 438 -29.50 -13.26 -33.99
CA LYS B 438 -29.76 -12.38 -35.12
C LYS B 438 -31.13 -11.70 -34.99
N ASN B 439 -32.13 -12.44 -34.49
CA ASN B 439 -33.51 -11.95 -34.52
C ASN B 439 -33.93 -11.27 -33.22
N GLY B 440 -33.12 -11.33 -32.17
CA GLY B 440 -33.56 -10.79 -30.91
C GLY B 440 -34.57 -11.65 -30.18
N THR B 441 -34.68 -12.93 -30.54
CA THR B 441 -35.68 -13.83 -30.00
C THR B 441 -35.03 -14.78 -28.98
N THR B 442 -35.85 -15.64 -28.39
CA THR B 442 -35.36 -16.61 -27.42
C THR B 442 -34.93 -17.90 -28.12
N LEU B 443 -34.12 -18.69 -27.40
CA LEU B 443 -33.77 -20.03 -27.86
C LEU B 443 -35.00 -20.87 -28.12
N LYS B 444 -35.98 -20.85 -27.21
CA LYS B 444 -37.18 -21.66 -27.39
C LYS B 444 -37.93 -21.25 -28.65
N GLU B 445 -38.09 -19.93 -28.88
CA GLU B 445 -38.80 -19.46 -30.06
CA GLU B 445 -38.82 -19.50 -30.06
C GLU B 445 -38.15 -19.99 -31.34
N GLU B 446 -36.82 -19.90 -31.42
CA GLU B 446 -36.20 -20.35 -32.66
C GLU B 446 -36.12 -21.87 -32.76
N ALA B 447 -35.95 -22.59 -31.64
CA ALA B 447 -35.97 -24.04 -31.71
C ALA B 447 -37.29 -24.54 -32.31
N ILE B 448 -38.40 -23.94 -31.89
CA ILE B 448 -39.72 -24.30 -32.40
C ILE B 448 -39.86 -23.85 -33.84
N ASN B 449 -39.54 -22.58 -34.12
CA ASN B 449 -39.91 -22.03 -35.41
C ASN B 449 -38.97 -22.43 -36.54
N LEU B 450 -37.78 -22.93 -36.21
CA LEU B 450 -36.94 -23.62 -37.20
C LEU B 450 -37.36 -25.06 -37.42
N GLY B 451 -38.38 -25.55 -36.70
CA GLY B 451 -38.82 -26.93 -36.85
C GLY B 451 -37.85 -27.94 -36.31
N LEU B 452 -37.00 -27.55 -35.35
CA LEU B 452 -35.98 -28.46 -34.82
C LEU B 452 -36.39 -29.13 -33.53
N VAL B 453 -37.21 -28.48 -32.69
CA VAL B 453 -37.63 -29.01 -31.40
C VAL B 453 -39.07 -28.58 -31.17
N THR B 454 -39.89 -29.47 -30.65
CA THR B 454 -41.23 -29.03 -30.25
C THR B 454 -41.16 -28.28 -28.94
N ALA B 455 -42.20 -27.50 -28.65
CA ALA B 455 -42.26 -26.77 -27.39
C ALA B 455 -42.12 -27.70 -26.19
N GLU B 456 -42.82 -28.83 -26.22
CA GLU B 456 -42.81 -29.75 -25.09
C GLU B 456 -41.45 -30.44 -24.95
N GLN B 457 -40.84 -30.82 -26.08
CA GLN B 457 -39.50 -31.42 -26.06
CA GLN B 457 -39.51 -31.43 -26.01
C GLN B 457 -38.48 -30.42 -25.52
N PHE B 458 -38.58 -29.16 -25.96
CA PHE B 458 -37.66 -28.14 -25.48
C PHE B 458 -37.75 -28.00 -23.98
N ASP B 459 -38.97 -27.91 -23.44
CA ASP B 459 -39.13 -27.76 -21.99
C ASP B 459 -38.56 -28.96 -21.23
N GLU B 460 -38.59 -30.14 -21.83
CA GLU B 460 -38.05 -31.34 -21.18
C GLU B 460 -36.53 -31.36 -21.24
N TRP B 461 -35.95 -30.90 -22.33
CA TRP B 461 -34.50 -30.99 -22.53
C TRP B 461 -33.74 -29.82 -21.92
N VAL B 462 -34.37 -28.66 -21.79
CA VAL B 462 -33.69 -27.44 -21.35
C VAL B 462 -34.36 -27.05 -20.04
N LYS B 463 -33.89 -27.63 -18.96
CA LYS B 463 -34.43 -27.36 -17.63
CA LYS B 463 -34.42 -27.36 -17.63
C LYS B 463 -33.36 -26.64 -16.83
N PRO B 464 -33.50 -25.34 -16.58
CA PRO B 464 -32.43 -24.61 -15.87
C PRO B 464 -32.10 -25.22 -14.52
N GLU B 465 -33.09 -25.80 -13.84
CA GLU B 465 -32.84 -26.40 -12.53
C GLU B 465 -31.98 -27.67 -12.62
N ASP B 466 -31.83 -28.24 -13.81
CA ASP B 466 -30.95 -29.39 -14.01
C ASP B 466 -29.57 -28.97 -14.48
N MET B 467 -29.29 -27.66 -14.56
CA MET B 467 -28.04 -27.17 -15.10
C MET B 467 -27.16 -26.53 -14.04
N VAL B 468 -27.42 -26.82 -12.76
CA VAL B 468 -26.70 -26.15 -11.69
C VAL B 468 -25.95 -27.15 -10.82
N GLY B 469 -25.57 -28.29 -11.42
CA GLY B 469 -24.73 -29.29 -10.78
C GLY B 469 -24.08 -30.21 -11.80
N SER B 470 -23.22 -31.10 -11.29
CA SER B 470 -22.54 -32.07 -12.14
CA SER B 470 -22.54 -32.08 -12.12
C SER B 470 -23.49 -33.13 -12.71
N HIS C 8 -36.53 11.54 28.96
CA HIS C 8 -35.90 12.85 28.90
C HIS C 8 -35.82 13.38 27.48
N MET C 9 -35.52 12.49 26.53
CA MET C 9 -35.43 12.88 25.12
C MET C 9 -36.82 13.16 24.57
N ILE C 10 -37.02 14.37 24.06
CA ILE C 10 -38.29 14.78 23.47
C ILE C 10 -38.05 15.01 21.98
N TYR C 11 -39.01 14.63 21.16
CA TYR C 11 -38.90 14.71 19.71
C TYR C 11 -40.04 15.53 19.12
N ARG C 12 -39.75 16.15 17.99
CA ARG C 12 -40.79 16.66 17.10
C ARG C 12 -40.91 15.73 15.90
N THR C 13 -42.03 15.80 15.20
CA THR C 13 -42.24 14.93 14.04
C THR C 13 -42.02 15.72 12.77
N GLU C 14 -41.16 15.19 11.91
CA GLU C 14 -40.86 15.76 10.60
C GLU C 14 -41.11 14.69 9.55
N HIS C 15 -40.88 15.04 8.29
CA HIS C 15 -41.10 14.11 7.19
C HIS C 15 -40.21 14.46 6.00
N ASP C 16 -39.90 13.45 5.21
CA ASP C 16 -39.31 13.63 3.89
C ASP C 16 -40.15 12.84 2.90
N THR C 17 -39.66 12.67 1.66
CA THR C 17 -40.45 11.97 0.66
C THR C 17 -40.66 10.49 0.99
N MET C 18 -39.98 9.96 2.02
CA MET C 18 -40.09 8.56 2.37
C MET C 18 -41.01 8.29 3.55
N GLY C 19 -41.27 9.27 4.40
CA GLY C 19 -42.13 9.07 5.55
C GLY C 19 -41.80 10.03 6.67
N GLU C 20 -42.39 9.77 7.83
CA GLU C 20 -42.19 10.63 8.99
CA GLU C 20 -42.20 10.62 9.01
C GLU C 20 -40.99 10.16 9.82
N VAL C 21 -40.35 11.13 10.49
CA VAL C 21 -39.12 10.91 11.23
C VAL C 21 -39.19 11.74 12.51
N LYS C 22 -38.88 11.14 13.64
CA LYS C 22 -38.83 11.87 14.90
C LYS C 22 -37.47 12.52 15.05
N VAL C 23 -37.45 13.83 15.27
CA VAL C 23 -36.22 14.60 15.33
C VAL C 23 -36.10 15.21 16.72
N PRO C 24 -34.93 15.14 17.37
CA PRO C 24 -34.79 15.76 18.69
C PRO C 24 -35.23 17.21 18.68
N VAL C 25 -36.03 17.58 19.68
CA VAL C 25 -36.85 18.78 19.57
C VAL C 25 -36.00 20.05 19.51
N ASP C 26 -34.80 20.03 20.07
CA ASP C 26 -33.98 21.24 20.12
C ASP C 26 -32.90 21.30 19.05
N LYS C 27 -32.84 20.32 18.15
CA LYS C 27 -31.81 20.28 17.13
CA LYS C 27 -31.80 20.29 17.14
C LYS C 27 -32.29 20.92 15.83
N PHE C 28 -31.36 21.57 15.14
CA PHE C 28 -31.69 22.33 13.94
C PHE C 28 -31.61 21.51 12.65
N TRP C 29 -31.18 20.26 12.73
CA TRP C 29 -31.26 19.40 11.55
C TRP C 29 -32.69 18.90 11.36
N GLY C 30 -32.91 18.16 10.27
CA GLY C 30 -34.23 17.69 9.94
C GLY C 30 -34.33 16.19 9.69
N ALA C 31 -35.34 15.79 8.93
CA ALA C 31 -35.65 14.37 8.78
C ALA C 31 -34.50 13.60 8.14
N GLN C 32 -33.87 14.16 7.11
CA GLN C 32 -32.84 13.38 6.41
C GLN C 32 -31.57 13.24 7.24
N THR C 33 -31.18 14.29 7.95
CA THR C 33 -30.05 14.17 8.85
C THR C 33 -30.33 13.13 9.93
N GLU C 34 -31.53 13.15 10.49
CA GLU C 34 -31.85 12.22 11.57
C GLU C 34 -31.81 10.78 11.08
N ARG C 35 -32.32 10.51 9.87
CA ARG C 35 -32.21 9.15 9.33
C ARG C 35 -30.74 8.72 9.26
N SER C 36 -29.88 9.58 8.70
CA SER C 36 -28.47 9.21 8.57
C SER C 36 -27.83 9.02 9.93
N ARG C 37 -28.13 9.91 10.89
CA ARG C 37 -27.58 9.78 12.22
C ARG C 37 -27.85 8.39 12.79
N ASN C 38 -29.07 7.89 12.60
CA ASN C 38 -29.44 6.60 13.14
C ASN C 38 -29.05 5.41 12.27
N ASN C 39 -28.89 5.61 10.96
CA ASN C 39 -28.64 4.50 10.05
C ASN C 39 -27.17 4.18 9.83
N PHE C 40 -26.25 5.05 10.26
CA PHE C 40 -24.82 4.85 10.03
C PHE C 40 -24.06 5.00 11.35
N LYS C 41 -24.28 4.05 12.26
CA LYS C 41 -23.59 4.04 13.54
C LYS C 41 -22.25 3.35 13.34
N ILE C 42 -21.34 4.05 12.65
CA ILE C 42 -20.09 3.46 12.20
C ILE C 42 -18.97 4.39 12.63
N GLY C 43 -18.16 3.93 13.57
CA GLY C 43 -17.10 4.73 14.14
C GLY C 43 -17.62 5.79 15.11
N PRO C 44 -16.73 6.66 15.57
CA PRO C 44 -17.14 7.70 16.53
C PRO C 44 -18.19 8.65 15.95
N GLU C 45 -19.04 9.14 16.83
CA GLU C 45 -20.13 10.00 16.41
C GLU C 45 -19.59 11.25 15.73
N ALA C 46 -20.34 11.71 14.73
CA ALA C 46 -20.15 13.04 14.18
C ALA C 46 -18.77 13.23 13.55
N SER C 47 -18.23 12.17 12.93
CA SER C 47 -16.85 12.18 12.45
C SER C 47 -16.64 12.92 11.13
N MET C 48 -17.66 13.33 10.41
CA MET C 48 -17.38 14.09 9.19
C MET C 48 -16.54 15.31 9.55
N PRO C 49 -15.41 15.55 8.87
CA PRO C 49 -14.51 16.62 9.30
C PRO C 49 -15.18 17.99 9.31
N HIS C 50 -14.89 18.76 10.36
CA HIS C 50 -15.41 20.11 10.44
C HIS C 50 -14.95 20.97 9.27
N GLU C 51 -13.78 20.68 8.70
CA GLU C 51 -13.35 21.42 7.52
C GLU C 51 -14.30 21.22 6.34
N ILE C 52 -14.90 20.03 6.24
CA ILE C 52 -15.89 19.78 5.19
C ILE C 52 -17.16 20.60 5.46
N ILE C 53 -17.60 20.64 6.72
CA ILE C 53 -18.78 21.45 7.06
C ILE C 53 -18.53 22.92 6.75
N GLU C 54 -17.36 23.43 7.12
CA GLU C 54 -17.03 24.82 6.82
CA GLU C 54 -17.00 24.81 6.81
C GLU C 54 -17.00 25.06 5.31
N ALA C 55 -16.43 24.12 4.55
CA ALA C 55 -16.41 24.26 3.10
C ALA C 55 -17.83 24.28 2.52
N PHE C 56 -18.73 23.45 3.05
CA PHE C 56 -20.13 23.52 2.64
C PHE C 56 -20.73 24.89 2.92
N ALA C 57 -20.39 25.50 4.04
CA ALA C 57 -20.88 26.85 4.33
C ALA C 57 -20.42 27.85 3.27
N TYR C 58 -19.15 27.81 2.88
CA TYR C 58 -18.69 28.69 1.80
C TYR C 58 -19.48 28.46 0.52
N LEU C 59 -19.65 27.20 0.12
CA LEU C 59 -20.26 26.95 -1.18
C LEU C 59 -21.76 27.23 -1.17
N LYS C 60 -22.44 27.03 -0.04
CA LYS C 60 -23.87 27.36 0.03
C LYS C 60 -24.07 28.87 -0.02
N LYS C 61 -23.19 29.63 0.65
CA LYS C 61 -23.24 31.09 0.56
C LYS C 61 -23.01 31.54 -0.87
N ALA C 62 -21.99 30.97 -1.52
CA ALA C 62 -21.70 31.32 -2.90
C ALA C 62 -22.85 30.97 -3.83
N ALA C 63 -23.46 29.79 -3.65
CA ALA C 63 -24.58 29.40 -4.50
C ALA C 63 -25.74 30.38 -4.36
N ALA C 64 -26.05 30.79 -3.13
CA ALA C 64 -27.11 31.77 -2.91
C ALA C 64 -26.78 33.09 -3.60
N TYR C 65 -25.54 33.57 -3.47
CA TYR C 65 -25.15 34.81 -4.15
C TYR C 65 -25.25 34.69 -5.66
N ALA C 66 -24.76 33.56 -6.22
CA ALA C 66 -24.84 33.36 -7.66
C ALA C 66 -26.29 33.27 -8.11
N ASN C 67 -27.11 32.54 -7.35
CA ASN C 67 -28.52 32.38 -7.73
C ASN C 67 -29.25 33.72 -7.72
N THR C 68 -28.95 34.59 -6.74
CA THR C 68 -29.59 35.91 -6.73
C THR C 68 -29.13 36.75 -7.92
N ASP C 69 -27.83 36.76 -8.21
CA ASP C 69 -27.34 37.52 -9.37
C ASP C 69 -27.99 37.06 -10.66
N LEU C 70 -28.21 35.75 -10.80
CA LEU C 70 -28.80 35.16 -11.99
C LEU C 70 -30.33 35.10 -11.90
N ARG C 71 -30.91 35.79 -10.92
CA ARG C 71 -32.34 36.12 -10.90
C ARG C 71 -33.24 34.91 -10.65
N VAL C 72 -32.76 33.90 -9.94
CA VAL C 72 -33.57 32.75 -9.59
C VAL C 72 -33.80 32.59 -8.09
N LEU C 73 -33.19 33.45 -7.26
CA LEU C 73 -33.40 33.43 -5.81
C LEU C 73 -33.52 34.87 -5.34
N PRO C 74 -34.55 35.21 -4.57
CA PRO C 74 -34.67 36.59 -4.07
CA PRO C 74 -34.67 36.59 -4.07
C PRO C 74 -33.56 36.91 -3.08
N SER C 75 -33.14 38.18 -3.10
CA SER C 75 -32.00 38.59 -2.28
CA SER C 75 -32.01 38.61 -2.28
C SER C 75 -32.30 38.47 -0.80
N ASP C 76 -33.56 38.61 -0.37
CA ASP C 76 -33.83 38.45 1.05
C ASP C 76 -33.56 37.02 1.51
N LYS C 77 -33.83 36.03 0.65
CA LYS C 77 -33.52 34.65 0.99
C LYS C 77 -32.02 34.39 0.92
N ARG C 78 -31.33 34.99 -0.04
CA ARG C 78 -29.88 34.95 -0.06
C ARG C 78 -29.32 35.41 1.28
N ASP C 79 -29.81 36.54 1.80
CA ASP C 79 -29.29 37.07 3.06
C ASP C 79 -29.55 36.13 4.22
N MET C 80 -30.71 35.48 4.24
CA MET C 80 -31.00 34.53 5.31
C MET C 80 -30.03 33.34 5.27
N ILE C 81 -29.82 32.79 4.08
CA ILE C 81 -28.88 31.68 3.91
C ILE C 81 -27.48 32.11 4.31
N SER C 82 -27.04 33.27 3.80
CA SER C 82 -25.69 33.75 4.03
C SER C 82 -25.43 33.96 5.52
N GLN C 83 -26.42 34.49 6.24
CA GLN C 83 -26.26 34.68 7.69
C GLN C 83 -25.96 33.37 8.41
N VAL C 84 -26.68 32.30 8.09
CA VAL C 84 -26.40 31.03 8.76
C VAL C 84 -25.04 30.49 8.33
N CYS C 85 -24.69 30.62 7.06
CA CYS C 85 -23.36 30.23 6.62
C CYS C 85 -22.28 30.94 7.42
N ASP C 86 -22.46 32.23 7.69
CA ASP C 86 -21.50 32.96 8.50
C ASP C 86 -21.42 32.39 9.91
N GLU C 87 -22.57 32.03 10.49
CA GLU C 87 -22.58 31.42 11.82
C GLU C 87 -21.82 30.10 11.85
N ILE C 88 -21.96 29.29 10.79
CA ILE C 88 -21.22 28.02 10.70
C ILE C 88 -19.73 28.30 10.61
N LEU C 89 -19.35 29.24 9.74
CA LEU C 89 -17.94 29.59 9.57
C LEU C 89 -17.33 30.15 10.84
N GLU C 90 -18.14 30.80 11.69
CA GLU C 90 -17.67 31.29 12.97
C GLU C 90 -17.53 30.19 14.02
N GLY C 91 -17.94 28.97 13.69
CA GLY C 91 -17.81 27.85 14.60
C GLY C 91 -18.92 27.70 15.62
N LYS C 92 -20.10 28.26 15.37
CA LYS C 92 -21.15 28.33 16.37
C LYS C 92 -22.15 27.19 16.31
N LEU C 93 -22.10 26.34 15.28
CA LEU C 93 -23.18 25.39 15.03
C LEU C 93 -22.69 23.95 14.84
N PHE C 94 -21.48 23.61 15.32
CA PHE C 94 -21.00 22.25 15.04
C PHE C 94 -21.83 21.18 15.70
N ASP C 95 -22.53 21.50 16.80
CA ASP C 95 -23.41 20.53 17.44
C ASP C 95 -24.59 20.15 16.56
N GLN C 96 -24.79 20.85 15.44
CA GLN C 96 -25.89 20.58 14.53
C GLN C 96 -25.48 19.67 13.40
N PHE C 97 -24.28 19.09 13.45
CA PHE C 97 -23.73 18.25 12.38
C PHE C 97 -23.30 16.93 13.00
N PRO C 98 -24.21 15.96 13.08
CA PRO C 98 -23.95 14.72 13.83
C PRO C 98 -23.55 13.54 12.95
N LEU C 99 -23.27 13.73 11.68
CA LEU C 99 -23.10 12.63 10.75
C LEU C 99 -21.64 12.17 10.65
N VAL C 100 -21.48 10.90 10.24
CA VAL C 100 -20.18 10.26 10.16
C VAL C 100 -19.61 10.34 8.75
N ILE C 101 -18.28 10.10 8.65
CA ILE C 101 -17.62 9.88 7.36
C ILE C 101 -18.30 8.75 6.61
N TRP C 102 -18.58 7.66 7.33
CA TRP C 102 -18.96 6.36 6.77
C TRP C 102 -20.46 6.31 6.51
N GLN C 103 -20.91 7.27 5.70
CA GLN C 103 -22.30 7.43 5.30
C GLN C 103 -22.42 7.03 3.83
N THR C 104 -23.47 7.51 3.16
CA THR C 104 -23.50 7.35 1.71
C THR C 104 -22.21 7.87 1.08
N GLY C 105 -21.76 7.17 0.03
CA GLY C 105 -20.46 7.49 -0.57
C GLY C 105 -20.43 8.75 -1.41
N SER C 106 -21.58 9.39 -1.65
CA SER C 106 -21.57 10.69 -2.29
C SER C 106 -21.50 11.84 -1.30
N GLY C 107 -21.68 11.57 0.00
CA GLY C 107 -21.81 12.66 0.95
C GLY C 107 -23.15 13.37 0.92
N THR C 108 -24.15 12.80 0.23
CA THR C 108 -25.49 13.38 0.14
C THR C 108 -26.02 13.80 1.50
N GLN C 109 -25.80 12.95 2.49
CA GLN C 109 -26.46 13.17 3.77
C GLN C 109 -25.89 14.40 4.48
N SER C 110 -24.58 14.66 4.34
CA SER C 110 -24.02 15.90 4.85
C SER C 110 -24.48 17.13 4.07
N ASN C 111 -24.67 17.00 2.75
CA ASN C 111 -25.30 18.10 2.00
C ASN C 111 -26.68 18.41 2.55
N MET C 112 -27.50 17.38 2.75
CA MET C 112 -28.83 17.60 3.31
CA MET C 112 -28.83 17.57 3.32
C MET C 112 -28.74 18.15 4.73
N ASN C 113 -27.72 17.74 5.50
CA ASN C 113 -27.54 18.24 6.86
C ASN C 113 -27.37 19.76 6.84
N ILE C 114 -26.51 20.30 5.96
CA ILE C 114 -26.37 21.75 5.97
C ILE C 114 -27.61 22.42 5.40
N ASN C 115 -28.26 21.82 4.39
CA ASN C 115 -29.50 22.42 3.88
C ASN C 115 -30.55 22.54 4.97
N GLU C 116 -30.72 21.49 5.78
CA GLU C 116 -31.72 21.48 6.85
C GLU C 116 -31.37 22.46 7.96
N VAL C 117 -30.10 22.48 8.36
CA VAL C 117 -29.67 23.39 9.43
C VAL C 117 -29.82 24.85 8.99
N ILE C 118 -29.39 25.18 7.77
CA ILE C 118 -29.56 26.54 7.26
C ILE C 118 -31.03 26.91 7.26
N SER C 119 -31.88 26.01 6.76
CA SER C 119 -33.31 26.29 6.68
C SER C 119 -33.91 26.57 8.05
N ASN C 120 -33.61 25.71 9.04
CA ASN C 120 -34.25 25.84 10.34
C ASN C 120 -33.67 26.99 11.14
N LYS C 121 -32.35 27.17 11.11
CA LYS C 121 -31.74 28.29 11.84
C LYS C 121 -32.16 29.63 11.23
N ALA C 122 -32.28 29.70 9.89
CA ALA C 122 -32.80 30.92 9.29
C ALA C 122 -34.20 31.24 9.80
N HIS C 123 -35.06 30.21 9.93
CA HIS C 123 -36.41 30.46 10.42
C HIS C 123 -36.40 31.03 11.83
N VAL C 124 -35.56 30.48 12.70
CA VAL C 124 -35.43 31.00 14.05
C VAL C 124 -34.83 32.40 14.04
N ASN C 125 -33.83 32.63 13.18
CA ASN C 125 -33.29 33.98 13.02
C ASN C 125 -34.36 34.97 12.55
N ASN C 126 -35.33 34.48 11.77
CA ASN C 126 -36.43 35.34 11.30
C ASN C 126 -37.51 35.55 12.35
N GLY C 127 -37.41 34.95 13.52
CA GLY C 127 -38.41 35.11 14.56
C GLY C 127 -39.38 33.95 14.72
N GLY C 128 -39.21 32.86 13.97
CA GLY C 128 -40.12 31.74 14.04
C GLY C 128 -39.71 30.73 15.09
N GLN C 129 -40.56 29.70 15.22
CA GLN C 129 -40.29 28.60 16.14
C GLN C 129 -39.66 27.44 15.40
N LEU C 130 -38.61 26.87 15.99
CA LEU C 130 -37.97 25.70 15.42
C LEU C 130 -38.98 24.57 15.28
N GLY C 131 -39.11 24.04 14.06
CA GLY C 131 -40.08 23.02 13.75
C GLY C 131 -41.19 23.49 12.84
N GLU C 132 -41.42 24.80 12.75
CA GLU C 132 -42.37 25.35 11.81
C GLU C 132 -41.77 25.41 10.40
N LYS C 133 -42.65 25.58 9.41
CA LYS C 133 -42.20 25.72 8.03
C LYS C 133 -41.33 26.97 7.88
N SER C 134 -40.17 26.80 7.27
CA SER C 134 -39.21 27.88 7.16
C SER C 134 -39.47 28.75 5.94
N GLU C 135 -39.07 30.02 6.03
CA GLU C 135 -39.07 30.90 4.86
C GLU C 135 -38.09 30.43 3.80
N VAL C 136 -37.09 29.65 4.18
CA VAL C 136 -36.06 29.17 3.28
C VAL C 136 -36.21 27.66 3.22
N HIS C 137 -36.60 27.15 2.06
CA HIS C 137 -36.82 25.71 1.91
C HIS C 137 -35.47 25.00 1.76
N PRO C 138 -35.23 23.88 2.46
CA PRO C 138 -33.91 23.24 2.38
CA PRO C 138 -33.91 23.23 2.38
C PRO C 138 -33.53 22.81 0.97
N ASN C 139 -34.48 22.28 0.20
CA ASN C 139 -34.16 21.85 -1.15
C ASN C 139 -34.38 22.96 -2.17
N ASP C 140 -35.57 23.56 -2.16
CA ASP C 140 -35.93 24.51 -3.21
C ASP C 140 -35.10 25.79 -3.14
N ASP C 141 -34.67 26.20 -1.95
CA ASP C 141 -33.91 27.43 -1.78
C ASP C 141 -32.46 27.17 -1.46
N VAL C 142 -32.16 26.46 -0.37
CA VAL C 142 -30.78 26.28 0.04
C VAL C 142 -30.01 25.42 -0.96
N ASN C 143 -30.68 24.45 -1.58
CA ASN C 143 -30.06 23.56 -2.57
C ASN C 143 -30.35 23.98 -4.01
N LYS C 144 -30.85 25.20 -4.23
CA LYS C 144 -31.23 25.61 -5.57
C LYS C 144 -30.03 25.56 -6.51
N SER C 145 -30.23 24.99 -7.69
CA SER C 145 -29.21 24.86 -8.73
C SER C 145 -28.13 23.83 -8.41
N GLN C 146 -28.33 23.00 -7.38
CA GLN C 146 -27.29 22.11 -6.86
C GLN C 146 -27.77 20.66 -6.78
N SER C 147 -26.78 19.75 -6.64
CA SER C 147 -26.94 18.33 -6.34
CA SER C 147 -27.02 18.38 -6.24
C SER C 147 -25.98 17.99 -5.21
N SER C 148 -26.17 16.84 -4.56
CA SER C 148 -25.12 16.38 -3.68
C SER C 148 -23.90 16.00 -4.50
N ASN C 149 -24.15 15.61 -5.76
CA ASN C 149 -23.07 15.03 -6.53
C ASN C 149 -22.04 16.07 -6.92
N ASP C 150 -22.45 17.34 -7.02
CA ASP C 150 -21.49 18.39 -7.28
C ASP C 150 -21.12 19.19 -6.04
N THR C 151 -21.96 19.16 -5.00
CA THR C 151 -21.64 19.92 -3.79
C THR C 151 -20.55 19.24 -2.96
N TYR C 152 -20.67 17.94 -2.70
CA TYR C 152 -19.64 17.30 -1.86
C TYR C 152 -18.25 17.39 -2.48
N PRO C 153 -18.04 17.09 -3.78
CA PRO C 153 -16.69 17.29 -4.35
C PRO C 153 -16.21 18.71 -4.22
N THR C 154 -17.12 19.68 -4.35
CA THR C 154 -16.72 21.07 -4.18
C THR C 154 -16.25 21.35 -2.77
N ALA C 155 -17.00 20.86 -1.77
CA ALA C 155 -16.57 21.00 -0.38
C ALA C 155 -15.22 20.32 -0.15
N MET C 156 -15.05 19.13 -0.71
CA MET C 156 -13.78 18.44 -0.55
CA MET C 156 -13.77 18.40 -0.64
C MET C 156 -12.61 19.26 -1.10
N HIS C 157 -12.76 19.84 -2.30
CA HIS C 157 -11.66 20.65 -2.86
C HIS C 157 -11.42 21.92 -2.06
N ILE C 158 -12.49 22.61 -1.66
CA ILE C 158 -12.30 23.82 -0.85
C ILE C 158 -11.51 23.47 0.40
N ALA C 159 -11.93 22.41 1.11
CA ALA C 159 -11.28 22.06 2.36
C ALA C 159 -9.84 21.62 2.13
N ALA C 160 -9.62 20.81 1.09
CA ALA C 160 -8.28 20.30 0.80
C ALA C 160 -7.34 21.42 0.44
N TYR C 161 -7.77 22.31 -0.46
CA TYR C 161 -6.93 23.40 -0.92
C TYR C 161 -6.60 24.35 0.23
N LYS C 162 -7.62 24.68 1.03
CA LYS C 162 -7.37 25.58 2.15
CA LYS C 162 -7.43 25.55 2.20
C LYS C 162 -6.39 24.97 3.15
N LYS C 163 -6.53 23.67 3.45
CA LYS C 163 -5.62 23.05 4.41
C LYS C 163 -4.18 23.08 3.89
N VAL C 164 -3.98 22.75 2.61
CA VAL C 164 -2.64 22.71 2.04
C VAL C 164 -2.01 24.11 2.04
N VAL C 165 -2.75 25.11 1.55
CA VAL C 165 -2.13 26.42 1.35
C VAL C 165 -2.02 27.22 2.64
N GLU C 166 -2.98 27.06 3.55
CA GLU C 166 -3.00 27.82 4.78
C GLU C 166 -2.32 27.12 5.96
N HIS C 167 -2.02 25.82 5.83
CA HIS C 167 -1.42 25.09 6.94
C HIS C 167 -0.21 24.25 6.53
N THR C 168 -0.38 23.32 5.59
CA THR C 168 0.70 22.40 5.27
C THR C 168 1.91 23.12 4.69
N ILE C 169 1.69 23.91 3.62
CA ILE C 169 2.82 24.59 2.98
C ILE C 169 3.54 25.54 3.93
N PRO C 170 2.85 26.42 4.69
CA PRO C 170 3.59 27.29 5.61
C PRO C 170 4.41 26.54 6.62
N ALA C 171 3.90 25.41 7.12
CA ALA C 171 4.63 24.65 8.12
C ALA C 171 5.89 24.02 7.54
N VAL C 172 5.79 23.45 6.34
CA VAL C 172 6.95 22.86 5.70
C VAL C 172 7.97 23.95 5.38
N GLU C 173 7.49 25.09 4.85
CA GLU C 173 8.39 26.19 4.51
C GLU C 173 9.18 26.65 5.73
N THR C 174 8.52 26.79 6.89
CA THR C 174 9.23 27.24 8.09
C THR C 174 10.30 26.24 8.50
N LEU C 175 9.96 24.95 8.49
CA LEU C 175 10.95 23.92 8.84
C LEU C 175 12.11 23.96 7.85
N LYS C 176 11.82 24.07 6.56
CA LYS C 176 12.88 24.18 5.56
C LYS C 176 13.79 25.37 5.85
N ASN C 177 13.21 26.52 6.23
CA ASN C 177 14.03 27.70 6.54
C ASN C 177 14.95 27.44 7.73
N THR C 178 14.45 26.76 8.76
CA THR C 178 15.28 26.45 9.91
C THR C 178 16.43 25.55 9.50
N LEU C 179 16.14 24.50 8.72
CA LEU C 179 17.19 23.59 8.29
C LEU C 179 18.20 24.31 7.40
N LYS C 180 17.74 25.29 6.61
CA LYS C 180 18.65 26.08 5.78
CA LYS C 180 18.66 26.06 5.78
C LYS C 180 19.57 26.94 6.63
N ALA C 181 19.02 27.58 7.67
CA ALA C 181 19.86 28.37 8.55
C ALA C 181 20.87 27.48 9.27
N LYS C 182 20.44 26.28 9.69
CA LYS C 182 21.37 25.34 10.31
C LYS C 182 22.46 24.92 9.33
N SER C 183 22.08 24.64 8.08
CA SER C 183 23.07 24.26 7.08
CA SER C 183 23.09 24.26 7.09
C SER C 183 24.13 25.35 6.91
N GLU C 184 23.71 26.62 6.86
CA GLU C 184 24.65 27.73 6.75
C GLU C 184 25.55 27.81 7.98
N ALA C 185 24.96 27.66 9.18
CA ALA C 185 25.73 27.74 10.42
C ALA C 185 26.76 26.62 10.52
N PHE C 186 26.48 25.47 9.90
CA PHE C 186 27.33 24.29 10.01
C PHE C 186 28.25 24.11 8.80
N LYS C 187 28.36 25.13 7.94
CA LYS C 187 29.05 24.94 6.65
CA LYS C 187 29.05 24.94 6.65
C LYS C 187 30.54 24.67 6.77
N ASN C 188 31.15 24.97 7.92
CA ASN C 188 32.58 24.78 8.07
C ASN C 188 32.95 23.60 8.96
N ILE C 189 31.97 22.81 9.40
CA ILE C 189 32.23 21.70 10.31
C ILE C 189 32.38 20.43 9.49
N VAL C 190 33.59 19.88 9.42
CA VAL C 190 33.88 18.69 8.62
C VAL C 190 33.54 17.43 9.42
N LYS C 191 32.69 16.57 8.86
CA LYS C 191 32.27 15.34 9.51
C LYS C 191 32.51 14.16 8.58
N ILE C 192 32.31 12.95 9.09
CA ILE C 192 32.52 11.75 8.28
C ILE C 192 31.23 11.34 7.57
N GLY C 193 31.31 11.15 6.26
CA GLY C 193 30.19 10.55 5.55
C GLY C 193 30.02 9.09 5.91
N ARG C 194 28.79 8.61 5.73
CA ARG C 194 28.47 7.21 5.93
C ARG C 194 27.63 6.76 4.76
N THR C 195 28.05 5.67 4.11
CA THR C 195 27.33 5.10 2.98
C THR C 195 27.22 3.61 3.24
N HIS C 196 26.02 3.06 3.04
CA HIS C 196 25.75 1.68 3.43
C HIS C 196 25.89 1.47 4.94
N LEU C 197 25.83 2.54 5.72
CA LEU C 197 26.07 2.62 7.17
C LEU C 197 27.55 2.56 7.49
N MET C 198 28.43 2.46 6.49
CA MET C 198 29.85 2.27 6.71
C MET C 198 30.61 3.59 6.55
N ASP C 199 31.73 3.69 7.28
CA ASP C 199 32.53 4.90 7.25
C ASP C 199 32.98 5.20 5.82
N ALA C 200 32.78 6.46 5.40
CA ALA C 200 33.13 6.88 4.05
C ALA C 200 34.09 8.07 4.11
N THR C 201 34.01 8.97 3.15
CA THR C 201 34.85 10.15 3.05
C THR C 201 34.15 11.36 3.67
N PRO C 202 34.86 12.47 3.88
CA PRO C 202 34.27 13.61 4.60
C PRO C 202 33.26 14.40 3.79
N LEU C 203 32.36 15.06 4.52
CA LEU C 203 31.53 16.15 4.00
C LEU C 203 31.27 17.08 5.18
N THR C 204 30.81 18.30 4.89
CA THR C 204 30.51 19.13 6.04
C THR C 204 29.12 18.82 6.60
N LEU C 205 28.95 19.13 7.88
CA LEU C 205 27.63 18.99 8.49
C LEU C 205 26.63 19.89 7.76
N GLY C 206 27.09 21.06 7.30
CA GLY C 206 26.25 21.94 6.50
C GLY C 206 25.84 21.31 5.19
N GLN C 207 26.77 20.62 4.51
CA GLN C 207 26.41 19.91 3.28
C GLN C 207 25.34 18.86 3.55
N GLU C 208 25.50 18.08 4.61
CA GLU C 208 24.52 17.05 4.92
C GLU C 208 23.15 17.67 5.15
N PHE C 209 23.08 18.74 5.93
CA PHE C 209 21.81 19.42 6.15
C PHE C 209 21.26 20.07 4.88
N SER C 210 22.14 20.50 3.96
CA SER C 210 21.64 21.09 2.71
C SER C 210 20.85 20.08 1.90
N GLY C 211 21.17 18.79 2.04
CA GLY C 211 20.37 17.77 1.37
C GLY C 211 18.93 17.78 1.84
N TYR C 212 18.73 17.89 3.17
CA TYR C 212 17.38 17.94 3.73
C TYR C 212 16.62 19.14 3.20
N VAL C 213 17.29 20.29 3.15
CA VAL C 213 16.68 21.51 2.63
C VAL C 213 16.21 21.29 1.19
N ALA C 214 17.09 20.73 0.35
CA ALA C 214 16.74 20.51 -1.05
C ALA C 214 15.56 19.56 -1.16
N GLN C 215 15.50 18.52 -0.32
CA GLN C 215 14.38 17.60 -0.36
C GLN C 215 13.06 18.31 -0.09
N LEU C 216 13.05 19.16 0.93
CA LEU C 216 11.81 19.88 1.25
C LEU C 216 11.45 20.87 0.15
N GLU C 217 12.45 21.55 -0.45
CA GLU C 217 12.18 22.46 -1.56
C GLU C 217 11.53 21.72 -2.74
N PHE C 218 12.05 20.54 -3.10
CA PHE C 218 11.44 19.78 -4.19
C PHE C 218 10.02 19.34 -3.84
N GLY C 219 9.80 18.92 -2.60
CA GLY C 219 8.45 18.49 -2.21
C GLY C 219 7.46 19.63 -2.25
N LEU C 220 7.89 20.83 -1.83
CA LEU C 220 7.04 22.00 -1.92
C LEU C 220 6.69 22.32 -3.37
N LYS C 221 7.68 22.27 -4.27
CA LYS C 221 7.41 22.52 -5.68
CA LYS C 221 7.41 22.52 -5.68
C LYS C 221 6.43 21.50 -6.24
N ALA C 222 6.61 20.21 -5.88
CA ALA C 222 5.75 19.16 -6.39
C ALA C 222 4.33 19.33 -5.89
N LEU C 223 4.17 19.72 -4.62
CA LEU C 223 2.84 19.95 -4.07
C LEU C 223 2.17 21.15 -4.74
N LYS C 224 2.92 22.24 -4.93
CA LYS C 224 2.35 23.39 -5.60
C LYS C 224 1.95 23.06 -7.04
N ASN C 225 2.68 22.15 -7.71
CA ASN C 225 2.30 21.77 -9.07
C ASN C 225 0.93 21.13 -9.13
N THR C 226 0.44 20.56 -8.01
CA THR C 226 -0.86 19.88 -7.98
C THR C 226 -2.00 20.85 -7.70
N LEU C 227 -1.70 22.09 -7.34
CA LEU C 227 -2.76 23.02 -6.95
C LEU C 227 -3.70 23.41 -8.10
N PRO C 228 -3.24 23.60 -9.35
CA PRO C 228 -4.21 23.98 -10.39
C PRO C 228 -5.33 22.96 -10.60
N HIS C 229 -5.04 21.66 -10.56
CA HIS C 229 -6.10 20.67 -10.70
C HIS C 229 -7.03 20.72 -9.49
N LEU C 230 -6.45 20.90 -8.29
CA LEU C 230 -7.25 20.96 -7.06
C LEU C 230 -8.12 22.21 -7.00
N ALA C 231 -7.74 23.27 -7.72
CA ALA C 231 -8.53 24.49 -7.74
C ALA C 231 -9.82 24.38 -8.54
N GLU C 232 -9.94 23.35 -9.39
CA GLU C 232 -11.12 23.18 -10.21
C GLU C 232 -12.27 22.61 -9.38
N LEU C 233 -13.45 23.22 -9.48
CA LEU C 233 -14.61 22.83 -8.68
C LEU C 233 -15.72 22.22 -9.51
N ALA C 234 -16.33 21.16 -8.97
CA ALA C 234 -17.41 20.47 -9.66
C ALA C 234 -18.71 21.26 -9.69
N LEU C 235 -18.85 22.27 -8.83
CA LEU C 235 -20.15 22.91 -8.63
C LEU C 235 -20.71 23.46 -9.94
N GLY C 236 -21.94 23.08 -10.26
CA GLY C 236 -22.55 23.37 -11.53
C GLY C 236 -22.73 22.15 -12.41
N GLY C 237 -22.05 21.04 -12.12
CA GLY C 237 -22.29 19.83 -12.86
C GLY C 237 -23.62 19.16 -12.54
N THR C 238 -24.21 19.51 -11.39
CA THR C 238 -25.42 18.89 -10.84
C THR C 238 -25.36 17.36 -10.83
N ALA C 239 -26.42 16.67 -11.24
CA ALA C 239 -26.58 15.25 -10.91
C ALA C 239 -25.57 14.37 -11.62
N VAL C 240 -25.34 14.58 -12.91
CA VAL C 240 -24.52 13.67 -13.70
C VAL C 240 -23.41 14.38 -14.46
N GLY C 241 -23.30 15.71 -14.33
CA GLY C 241 -22.27 16.48 -14.98
C GLY C 241 -22.77 17.42 -16.06
N THR C 242 -24.02 17.30 -16.48
CA THR C 242 -24.54 18.09 -17.60
C THR C 242 -24.91 19.52 -17.22
N GLY C 243 -25.00 19.84 -15.94
CA GLY C 243 -25.49 21.14 -15.54
C GLY C 243 -26.97 21.33 -15.66
N LEU C 244 -27.73 20.24 -15.85
CA LEU C 244 -29.18 20.31 -15.81
C LEU C 244 -29.64 21.05 -14.56
N ASN C 245 -30.61 21.95 -14.74
CA ASN C 245 -31.22 22.72 -13.67
C ASN C 245 -30.31 23.82 -13.11
N THR C 246 -29.29 24.25 -13.87
CA THR C 246 -28.53 25.45 -13.47
C THR C 246 -28.85 26.62 -14.41
N PRO C 247 -28.87 27.85 -13.89
CA PRO C 247 -29.00 29.02 -14.77
C PRO C 247 -27.77 29.18 -15.63
N GLN C 248 -27.96 29.77 -16.81
CA GLN C 248 -26.85 30.05 -17.72
C GLN C 248 -25.80 30.88 -17.01
N GLY C 249 -24.55 30.39 -17.04
CA GLY C 249 -23.44 31.09 -16.42
C GLY C 249 -23.23 30.80 -14.95
N TYR C 250 -24.06 29.93 -14.35
CA TYR C 250 -23.96 29.67 -12.92
C TYR C 250 -22.61 29.05 -12.53
N ASP C 251 -22.10 28.12 -13.34
CA ASP C 251 -20.84 27.46 -12.99
C ASP C 251 -19.72 28.47 -12.77
N VAL C 252 -19.56 29.40 -13.71
CA VAL C 252 -18.49 30.39 -13.62
C VAL C 252 -18.75 31.36 -12.47
N LYS C 253 -19.99 31.80 -12.33
CA LYS C 253 -20.31 32.78 -11.30
C LYS C 253 -20.17 32.21 -9.89
N VAL C 254 -20.63 30.99 -9.66
CA VAL C 254 -20.53 30.43 -8.32
C VAL C 254 -19.07 30.18 -7.94
N ALA C 255 -18.24 29.78 -8.91
CA ALA C 255 -16.82 29.63 -8.61
C ALA C 255 -16.19 30.97 -8.25
N GLU C 256 -16.61 32.05 -8.93
CA GLU C 256 -16.10 33.37 -8.60
CA GLU C 256 -16.12 33.38 -8.61
C GLU C 256 -16.46 33.75 -7.17
N TYR C 257 -17.70 33.47 -6.74
CA TYR C 257 -18.05 33.77 -5.36
C TYR C 257 -17.28 32.91 -4.37
N ILE C 258 -17.08 31.63 -4.68
CA ILE C 258 -16.28 30.80 -3.79
C ILE C 258 -14.86 31.34 -3.68
N ALA C 259 -14.26 31.74 -4.81
CA ALA C 259 -12.93 32.32 -4.78
C ALA C 259 -12.91 33.61 -3.95
N LYS C 260 -13.97 34.42 -4.06
CA LYS C 260 -14.00 35.67 -3.29
C LYS C 260 -14.11 35.40 -1.80
N PHE C 261 -15.05 34.53 -1.40
CA PHE C 261 -15.32 34.33 0.02
C PHE C 261 -14.18 33.59 0.71
N THR C 262 -13.53 32.65 0.02
CA THR C 262 -12.41 31.94 0.60
C THR C 262 -11.07 32.67 0.44
N GLY C 263 -10.99 33.61 -0.50
CA GLY C 263 -9.71 34.23 -0.82
C GLY C 263 -8.71 33.32 -1.50
N LEU C 264 -9.17 32.23 -2.10
CA LEU C 264 -8.31 31.25 -2.76
C LEU C 264 -8.71 31.15 -4.23
N PRO C 265 -7.78 30.78 -5.12
CA PRO C 265 -8.02 30.95 -6.58
C PRO C 265 -8.76 29.77 -7.22
N PHE C 266 -9.97 29.48 -6.72
CA PHE C 266 -10.80 28.43 -7.30
C PHE C 266 -11.36 28.87 -8.65
N ILE C 267 -11.57 27.87 -9.52
CA ILE C 267 -12.16 28.06 -10.85
C ILE C 267 -13.16 26.94 -11.07
N THR C 268 -14.03 27.08 -12.07
CA THR C 268 -14.95 26.01 -12.38
C THR C 268 -14.23 24.89 -13.12
N ALA C 269 -14.61 23.65 -12.87
CA ALA C 269 -13.93 22.55 -13.52
C ALA C 269 -14.18 22.59 -15.02
N GLU C 270 -13.13 22.35 -15.79
CA GLU C 270 -13.27 22.35 -17.25
C GLU C 270 -14.14 21.20 -17.76
N ASN C 271 -14.14 20.07 -17.06
CA ASN C 271 -14.95 18.93 -17.45
C ASN C 271 -15.68 18.41 -16.22
N LYS C 272 -17.00 18.63 -16.16
CA LYS C 272 -17.75 18.26 -14.97
C LYS C 272 -17.90 16.76 -14.81
N PHE C 273 -17.78 16.00 -15.90
CA PHE C 273 -17.85 14.54 -15.81
C PHE C 273 -16.63 13.98 -15.09
N GLU C 274 -15.46 14.49 -15.45
CA GLU C 274 -14.23 14.16 -14.74
C GLU C 274 -14.31 14.56 -13.28
N ALA C 275 -14.99 15.67 -12.98
CA ALA C 275 -15.08 16.21 -11.62
C ALA C 275 -16.04 15.43 -10.71
N LEU C 276 -16.95 14.64 -11.29
CA LEU C 276 -17.92 13.85 -10.54
C LEU C 276 -17.57 12.38 -10.49
N ALA C 277 -17.06 11.83 -11.59
CA ALA C 277 -16.86 10.40 -11.76
C ALA C 277 -15.54 9.94 -11.18
N ALA C 278 -14.68 10.87 -10.78
CA ALA C 278 -13.37 10.54 -10.27
C ALA C 278 -12.92 11.69 -9.38
N HIS C 279 -11.95 11.41 -8.51
CA HIS C 279 -11.31 12.42 -7.67
C HIS C 279 -9.81 12.39 -7.85
N ASP C 280 -9.42 12.43 -9.14
CA ASP C 280 -8.03 12.33 -9.50
C ASP C 280 -7.21 13.50 -8.94
N ALA C 281 -7.81 14.69 -8.73
CA ALA C 281 -7.05 15.79 -8.13
C ALA C 281 -6.63 15.45 -6.71
N ILE C 282 -7.47 14.70 -5.99
CA ILE C 282 -7.11 14.27 -4.64
C ILE C 282 -5.98 13.26 -4.68
N VAL C 283 -6.01 12.33 -5.65
CA VAL C 283 -4.92 11.38 -5.85
C VAL C 283 -3.63 12.14 -6.16
N GLU C 284 -3.71 13.11 -7.09
CA GLU C 284 -2.56 13.89 -7.53
C GLU C 284 -1.94 14.66 -6.35
N SER C 285 -2.76 15.45 -5.66
CA SER C 285 -2.25 16.24 -4.53
C SER C 285 -1.79 15.35 -3.39
N HIS C 286 -2.51 14.26 -3.10
CA HIS C 286 -2.06 13.39 -2.01
C HIS C 286 -0.73 12.73 -2.33
N GLY C 287 -0.48 12.41 -3.60
CA GLY C 287 0.82 11.85 -3.93
C GLY C 287 1.95 12.80 -3.58
N ALA C 288 1.71 14.12 -3.69
CA ALA C 288 2.72 15.11 -3.31
C ALA C 288 2.84 15.24 -1.80
N LEU C 289 1.72 15.15 -1.06
CA LEU C 289 1.84 15.07 0.40
C LEU C 289 2.66 13.84 0.79
N LYS C 290 2.43 12.71 0.12
CA LYS C 290 3.17 11.50 0.45
CA LYS C 290 3.18 11.51 0.44
C LYS C 290 4.65 11.65 0.09
N GLN C 291 4.96 12.34 -1.02
CA GLN C 291 6.36 12.64 -1.35
C GLN C 291 7.03 13.43 -0.22
N LEU C 292 6.32 14.44 0.31
CA LEU C 292 6.85 15.18 1.44
C LEU C 292 7.06 14.28 2.65
N ALA C 293 6.09 13.38 2.94
CA ALA C 293 6.22 12.48 4.07
C ALA C 293 7.40 11.53 3.90
N VAL C 294 7.69 11.11 2.66
CA VAL C 294 8.83 10.24 2.42
C VAL C 294 10.13 10.95 2.77
N SER C 295 10.26 12.21 2.32
CA SER C 295 11.45 13.00 2.64
C SER C 295 11.54 13.29 4.13
N LEU C 296 10.41 13.69 4.74
CA LEU C 296 10.41 14.00 6.17
C LEU C 296 10.80 12.80 7.00
N PHE C 297 10.37 11.60 6.61
CA PHE C 297 10.77 10.42 7.36
C PHE C 297 12.28 10.29 7.38
N LYS C 298 12.90 10.42 6.20
CA LYS C 298 14.35 10.26 6.10
C LYS C 298 15.06 11.33 6.91
N ILE C 299 14.60 12.58 6.83
CA ILE C 299 15.21 13.66 7.60
C ILE C 299 15.13 13.37 9.10
N ALA C 300 13.94 12.99 9.57
CA ALA C 300 13.77 12.73 11.00
C ALA C 300 14.58 11.52 11.46
N GLN C 301 14.68 10.50 10.59
CA GLN C 301 15.47 9.30 10.88
C GLN C 301 16.94 9.66 11.01
N ASP C 302 17.48 10.41 10.05
CA ASP C 302 18.88 10.83 10.13
C ASP C 302 19.14 11.61 11.42
N ILE C 303 18.24 12.55 11.75
CA ILE C 303 18.53 13.41 12.90
C ILE C 303 18.61 12.59 14.19
N ARG C 304 17.71 11.61 14.38
CA ARG C 304 17.82 10.79 15.59
C ARG C 304 19.05 9.87 15.54
N MET C 305 19.44 9.38 14.35
CA MET C 305 20.66 8.58 14.28
CA MET C 305 20.66 8.59 14.25
C MET C 305 21.88 9.43 14.60
N LEU C 306 21.94 10.66 14.08
CA LEU C 306 23.07 11.55 14.37
C LEU C 306 23.12 11.91 15.85
N ALA C 307 21.97 11.97 16.50
CA ALA C 307 21.90 12.31 17.92
C ALA C 307 22.08 11.11 18.83
N SER C 308 22.17 9.90 18.29
CA SER C 308 22.11 8.71 19.12
C SER C 308 23.23 8.72 20.16
N GLY C 309 22.87 8.44 21.40
CA GLY C 309 23.81 8.57 22.50
C GLY C 309 23.13 8.50 23.85
N PRO C 310 23.82 8.97 24.91
CA PRO C 310 25.05 9.77 24.86
C PRO C 310 26.34 9.02 24.52
N ARG C 311 26.42 7.70 24.70
CA ARG C 311 27.69 7.00 24.55
C ARG C 311 27.66 5.76 23.64
N SER C 312 26.49 5.21 23.31
CA SER C 312 26.44 3.91 22.61
C SER C 312 26.33 4.04 21.10
N GLY C 313 26.33 5.26 20.56
CA GLY C 313 25.99 5.48 19.17
C GLY C 313 26.89 6.48 18.47
N ILE C 314 26.27 7.39 17.73
CA ILE C 314 26.99 8.31 16.86
C ILE C 314 27.30 9.59 17.62
N GLY C 315 26.27 10.29 18.11
CA GLY C 315 26.47 11.42 19.01
C GLY C 315 27.09 12.64 18.36
N GLU C 316 26.92 12.81 17.04
CA GLU C 316 27.50 13.95 16.34
C GLU C 316 26.73 15.24 16.57
N ILE C 317 25.45 15.18 16.94
CA ILE C 317 24.66 16.36 17.21
C ILE C 317 23.99 16.22 18.57
N HIS C 318 23.58 17.37 19.11
CA HIS C 318 22.71 17.50 20.26
C HIS C 318 21.35 17.93 19.77
N ILE C 319 20.29 17.39 20.37
CA ILE C 319 18.92 17.85 20.13
C ILE C 319 18.32 18.35 21.45
N PRO C 320 17.34 19.24 21.38
CA PRO C 320 16.74 19.76 22.62
C PRO C 320 16.02 18.69 23.42
N GLU C 321 16.01 18.90 24.72
CA GLU C 321 15.17 18.15 25.64
C GLU C 321 13.90 18.94 25.91
N ASN C 322 12.77 18.25 25.91
CA ASN C 322 11.46 18.89 26.06
C ASN C 322 10.73 18.43 27.32
N GLU C 323 11.38 17.63 28.15
CA GLU C 323 10.82 17.07 29.37
CA GLU C 323 10.81 17.09 29.38
C GLU C 323 11.86 17.23 30.46
N PRO C 324 11.44 17.25 31.73
N PRO C 324 11.45 17.15 31.74
CA PRO C 324 12.43 17.25 32.81
CA PRO C 324 12.40 17.40 32.83
C PRO C 324 13.22 15.95 32.74
C PRO C 324 13.57 16.42 32.93
N GLY C 325 14.53 16.07 32.91
N GLY C 325 13.39 15.14 32.61
CA GLY C 325 15.34 14.87 33.05
CA GLY C 325 14.47 14.18 32.85
C GLY C 325 15.34 14.38 34.48
C GLY C 325 14.62 13.86 34.34
N SER C 326 15.70 13.11 34.65
CA SER C 326 15.92 12.62 36.00
C SER C 326 17.39 12.74 36.36
N SER C 327 17.65 13.01 37.64
CA SER C 327 19.01 13.30 38.07
CA SER C 327 19.00 13.29 38.10
C SER C 327 19.94 12.12 37.88
N ILE C 328 19.42 10.89 37.97
CA ILE C 328 20.26 9.70 37.82
C ILE C 328 20.53 9.35 36.37
N MET C 329 19.93 10.07 35.43
CA MET C 329 20.08 9.82 34.00
C MET C 329 20.62 11.06 33.27
N PRO C 330 21.81 11.53 33.66
CA PRO C 330 22.39 12.69 32.98
C PRO C 330 22.73 12.34 31.54
N GLY C 331 22.58 13.33 30.66
CA GLY C 331 22.92 13.13 29.26
C GLY C 331 21.91 12.36 28.44
N LYS C 332 20.78 11.95 29.04
CA LYS C 332 19.77 11.22 28.29
C LYS C 332 19.29 12.05 27.11
N VAL C 333 19.13 11.38 25.97
CA VAL C 333 18.64 11.97 24.73
C VAL C 333 17.23 11.43 24.49
N ASN C 334 16.27 12.30 24.24
CA ASN C 334 14.87 11.92 24.05
CA ASN C 334 14.87 11.94 24.07
C ASN C 334 14.40 12.41 22.69
N PRO C 335 14.45 11.56 21.66
CA PRO C 335 14.11 12.00 20.30
C PRO C 335 12.60 11.99 20.04
N THR C 336 11.88 12.72 20.90
CA THR C 336 10.42 12.72 20.93
C THR C 336 9.80 13.16 19.61
N GLN C 337 10.34 14.24 19.05
CA GLN C 337 9.75 14.78 17.83
C GLN C 337 10.09 13.91 16.64
N ASN C 338 11.24 13.26 16.65
CA ASN C 338 11.58 12.33 15.57
C ASN C 338 10.60 11.16 15.53
N GLU C 339 10.17 10.69 16.72
CA GLU C 339 9.21 9.60 16.79
C GLU C 339 7.82 10.05 16.34
N ALA C 340 7.36 11.23 16.81
CA ALA C 340 6.06 11.71 16.37
C ALA C 340 6.05 11.88 14.85
N MET C 341 7.11 12.48 14.30
CA MET C 341 7.17 12.75 12.87
C MET C 341 7.17 11.46 12.07
N THR C 342 8.04 10.51 12.41
CA THR C 342 8.10 9.27 11.65
C THR C 342 6.79 8.50 11.73
N MET C 343 6.09 8.55 12.86
CA MET C 343 4.76 7.91 12.93
C MET C 343 3.75 8.59 12.02
N VAL C 344 3.74 9.94 12.00
CA VAL C 344 2.87 10.66 11.07
C VAL C 344 3.18 10.25 9.64
N CYS C 345 4.46 10.15 9.30
CA CYS C 345 4.82 9.78 7.93
C CYS C 345 4.31 8.40 7.58
N ALA C 346 4.41 7.43 8.51
CA ALA C 346 3.85 6.10 8.29
C ALA C 346 2.35 6.18 8.02
N GLN C 347 1.65 7.06 8.74
CA GLN C 347 0.21 7.25 8.53
C GLN C 347 -0.06 7.74 7.11
N VAL C 348 0.71 8.74 6.65
CA VAL C 348 0.48 9.31 5.32
C VAL C 348 0.67 8.25 4.23
N LEU C 349 1.67 7.36 4.38
CA LEU C 349 1.89 6.31 3.40
CA LEU C 349 1.87 6.36 3.36
C LEU C 349 0.66 5.44 3.21
N GLY C 350 0.02 5.06 4.33
CA GLY C 350 -1.18 4.24 4.22
C GLY C 350 -2.38 5.03 3.75
N ASN C 351 -2.49 6.31 4.14
CA ASN C 351 -3.55 7.13 3.58
C ASN C 351 -3.45 7.19 2.08
N ASP C 352 -2.23 7.16 1.53
CA ASP C 352 -2.08 7.16 0.07
C ASP C 352 -2.64 5.87 -0.55
N THR C 353 -2.42 4.72 0.10
CA THR C 353 -3.02 3.47 -0.38
C THR C 353 -4.54 3.60 -0.44
N THR C 354 -5.15 4.09 0.65
CA THR C 354 -6.60 4.22 0.70
C THR C 354 -7.14 5.15 -0.39
N ILE C 355 -6.50 6.32 -0.53
CA ILE C 355 -6.96 7.28 -1.52
C ILE C 355 -6.81 6.72 -2.93
N SER C 356 -5.70 6.03 -3.21
CA SER C 356 -5.49 5.47 -4.54
C SER C 356 -6.51 4.38 -4.85
N PHE C 357 -6.76 3.49 -3.88
CA PHE C 357 -7.78 2.46 -4.05
C PHE C 357 -9.14 3.10 -4.34
N ALA C 358 -9.55 4.03 -3.49
CA ALA C 358 -10.87 4.64 -3.66
C ALA C 358 -10.94 5.39 -4.99
N GLY C 359 -9.83 5.98 -5.43
CA GLY C 359 -9.82 6.73 -6.68
C GLY C 359 -10.05 5.87 -7.90
N THR C 360 -9.74 4.56 -7.82
CA THR C 360 -9.97 3.68 -8.96
C THR C 360 -11.43 3.31 -9.10
N GLN C 361 -12.24 3.51 -8.06
CA GLN C 361 -13.49 2.78 -7.89
C GLN C 361 -14.73 3.57 -8.32
N GLY C 362 -14.59 4.69 -9.02
CA GLY C 362 -15.76 5.33 -9.59
C GLY C 362 -16.43 4.43 -10.61
N ASN C 363 -17.76 4.54 -10.71
CA ASN C 363 -18.51 3.76 -11.69
C ASN C 363 -19.42 4.73 -12.44
N TYR C 364 -19.33 4.71 -13.78
CA TYR C 364 -20.21 5.54 -14.61
C TYR C 364 -20.07 7.00 -14.21
N GLU C 365 -21.15 7.69 -13.87
CA GLU C 365 -21.12 9.14 -13.70
C GLU C 365 -20.65 9.59 -12.32
N LEU C 366 -20.43 8.69 -11.36
CA LEU C 366 -20.13 9.16 -10.01
C LEU C 366 -19.16 8.25 -9.26
N ASN C 367 -18.14 8.84 -8.63
CA ASN C 367 -17.33 8.14 -7.64
C ASN C 367 -18.04 8.25 -6.29
N VAL C 368 -18.41 7.11 -5.69
CA VAL C 368 -19.07 7.16 -4.39
C VAL C 368 -18.16 6.65 -3.28
N PHE C 369 -16.93 7.15 -3.27
CA PHE C 369 -15.98 7.01 -2.18
C PHE C 369 -15.54 8.39 -1.68
N LYS C 370 -16.42 9.39 -1.81
CA LYS C 370 -15.97 10.77 -1.57
C LYS C 370 -15.58 11.01 -0.12
N PRO C 371 -16.39 10.64 0.88
CA PRO C 371 -15.99 10.96 2.26
C PRO C 371 -14.68 10.33 2.70
N VAL C 372 -14.42 9.06 2.35
CA VAL C 372 -13.17 8.44 2.78
C VAL C 372 -11.98 9.13 2.12
N MET C 373 -12.12 9.54 0.86
CA MET C 373 -11.03 10.28 0.22
C MET C 373 -10.79 11.62 0.91
N ALA C 374 -11.87 12.35 1.21
CA ALA C 374 -11.73 13.66 1.85
C ALA C 374 -11.09 13.52 3.23
N TYR C 375 -11.55 12.54 4.02
CA TYR C 375 -11.07 12.33 5.38
C TYR C 375 -9.57 12.02 5.38
N ASN C 376 -9.15 11.08 4.52
CA ASN C 376 -7.74 10.74 4.48
C ASN C 376 -6.89 11.92 4.01
N PHE C 377 -7.36 12.65 2.99
CA PHE C 377 -6.58 13.78 2.50
C PHE C 377 -6.39 14.82 3.59
N LEU C 378 -7.47 15.23 4.23
CA LEU C 378 -7.39 16.26 5.25
C LEU C 378 -6.53 15.79 6.42
N GLN C 379 -6.61 14.51 6.79
CA GLN C 379 -5.77 14.02 7.87
C GLN C 379 -4.30 14.16 7.52
N SER C 380 -3.90 13.69 6.33
CA SER C 380 -2.50 13.82 5.93
CA SER C 380 -2.50 13.82 5.93
C SER C 380 -2.05 15.27 5.95
N ALA C 381 -2.85 16.16 5.35
CA ALA C 381 -2.45 17.56 5.25
C ALA C 381 -2.32 18.20 6.64
N GLN C 382 -3.25 17.87 7.54
CA GLN C 382 -3.22 18.40 8.91
C GLN C 382 -2.06 17.84 9.70
N LEU C 383 -1.87 16.52 9.67
CA LEU C 383 -0.81 15.93 10.48
C LEU C 383 0.56 16.35 10.00
N ILE C 384 0.77 16.46 8.68
CA ILE C 384 2.06 16.95 8.20
C ILE C 384 2.29 18.38 8.69
N ALA C 385 1.26 19.24 8.61
CA ALA C 385 1.43 20.61 9.08
C ALA C 385 1.79 20.63 10.56
N ASP C 386 1.00 19.94 11.38
CA ASP C 386 1.20 20.00 12.83
C ASP C 386 2.54 19.39 13.22
N ALA C 387 2.89 18.26 12.61
CA ALA C 387 4.17 17.62 12.92
C ALA C 387 5.34 18.51 12.52
N CYS C 388 5.23 19.19 11.37
CA CYS C 388 6.32 20.08 10.97
C CYS C 388 6.46 21.27 11.91
N ILE C 389 5.34 21.84 12.39
CA ILE C 389 5.43 22.90 13.39
C ILE C 389 6.12 22.39 14.64
N SER C 390 5.67 21.22 15.14
CA SER C 390 6.18 20.69 16.40
C SER C 390 7.66 20.30 16.26
N PHE C 391 8.00 19.65 15.15
CA PHE C 391 9.38 19.24 14.93
C PHE C 391 10.29 20.45 14.82
N ASN C 392 9.84 21.50 14.11
CA ASN C 392 10.62 22.72 14.01
C ASN C 392 10.87 23.32 15.39
N ASP C 393 9.78 23.55 16.14
CA ASP C 393 9.87 24.33 17.38
C ASP C 393 10.55 23.56 18.50
N HIS C 394 10.39 22.24 18.54
CA HIS C 394 10.84 21.42 19.66
C HIS C 394 12.04 20.55 19.31
N CYS C 395 12.56 20.65 18.07
CA CYS C 395 13.75 19.89 17.71
C CYS C 395 14.67 20.72 16.80
N ALA C 396 14.21 21.05 15.59
CA ALA C 396 15.13 21.55 14.56
C ALA C 396 15.81 22.86 14.98
N VAL C 397 15.06 23.80 15.59
CA VAL C 397 15.65 25.09 15.94
C VAL C 397 16.79 24.94 16.94
N GLY C 398 16.80 23.86 17.72
CA GLY C 398 17.80 23.67 18.75
C GLY C 398 18.90 22.68 18.40
N ILE C 399 18.98 22.18 17.16
CA ILE C 399 20.04 21.24 16.82
C ILE C 399 21.40 21.94 16.92
N GLU C 400 22.37 21.29 17.56
CA GLU C 400 23.70 21.86 17.68
C GLU C 400 24.75 20.77 17.45
N PRO C 401 25.91 21.12 16.92
CA PRO C 401 26.95 20.11 16.70
C PRO C 401 27.67 19.76 17.98
N ASN C 402 28.12 18.52 18.06
CA ASN C 402 29.09 18.10 19.06
C ASN C 402 30.43 18.07 18.33
N GLU C 403 31.13 19.20 18.34
CA GLU C 403 32.33 19.32 17.52
C GLU C 403 33.44 18.35 17.94
N PRO C 404 33.71 18.13 19.23
CA PRO C 404 34.74 17.14 19.57
C PRO C 404 34.42 15.75 19.08
N ARG C 405 33.16 15.32 19.19
CA ARG C 405 32.80 13.98 18.74
C ARG C 405 32.91 13.89 17.22
N ILE C 406 32.44 14.93 16.52
CA ILE C 406 32.53 14.95 15.05
C ILE C 406 33.99 14.77 14.63
N LYS C 407 34.90 15.54 15.25
CA LYS C 407 36.31 15.46 14.90
C LYS C 407 36.87 14.07 15.20
N GLU C 408 36.51 13.51 16.36
CA GLU C 408 36.98 12.16 16.71
C GLU C 408 36.58 11.15 15.65
N LEU C 409 35.36 11.23 15.14
CA LEU C 409 34.86 10.23 14.21
C LEU C 409 35.41 10.42 12.81
N VAL C 410 35.69 11.67 12.41
CA VAL C 410 36.32 11.95 11.11
CA VAL C 410 36.26 11.84 11.09
C VAL C 410 37.73 11.41 11.09
N ASP C 411 38.49 11.74 12.14
CA ASP C 411 39.91 11.39 12.20
C ASP C 411 40.12 9.88 12.20
N LYS C 412 39.14 9.11 12.67
CA LYS C 412 39.25 7.65 12.77
C LYS C 412 38.89 6.92 11.49
N SER C 413 38.26 7.57 10.51
CA SER C 413 37.78 6.85 9.33
CA SER C 413 37.78 6.86 9.33
C SER C 413 38.94 6.31 8.51
N LEU C 414 38.87 5.00 8.21
CA LEU C 414 39.88 4.40 7.35
C LEU C 414 39.71 4.84 5.92
N MET C 415 38.52 5.33 5.54
CA MET C 415 38.32 5.76 4.17
C MET C 415 38.88 7.14 3.89
N LEU C 416 39.50 7.77 4.89
CA LEU C 416 40.42 8.86 4.60
C LEU C 416 41.58 8.40 3.73
N VAL C 417 41.81 7.08 3.65
CA VAL C 417 42.86 6.53 2.78
C VAL C 417 42.60 6.87 1.32
N THR C 418 41.35 7.18 0.96
CA THR C 418 41.04 7.64 -0.39
C THR C 418 41.95 8.79 -0.79
N ALA C 419 42.38 9.61 0.17
CA ALA C 419 43.26 10.74 -0.10
C ALA C 419 44.64 10.31 -0.59
N LEU C 420 45.06 9.09 -0.31
CA LEU C 420 46.34 8.59 -0.79
C LEU C 420 46.27 8.00 -2.19
N ASN C 421 45.06 7.85 -2.75
CA ASN C 421 44.91 7.25 -4.07
C ASN C 421 45.77 7.95 -5.11
N THR C 422 45.76 9.29 -5.11
CA THR C 422 46.49 10.04 -6.13
C THR C 422 48.00 9.91 -6.00
N HIS C 423 48.49 9.44 -4.85
CA HIS C 423 49.92 9.34 -4.61
C HIS C 423 50.46 7.92 -4.74
N ILE C 424 49.72 6.91 -4.29
CA ILE C 424 50.18 5.53 -4.26
C ILE C 424 49.27 4.57 -5.00
N GLY C 425 48.15 5.05 -5.53
CA GLY C 425 47.28 4.16 -6.29
C GLY C 425 46.22 3.52 -5.42
N TYR C 426 45.07 3.24 -6.06
CA TYR C 426 43.92 2.70 -5.33
C TYR C 426 44.23 1.34 -4.73
N GLU C 427 45.07 0.53 -5.38
CA GLU C 427 45.35 -0.80 -4.87
C GLU C 427 46.27 -0.77 -3.65
N ASN C 428 47.26 0.12 -3.64
CA ASN C 428 48.12 0.25 -2.46
C ASN C 428 47.34 0.84 -1.29
N ALA C 429 46.49 1.83 -1.56
CA ALA C 429 45.66 2.40 -0.50
C ALA C 429 44.74 1.35 0.10
N ALA C 430 44.21 0.45 -0.73
CA ALA C 430 43.34 -0.61 -0.22
C ALA C 430 44.08 -1.50 0.75
N LYS C 431 45.34 -1.83 0.45
CA LYS C 431 46.12 -2.69 1.33
C LYS C 431 46.31 -2.05 2.71
N ILE C 432 46.53 -0.74 2.74
CA ILE C 432 46.73 -0.05 4.02
C ILE C 432 45.46 -0.13 4.86
N ALA C 433 44.34 0.30 4.30
CA ALA C 433 43.08 0.25 5.03
C ALA C 433 42.75 -1.17 5.44
N LYS C 434 42.98 -2.13 4.55
CA LYS C 434 42.71 -3.53 4.88
C LYS C 434 43.60 -4.02 6.01
N THR C 435 44.85 -3.53 6.07
CA THR C 435 45.77 -3.95 7.13
C THR C 435 45.38 -3.36 8.47
N ALA C 436 45.10 -2.05 8.50
CA ALA C 436 44.66 -1.42 9.75
C ALA C 436 43.38 -2.08 10.26
N HIS C 437 42.43 -2.35 9.37
CA HIS C 437 41.20 -3.02 9.78
C HIS C 437 41.51 -4.38 10.40
N LYS C 438 42.40 -5.15 9.77
CA LYS C 438 42.74 -6.47 10.31
C LYS C 438 43.49 -6.36 11.63
N ASN C 439 44.40 -5.38 11.74
CA ASN C 439 45.25 -5.26 12.91
C ASN C 439 44.69 -4.36 13.99
N GLY C 440 43.57 -3.68 13.75
CA GLY C 440 43.06 -2.75 14.73
C GLY C 440 43.94 -1.54 14.95
N THR C 441 44.79 -1.21 13.99
CA THR C 441 45.72 -0.10 14.10
C THR C 441 45.21 1.09 13.28
N THR C 442 46.02 2.15 13.22
CA THR C 442 45.66 3.34 12.47
C THR C 442 46.18 3.24 11.04
N LEU C 443 45.63 4.10 10.19
CA LEU C 443 46.09 4.17 8.79
C LEU C 443 47.56 4.54 8.71
N LYS C 444 47.95 5.60 9.43
CA LYS C 444 49.32 6.10 9.35
C LYS C 444 50.32 5.05 9.79
N GLU C 445 49.99 4.29 10.84
CA GLU C 445 50.92 3.28 11.32
C GLU C 445 51.14 2.17 10.30
N GLU C 446 50.07 1.70 9.65
CA GLU C 446 50.24 0.64 8.66
C GLU C 446 50.93 1.14 7.40
N ALA C 447 50.59 2.37 6.96
CA ALA C 447 51.24 2.92 5.78
C ALA C 447 52.74 3.04 5.98
N ILE C 448 53.18 3.30 7.21
CA ILE C 448 54.61 3.32 7.51
C ILE C 448 55.16 1.89 7.57
N ASN C 449 54.41 0.98 8.20
CA ASN C 449 54.87 -0.41 8.31
C ASN C 449 55.02 -1.05 6.93
N LEU C 450 54.06 -0.80 6.04
CA LEU C 450 54.12 -1.35 4.69
C LEU C 450 55.20 -0.70 3.83
N GLY C 451 55.80 0.40 4.30
CA GLY C 451 56.78 1.11 3.50
C GLY C 451 56.18 1.88 2.34
N LEU C 452 54.89 2.21 2.40
CA LEU C 452 54.21 2.87 1.30
C LEU C 452 54.19 4.39 1.44
N VAL C 453 54.25 4.90 2.66
CA VAL C 453 54.23 6.34 2.90
C VAL C 453 55.01 6.64 4.18
N THR C 454 55.72 7.76 4.18
CA THR C 454 56.41 8.20 5.37
C THR C 454 55.44 8.93 6.30
N ALA C 455 55.91 9.19 7.52
CA ALA C 455 55.08 9.91 8.48
C ALA C 455 54.81 11.33 8.02
N GLU C 456 55.85 12.02 7.52
CA GLU C 456 55.66 13.40 7.05
C GLU C 456 54.76 13.44 5.81
N GLN C 457 54.94 12.49 4.88
CA GLN C 457 54.08 12.44 3.71
C GLN C 457 52.63 12.19 4.10
N PHE C 458 52.39 11.36 5.12
CA PHE C 458 51.03 11.09 5.55
C PHE C 458 50.38 12.34 6.13
N ASP C 459 51.11 13.08 6.96
CA ASP C 459 50.56 14.30 7.57
C ASP C 459 50.27 15.35 6.51
N GLU C 460 51.13 15.46 5.50
CA GLU C 460 50.96 16.50 4.48
C GLU C 460 49.82 16.13 3.52
N TRP C 461 49.65 14.85 3.21
CA TRP C 461 48.72 14.44 2.17
C TRP C 461 47.31 14.19 2.67
N VAL C 462 47.12 13.85 3.94
CA VAL C 462 45.83 13.42 4.47
C VAL C 462 45.26 14.57 5.30
N LYS C 463 44.36 15.33 4.71
CA LYS C 463 43.72 16.46 5.38
C LYS C 463 42.22 16.40 5.10
N PRO C 464 41.40 16.03 6.07
CA PRO C 464 39.94 15.95 5.81
C PRO C 464 39.35 17.23 5.28
N GLU C 465 39.82 18.40 5.74
CA GLU C 465 39.22 19.66 5.32
C GLU C 465 39.45 19.94 3.84
N ASP C 466 40.38 19.25 3.21
CA ASP C 466 40.63 19.41 1.78
C ASP C 466 39.83 18.44 0.92
N MET C 467 38.94 17.63 1.53
CA MET C 467 38.24 16.57 0.82
C MET C 467 36.75 16.85 0.65
N VAL C 468 36.29 18.07 0.89
CA VAL C 468 34.87 18.35 0.86
C VAL C 468 34.45 19.13 -0.40
N GLY C 469 35.28 19.09 -1.45
CA GLY C 469 34.97 19.67 -2.75
C GLY C 469 35.73 19.02 -3.90
N SER C 470 35.63 19.61 -5.10
CA SER C 470 36.26 19.05 -6.28
C SER C 470 37.77 19.28 -6.26
N LEU C 471 38.44 18.68 -7.24
CA LEU C 471 39.88 18.84 -7.44
C LEU C 471 40.22 20.29 -7.74
N HIS D 8 32.81 -29.00 -18.69
CA HIS D 8 33.15 -28.27 -19.91
C HIS D 8 33.45 -26.79 -19.63
N MET D 9 33.09 -26.33 -18.43
CA MET D 9 33.31 -24.94 -18.06
C MET D 9 34.80 -24.70 -17.82
N ILE D 10 35.38 -23.77 -18.58
CA ILE D 10 36.79 -23.41 -18.46
C ILE D 10 36.85 -21.97 -17.93
N TYR D 11 37.79 -21.72 -17.03
CA TYR D 11 37.91 -20.42 -16.36
C TYR D 11 39.31 -19.85 -16.57
N ARG D 12 39.38 -18.51 -16.58
CA ARG D 12 40.64 -17.82 -16.39
C ARG D 12 40.68 -17.26 -14.96
N THR D 13 41.88 -16.97 -14.49
CA THR D 13 42.06 -16.44 -13.14
C THR D 13 42.25 -14.93 -13.19
N GLU D 14 41.42 -14.21 -12.44
CA GLU D 14 41.52 -12.77 -12.29
C GLU D 14 41.63 -12.44 -10.81
N HIS D 15 41.73 -11.15 -10.51
CA HIS D 15 41.83 -10.73 -9.11
C HIS D 15 41.26 -9.32 -8.95
N ASP D 16 40.80 -9.05 -7.73
CA ASP D 16 40.49 -7.68 -7.31
C ASP D 16 41.23 -7.42 -6.00
N THR D 17 40.90 -6.33 -5.31
CA THR D 17 41.61 -6.01 -4.07
C THR D 17 41.36 -7.02 -2.96
N MET D 18 40.44 -7.97 -3.16
CA MET D 18 40.10 -8.94 -2.13
C MET D 18 40.72 -10.31 -2.36
N GLY D 19 41.10 -10.64 -3.58
CA GLY D 19 41.69 -11.94 -3.87
C GLY D 19 41.44 -12.34 -5.31
N GLU D 20 41.74 -13.60 -5.60
CA GLU D 20 41.61 -14.13 -6.95
CA GLU D 20 41.62 -14.15 -6.94
C GLU D 20 40.22 -14.72 -7.16
N VAL D 21 39.76 -14.65 -8.41
CA VAL D 21 38.41 -15.06 -8.80
C VAL D 21 38.50 -15.77 -10.14
N LYS D 22 37.86 -16.93 -10.25
CA LYS D 22 37.82 -17.65 -11.51
C LYS D 22 36.68 -17.11 -12.35
N VAL D 23 36.99 -16.68 -13.58
CA VAL D 23 36.02 -16.04 -14.46
C VAL D 23 35.86 -16.91 -15.70
N PRO D 24 34.64 -17.17 -16.17
CA PRO D 24 34.46 -17.97 -17.40
C PRO D 24 35.29 -17.40 -18.54
N VAL D 25 36.01 -18.29 -19.24
CA VAL D 25 37.09 -17.89 -20.14
CA VAL D 25 37.09 -17.85 -20.09
C VAL D 25 36.62 -17.00 -21.26
N ASP D 26 35.38 -17.16 -21.70
CA ASP D 26 34.92 -16.44 -22.87
C ASP D 26 34.09 -15.21 -22.55
N LYS D 27 33.93 -14.86 -21.28
CA LYS D 27 33.10 -13.73 -20.89
CA LYS D 27 33.09 -13.74 -20.88
C LYS D 27 33.93 -12.48 -20.68
N PHE D 28 33.32 -11.34 -21.01
CA PHE D 28 34.02 -10.06 -21.00
C PHE D 28 33.93 -9.33 -19.66
N TRP D 29 33.18 -9.85 -18.71
CA TRP D 29 33.22 -9.28 -17.38
C TRP D 29 34.46 -9.74 -16.63
N GLY D 30 34.64 -9.23 -15.41
CA GLY D 30 35.82 -9.52 -14.62
C GLY D 30 35.53 -10.03 -13.22
N ALA D 31 36.51 -9.87 -12.34
CA ALA D 31 36.44 -10.47 -11.00
C ALA D 31 35.23 -9.98 -10.21
N GLN D 32 34.95 -8.68 -10.26
CA GLN D 32 33.88 -8.17 -9.39
C GLN D 32 32.51 -8.59 -9.90
N THR D 33 32.32 -8.60 -11.22
CA THR D 33 31.06 -9.09 -11.75
C THR D 33 30.87 -10.56 -11.40
N GLU D 34 31.93 -11.35 -11.51
CA GLU D 34 31.81 -12.78 -11.22
C GLU D 34 31.45 -13.02 -9.76
N ARG D 35 32.06 -12.28 -8.82
CA ARG D 35 31.67 -12.41 -7.42
C ARG D 35 30.17 -12.15 -7.26
N SER D 36 29.67 -11.05 -7.84
CA SER D 36 28.26 -10.72 -7.67
C SER D 36 27.37 -11.78 -8.30
N ARG D 37 27.75 -12.26 -9.49
CA ARG D 37 26.98 -13.30 -10.16
C ARG D 37 26.78 -14.49 -9.23
N ASN D 38 27.82 -14.88 -8.52
CA ASN D 38 27.75 -16.05 -7.66
C ASN D 38 27.20 -15.75 -6.29
N ASN D 39 27.30 -14.51 -5.79
CA ASN D 39 26.92 -14.20 -4.42
C ASN D 39 25.47 -13.75 -4.27
N PHE D 40 24.76 -13.47 -5.37
CA PHE D 40 23.38 -12.98 -5.30
C PHE D 40 22.49 -13.81 -6.22
N LYS D 41 22.30 -15.07 -5.85
CA LYS D 41 21.44 -15.98 -6.60
C LYS D 41 20.01 -15.76 -6.12
N ILE D 42 19.45 -14.62 -6.51
CA ILE D 42 18.19 -14.15 -5.98
C ILE D 42 17.29 -13.79 -7.17
N GLY D 43 16.25 -14.59 -7.39
CA GLY D 43 15.38 -14.42 -8.53
C GLY D 43 16.00 -14.89 -9.82
N PRO D 44 15.32 -14.64 -10.94
CA PRO D 44 15.85 -15.08 -12.24
C PRO D 44 17.19 -14.43 -12.58
N GLU D 45 18.00 -15.18 -13.31
CA GLU D 45 19.34 -14.73 -13.67
C GLU D 45 19.27 -13.43 -14.46
N ALA D 46 20.24 -12.56 -14.20
CA ALA D 46 20.52 -11.42 -15.08
C ALA D 46 19.35 -10.44 -15.13
N SER D 47 18.66 -10.25 -14.00
CA SER D 47 17.43 -9.47 -13.98
C SER D 47 17.63 -7.96 -13.97
N MET D 48 18.82 -7.44 -13.78
CA MET D 48 18.97 -5.98 -13.84
C MET D 48 18.44 -5.49 -15.18
N PRO D 49 17.54 -4.50 -15.22
CA PRO D 49 16.90 -4.14 -16.50
C PRO D 49 17.90 -3.70 -17.55
N HIS D 50 17.68 -4.16 -18.78
CA HIS D 50 18.54 -3.74 -19.88
C HIS D 50 18.52 -2.23 -20.08
N GLU D 51 17.41 -1.57 -19.73
CA GLU D 51 17.39 -0.11 -19.82
C GLU D 51 18.40 0.53 -18.90
N ILE D 52 18.67 -0.07 -17.74
CA ILE D 52 19.72 0.43 -16.85
C ILE D 52 21.09 0.23 -17.47
N ILE D 53 21.33 -0.93 -18.08
CA ILE D 53 22.61 -1.17 -18.76
C ILE D 53 22.82 -0.17 -19.89
N GLU D 54 21.78 0.07 -20.69
CA GLU D 54 21.90 1.06 -21.76
CA GLU D 54 21.87 1.07 -21.76
C GLU D 54 22.18 2.44 -21.21
N ALA D 55 21.51 2.81 -20.11
CA ALA D 55 21.76 4.10 -19.49
C ALA D 55 23.20 4.22 -18.98
N PHE D 56 23.74 3.14 -18.41
CA PHE D 56 25.15 3.14 -18.03
C PHE D 56 26.05 3.38 -19.24
N ALA D 57 25.71 2.80 -20.40
CA ALA D 57 26.51 3.05 -21.60
C ALA D 57 26.50 4.54 -21.98
N TYR D 58 25.34 5.19 -21.93
CA TYR D 58 25.31 6.63 -22.20
C TYR D 58 26.20 7.40 -21.24
N LEU D 59 26.08 7.11 -19.93
CA LEU D 59 26.81 7.93 -18.97
C LEU D 59 28.31 7.64 -18.97
N LYS D 60 28.71 6.41 -19.27
CA LYS D 60 30.14 6.11 -19.36
C LYS D 60 30.76 6.79 -20.58
N LYS D 61 30.02 6.82 -21.70
CA LYS D 61 30.48 7.55 -22.88
C LYS D 61 30.60 9.03 -22.57
N ALA D 62 29.58 9.60 -21.93
CA ALA D 62 29.62 11.01 -21.56
C ALA D 62 30.77 11.31 -20.61
N ALA D 63 30.99 10.45 -19.61
CA ALA D 63 32.08 10.69 -18.66
C ALA D 63 33.43 10.69 -19.38
N ALA D 64 33.63 9.76 -20.31
CA ALA D 64 34.88 9.75 -21.08
C ALA D 64 35.04 11.04 -21.90
N TYR D 65 33.97 11.48 -22.56
CA TYR D 65 34.05 12.73 -23.34
C TYR D 65 34.35 13.92 -22.43
N ALA D 66 33.68 14.01 -21.28
CA ALA D 66 33.93 15.12 -20.36
C ALA D 66 35.35 15.06 -19.80
N ASN D 67 35.81 13.86 -19.44
CA ASN D 67 37.15 13.71 -18.91
C ASN D 67 38.22 14.12 -19.93
N THR D 68 38.00 13.80 -21.21
CA THR D 68 38.97 14.21 -22.23
C THR D 68 38.95 15.73 -22.41
N ASP D 69 37.76 16.33 -22.49
CA ASP D 69 37.68 17.79 -22.61
C ASP D 69 38.37 18.49 -21.46
N LEU D 70 38.26 17.94 -20.26
CA LEU D 70 38.85 18.51 -19.06
C LEU D 70 40.26 18.00 -18.80
N ARG D 71 40.86 17.34 -19.79
CA ARG D 71 42.29 17.07 -19.85
C ARG D 71 42.78 16.07 -18.81
N VAL D 72 41.91 15.15 -18.38
CA VAL D 72 42.31 14.11 -17.45
C VAL D 72 42.27 12.72 -18.07
N LEU D 73 41.81 12.58 -19.32
CA LEU D 73 41.78 11.29 -20.02
C LEU D 73 42.21 11.51 -21.47
N PRO D 74 43.15 10.72 -21.98
CA PRO D 74 43.56 10.89 -23.38
CA PRO D 74 43.55 10.90 -23.38
C PRO D 74 42.43 10.52 -24.34
N SER D 75 42.39 11.24 -25.46
CA SER D 75 41.29 11.03 -26.41
CA SER D 75 41.29 11.04 -26.42
C SER D 75 41.30 9.64 -27.01
N ASP D 76 42.47 9.01 -27.15
CA ASP D 76 42.45 7.66 -27.70
C ASP D 76 41.74 6.69 -26.75
N LYS D 77 41.87 6.89 -25.44
CA LYS D 77 41.14 6.05 -24.50
C LYS D 77 39.66 6.39 -24.48
N ARG D 78 39.31 7.67 -24.61
CA ARG D 78 37.92 8.04 -24.80
C ARG D 78 37.30 7.26 -25.95
N ASP D 79 37.99 7.22 -27.09
CA ASP D 79 37.45 6.56 -28.27
C ASP D 79 37.25 5.06 -28.03
N MET D 80 38.19 4.43 -27.32
CA MET D 80 38.04 3.02 -27.00
C MET D 80 36.82 2.76 -26.14
N ILE D 81 36.64 3.58 -25.10
CA ILE D 81 35.48 3.46 -24.23
C ILE D 81 34.20 3.70 -25.01
N SER D 82 34.18 4.79 -25.79
CA SER D 82 32.98 5.17 -26.53
C SER D 82 32.56 4.08 -27.51
N GLN D 83 33.54 3.43 -28.15
CA GLN D 83 33.21 2.36 -29.09
CA GLN D 83 33.23 2.35 -29.09
C GLN D 83 32.46 1.23 -28.42
N VAL D 84 32.90 0.80 -27.23
CA VAL D 84 32.17 -0.27 -26.54
C VAL D 84 30.80 0.22 -26.08
N CYS D 85 30.72 1.45 -25.58
CA CYS D 85 29.41 1.98 -25.23
C CYS D 85 28.46 1.93 -26.42
N ASP D 86 28.95 2.26 -27.61
CA ASP D 86 28.12 2.17 -28.81
C ASP D 86 27.66 0.73 -29.05
N GLU D 87 28.56 -0.25 -28.86
CA GLU D 87 28.19 -1.66 -29.02
C GLU D 87 27.10 -2.06 -28.03
N ILE D 88 27.19 -1.58 -26.79
CA ILE D 88 26.16 -1.89 -25.79
C ILE D 88 24.84 -1.28 -26.21
N LEU D 89 24.87 -0.02 -26.64
CA LEU D 89 23.66 0.68 -27.05
C LEU D 89 23.02 0.03 -28.26
N GLU D 90 23.82 -0.62 -29.12
CA GLU D 90 23.28 -1.34 -30.27
C GLU D 90 22.70 -2.69 -29.90
N GLY D 91 22.80 -3.08 -28.63
CA GLY D 91 22.24 -4.33 -28.18
C GLY D 91 23.08 -5.57 -28.41
N LYS D 92 24.41 -5.41 -28.56
CA LYS D 92 25.28 -6.51 -28.97
C LYS D 92 25.91 -7.27 -27.80
N LEU D 93 25.79 -6.77 -26.57
CA LEU D 93 26.60 -7.30 -25.48
C LEU D 93 25.77 -7.66 -24.24
N PHE D 94 24.47 -7.89 -24.37
CA PHE D 94 23.68 -8.15 -23.17
C PHE D 94 24.08 -9.45 -22.48
N ASP D 95 24.67 -10.41 -23.21
CA ASP D 95 25.15 -11.62 -22.57
C ASP D 95 26.29 -11.37 -21.61
N GLN D 96 26.85 -10.16 -21.61
CA GLN D 96 27.96 -9.83 -20.73
C GLN D 96 27.50 -9.16 -19.45
N PHE D 97 26.19 -9.16 -19.18
CA PHE D 97 25.61 -8.51 -18.01
C PHE D 97 24.75 -9.51 -17.28
N PRO D 98 25.33 -10.27 -16.35
CA PRO D 98 24.63 -11.40 -15.72
C PRO D 98 24.06 -11.12 -14.34
N LEU D 99 24.04 -9.87 -13.91
CA LEU D 99 23.75 -9.54 -12.52
C LEU D 99 22.27 -9.26 -12.30
N VAL D 100 21.82 -9.46 -11.05
CA VAL D 100 20.42 -9.32 -10.67
C VAL D 100 20.12 -7.94 -10.10
N ILE D 101 18.82 -7.61 -10.07
CA ILE D 101 18.31 -6.45 -9.33
C ILE D 101 18.77 -6.52 -7.89
N TRP D 102 18.64 -7.71 -7.29
CA TRP D 102 18.72 -7.93 -5.84
C TRP D 102 20.18 -8.13 -5.43
N GLN D 103 21.00 -7.13 -5.76
CA GLN D 103 22.42 -7.10 -5.47
C GLN D 103 22.66 -6.08 -4.35
N THR D 104 23.90 -5.58 -4.25
CA THR D 104 24.12 -4.43 -3.38
C THR D 104 23.12 -3.32 -3.70
N GLY D 105 22.68 -2.61 -2.65
CA GLY D 105 21.64 -1.62 -2.80
C GLY D 105 22.06 -0.32 -3.45
N SER D 106 23.36 -0.12 -3.68
CA SER D 106 23.80 1.03 -4.46
C SER D 106 23.90 0.73 -5.94
N GLY D 107 23.80 -0.55 -6.34
CA GLY D 107 24.06 -0.90 -7.71
C GLY D 107 25.53 -0.90 -8.10
N THR D 108 26.44 -0.85 -7.11
CA THR D 108 27.88 -0.87 -7.36
C THR D 108 28.28 -1.98 -8.32
N GLN D 109 27.70 -3.15 -8.13
CA GLN D 109 28.17 -4.31 -8.88
C GLN D 109 27.85 -4.17 -10.37
N SER D 110 26.71 -3.57 -10.72
CA SER D 110 26.43 -3.29 -12.12
C SER D 110 27.32 -2.18 -12.68
N ASN D 111 27.68 -1.18 -11.88
CA ASN D 111 28.68 -0.20 -12.32
C ASN D 111 29.99 -0.90 -12.65
N MET D 112 30.45 -1.76 -11.75
CA MET D 112 31.69 -2.50 -12.02
CA MET D 112 31.68 -2.53 -11.99
C MET D 112 31.53 -3.42 -13.22
N ASN D 113 30.34 -3.99 -13.43
CA ASN D 113 30.09 -4.86 -14.58
C ASN D 113 30.36 -4.10 -15.89
N ILE D 114 29.81 -2.89 -16.02
CA ILE D 114 30.07 -2.16 -17.27
C ILE D 114 31.51 -1.71 -17.35
N ASN D 115 32.14 -1.32 -16.22
CA ASN D 115 33.55 -0.95 -16.27
C ASN D 115 34.42 -2.09 -16.77
N GLU D 116 34.16 -3.31 -16.27
CA GLU D 116 34.96 -4.48 -16.65
C GLU D 116 34.70 -4.89 -18.09
N VAL D 117 33.44 -4.88 -18.53
CA VAL D 117 33.11 -5.23 -19.90
C VAL D 117 33.72 -4.23 -20.89
N ILE D 118 33.59 -2.93 -20.61
CA ILE D 118 34.20 -1.93 -21.48
C ILE D 118 35.71 -2.16 -21.56
N SER D 119 36.35 -2.36 -20.40
CA SER D 119 37.79 -2.56 -20.38
C SER D 119 38.21 -3.76 -21.21
N ASN D 120 37.55 -4.91 -21.03
CA ASN D 120 37.99 -6.12 -21.72
C ASN D 120 37.62 -6.11 -23.20
N LYS D 121 36.41 -5.65 -23.53
CA LYS D 121 36.04 -5.58 -24.94
C LYS D 121 36.89 -4.56 -25.70
N ALA D 122 37.24 -3.44 -25.06
CA ALA D 122 38.16 -2.50 -25.69
C ALA D 122 39.51 -3.16 -26.00
N HIS D 123 40.02 -3.96 -25.06
CA HIS D 123 41.29 -4.63 -25.31
C HIS D 123 41.21 -5.57 -26.51
N VAL D 124 40.11 -6.33 -26.61
CA VAL D 124 39.92 -7.20 -27.77
C VAL D 124 39.74 -6.37 -29.05
N ASN D 125 38.99 -5.27 -28.97
CA ASN D 125 38.86 -4.38 -30.12
C ASN D 125 40.22 -3.83 -30.55
N ASN D 126 41.13 -3.64 -29.59
CA ASN D 126 42.47 -3.15 -29.90
C ASN D 126 43.40 -4.23 -30.46
N GLY D 127 42.94 -5.46 -30.59
CA GLY D 127 43.77 -6.55 -31.09
C GLY D 127 44.35 -7.47 -30.04
N GLY D 128 43.99 -7.29 -28.77
CA GLY D 128 44.55 -8.10 -27.70
C GLY D 128 43.73 -9.35 -27.43
N GLN D 129 44.23 -10.15 -26.49
CA GLN D 129 43.56 -11.38 -26.08
C GLN D 129 42.76 -11.11 -24.81
N LEU D 130 41.51 -11.57 -24.81
CA LEU D 130 40.67 -11.47 -23.63
C LEU D 130 41.35 -12.15 -22.45
N GLY D 131 41.54 -11.40 -21.37
CA GLY D 131 42.23 -11.87 -20.18
C GLY D 131 43.56 -11.19 -19.93
N GLU D 132 44.15 -10.57 -20.94
CA GLU D 132 45.35 -9.77 -20.78
C GLU D 132 45.01 -8.40 -20.21
N LYS D 133 46.05 -7.72 -19.71
CA LYS D 133 45.89 -6.36 -19.21
C LYS D 133 45.42 -5.43 -20.32
N SER D 134 44.36 -4.68 -20.05
CA SER D 134 43.76 -3.82 -21.05
C SER D 134 44.44 -2.45 -21.11
N GLU D 135 44.36 -1.83 -22.29
CA GLU D 135 44.78 -0.44 -22.44
C GLU D 135 43.90 0.50 -21.65
N VAL D 136 42.68 0.08 -21.34
CA VAL D 136 41.70 0.91 -20.65
C VAL D 136 41.43 0.24 -19.32
N HIS D 137 41.88 0.84 -18.23
CA HIS D 137 41.71 0.24 -16.90
C HIS D 137 40.26 0.42 -16.44
N PRO D 138 39.63 -0.62 -15.88
CA PRO D 138 38.21 -0.49 -15.50
CA PRO D 138 38.21 -0.50 -15.49
C PRO D 138 37.95 0.60 -14.47
N ASN D 139 38.83 0.75 -13.49
CA ASN D 139 38.61 1.78 -12.48
C ASN D 139 39.28 3.10 -12.86
N ASP D 140 40.57 3.06 -13.18
CA ASP D 140 41.32 4.29 -13.39
C ASP D 140 40.89 5.04 -14.65
N ASP D 141 40.41 4.32 -15.66
CA ASP D 141 40.01 4.94 -16.92
C ASP D 141 38.50 4.95 -17.10
N VAL D 142 37.85 3.77 -17.09
CA VAL D 142 36.43 3.72 -17.37
C VAL D 142 35.62 4.39 -16.26
N ASN D 143 36.08 4.29 -15.00
CA ASN D 143 35.41 4.87 -13.85
C ASN D 143 36.03 6.20 -13.42
N LYS D 144 36.86 6.82 -14.27
CA LYS D 144 37.54 8.05 -13.88
C LYS D 144 36.53 9.15 -13.55
N SER D 145 36.75 9.81 -12.42
CA SER D 145 35.92 10.91 -11.93
C SER D 145 34.56 10.45 -11.40
N GLN D 146 34.36 9.14 -11.19
CA GLN D 146 33.05 8.57 -10.87
C GLN D 146 33.10 7.71 -9.61
N SER D 147 31.91 7.45 -9.07
CA SER D 147 31.64 6.51 -7.99
CA SER D 147 31.71 6.44 -8.05
C SER D 147 30.46 5.64 -8.41
N SER D 148 30.24 4.50 -7.74
CA SER D 148 28.97 3.83 -7.95
C SER D 148 27.84 4.69 -7.43
N ASN D 149 28.14 5.52 -6.43
CA ASN D 149 27.07 6.19 -5.71
C ASN D 149 26.44 7.27 -6.56
N ASP D 150 27.19 7.83 -7.52
CA ASP D 150 26.61 8.80 -8.42
C ASP D 150 26.28 8.22 -9.79
N THR D 151 26.90 7.10 -10.17
CA THR D 151 26.62 6.52 -11.47
C THR D 151 25.27 5.78 -11.51
N TYR D 152 24.98 4.94 -10.51
CA TYR D 152 23.71 4.21 -10.57
C TYR D 152 22.51 5.16 -10.54
N PRO D 153 22.45 6.18 -9.65
CA PRO D 153 21.32 7.13 -9.75
C PRO D 153 21.21 7.79 -11.10
N THR D 154 22.36 8.10 -11.71
CA THR D 154 22.33 8.71 -13.03
C THR D 154 21.73 7.77 -14.06
N ALA D 155 22.14 6.50 -14.02
CA ALA D 155 21.56 5.51 -14.92
C ALA D 155 20.07 5.36 -14.68
N MET D 156 19.66 5.35 -13.41
CA MET D 156 18.24 5.23 -13.12
CA MET D 156 18.25 5.29 -13.04
C MET D 156 17.45 6.40 -13.71
N HIS D 157 17.93 7.63 -13.57
CA HIS D 157 17.20 8.77 -14.13
C HIS D 157 17.19 8.75 -15.65
N ILE D 158 18.33 8.45 -16.27
CA ILE D 158 18.34 8.37 -17.73
C ILE D 158 17.30 7.37 -18.21
N ALA D 159 17.30 6.16 -17.60
CA ALA D 159 16.39 5.12 -18.06
C ALA D 159 14.94 5.50 -17.80
N ALA D 160 14.68 6.05 -16.61
CA ALA D 160 13.32 6.43 -16.23
C ALA D 160 12.78 7.52 -17.16
N TYR D 161 13.56 8.57 -17.37
CA TYR D 161 13.14 9.69 -18.20
C TYR D 161 12.90 9.23 -19.63
N LYS D 162 13.82 8.45 -20.17
CA LYS D 162 13.66 7.97 -21.53
CA LYS D 162 13.69 7.91 -21.53
C LYS D 162 12.41 7.10 -21.67
N LYS D 163 12.15 6.22 -20.72
CA LYS D 163 10.96 5.37 -20.83
C LYS D 163 9.68 6.21 -20.81
N VAL D 164 9.62 7.19 -19.91
CA VAL D 164 8.43 8.02 -19.80
C VAL D 164 8.20 8.84 -21.06
N VAL D 165 9.25 9.52 -21.56
CA VAL D 165 9.07 10.47 -22.65
C VAL D 165 8.97 9.78 -24.00
N GLU D 166 9.69 8.65 -24.18
CA GLU D 166 9.72 7.97 -25.46
C GLU D 166 8.69 6.85 -25.58
N HIS D 167 8.09 6.43 -24.47
CA HIS D 167 7.13 5.31 -24.50
C HIS D 167 5.83 5.61 -23.77
N THR D 168 5.89 5.92 -22.48
CA THR D 168 4.66 6.05 -21.71
C THR D 168 3.79 7.20 -22.22
N ILE D 169 4.38 8.41 -22.32
CA ILE D 169 3.59 9.57 -22.72
C ILE D 169 3.02 9.41 -24.12
N PRO D 170 3.79 9.00 -25.15
CA PRO D 170 3.18 8.82 -26.48
C PRO D 170 2.02 7.83 -26.49
N ALA D 171 2.14 6.74 -25.71
CA ALA D 171 1.08 5.75 -25.69
C ALA D 171 -0.19 6.29 -25.05
N VAL D 172 -0.05 7.00 -23.93
CA VAL D 172 -1.22 7.60 -23.29
C VAL D 172 -1.84 8.65 -24.20
N GLU D 173 -1.00 9.49 -24.83
CA GLU D 173 -1.49 10.53 -25.73
C GLU D 173 -2.33 9.94 -26.86
N THR D 174 -1.83 8.84 -27.46
CA THR D 174 -2.57 8.22 -28.57
C THR D 174 -3.93 7.69 -28.11
N LEU D 175 -3.96 7.02 -26.96
CA LEU D 175 -5.23 6.52 -26.42
C LEU D 175 -6.19 7.68 -26.13
N LYS D 176 -5.66 8.75 -25.51
CA LYS D 176 -6.48 9.93 -25.26
C LYS D 176 -7.07 10.48 -26.57
N ASN D 177 -6.27 10.53 -27.64
CA ASN D 177 -6.76 11.03 -28.92
C ASN D 177 -7.90 10.17 -29.45
N THR D 178 -7.77 8.84 -29.32
CA THR D 178 -8.83 7.96 -29.78
C THR D 178 -10.11 8.20 -28.99
N LEU D 179 -9.97 8.29 -27.66
CA LEU D 179 -11.16 8.52 -26.84
C LEU D 179 -11.78 9.88 -27.15
N LYS D 180 -10.96 10.87 -27.51
CA LYS D 180 -11.48 12.18 -27.88
CA LYS D 180 -11.51 12.17 -27.86
C LYS D 180 -12.26 12.11 -29.19
N ALA D 181 -11.72 11.39 -30.18
CA ALA D 181 -12.45 11.23 -31.44
C ALA D 181 -13.75 10.48 -31.21
N LYS D 182 -13.74 9.48 -30.34
CA LYS D 182 -14.98 8.77 -30.02
C LYS D 182 -15.98 9.69 -29.33
N SER D 183 -15.49 10.51 -28.39
CA SER D 183 -16.37 11.46 -27.72
CA SER D 183 -16.38 11.45 -27.72
C SER D 183 -17.06 12.38 -28.71
N GLU D 184 -16.31 12.90 -29.69
CA GLU D 184 -16.89 13.75 -30.72
C GLU D 184 -17.90 12.98 -31.56
N ALA D 185 -17.57 11.75 -31.97
CA ALA D 185 -18.48 10.95 -32.78
C ALA D 185 -19.77 10.64 -32.05
N PHE D 186 -19.72 10.56 -30.72
CA PHE D 186 -20.85 10.14 -29.91
C PHE D 186 -21.60 11.32 -29.29
N LYS D 187 -21.30 12.57 -29.72
CA LYS D 187 -21.79 13.75 -29.01
CA LYS D 187 -21.79 13.75 -29.02
C LYS D 187 -23.30 13.93 -29.07
N ASN D 188 -23.98 13.27 -30.01
CA ASN D 188 -25.42 13.44 -30.16
C ASN D 188 -26.23 12.24 -29.68
N ILE D 189 -25.58 11.24 -29.07
CA ILE D 189 -26.26 10.03 -28.64
C ILE D 189 -26.62 10.19 -27.16
N VAL D 190 -27.92 10.31 -26.86
CA VAL D 190 -28.39 10.51 -25.49
C VAL D 190 -28.53 9.17 -24.79
N LYS D 191 -27.86 9.01 -23.64
CA LYS D 191 -27.90 7.78 -22.85
C LYS D 191 -28.31 8.09 -21.42
N ILE D 192 -28.53 7.05 -20.62
CA ILE D 192 -28.93 7.23 -19.23
CA ILE D 192 -28.93 7.21 -19.22
C ILE D 192 -27.70 7.28 -18.33
N GLY D 193 -27.63 8.33 -17.50
CA GLY D 193 -26.61 8.35 -16.46
C GLY D 193 -26.89 7.33 -15.38
N ARG D 194 -25.83 6.94 -14.70
CA ARG D 194 -25.94 6.02 -13.56
C ARG D 194 -25.08 6.58 -12.44
N THR D 195 -25.68 6.75 -11.26
CA THR D 195 -24.98 7.25 -10.09
C THR D 195 -25.31 6.31 -8.96
N HIS D 196 -24.29 5.91 -8.20
CA HIS D 196 -24.47 4.87 -7.18
C HIS D 196 -24.88 3.52 -7.79
N LEU D 197 -24.66 3.34 -9.09
CA LEU D 197 -25.10 2.23 -9.93
C LEU D 197 -26.58 2.32 -10.27
N MET D 198 -27.28 3.35 -9.82
CA MET D 198 -28.72 3.46 -10.00
C MET D 198 -29.06 4.41 -11.16
N ASP D 199 -30.19 4.15 -11.79
CA ASP D 199 -30.63 4.95 -12.93
C ASP D 199 -30.75 6.41 -12.53
N ALA D 200 -30.16 7.30 -13.34
CA ALA D 200 -30.16 8.73 -13.06
C ALA D 200 -30.77 9.51 -14.23
N THR D 201 -30.27 10.70 -14.50
CA THR D 201 -30.75 11.56 -15.57
C THR D 201 -29.85 11.40 -16.80
N PRO D 202 -30.27 11.92 -17.96
CA PRO D 202 -29.50 11.68 -19.20
C PRO D 202 -28.20 12.45 -19.29
N LEU D 203 -27.29 11.89 -20.08
CA LEU D 203 -26.12 12.62 -20.60
C LEU D 203 -25.79 11.97 -21.94
N THR D 204 -25.00 12.64 -22.77
CA THR D 204 -24.65 11.98 -24.02
C THR D 204 -23.51 10.99 -23.82
N LEU D 205 -23.47 9.99 -24.70
CA LEU D 205 -22.34 9.07 -24.69
C LEU D 205 -21.05 9.83 -24.92
N GLY D 206 -21.10 10.88 -25.75
CA GLY D 206 -19.92 11.72 -25.96
C GLY D 206 -19.49 12.44 -24.68
N GLN D 207 -20.45 12.94 -23.90
CA GLN D 207 -20.12 13.56 -22.63
C GLN D 207 -19.43 12.56 -21.70
N GLU D 208 -19.97 11.35 -21.62
CA GLU D 208 -19.38 10.36 -20.74
C GLU D 208 -17.93 10.07 -21.16
N PHE D 209 -17.72 9.87 -22.46
CA PHE D 209 -16.35 9.65 -22.95
C PHE D 209 -15.46 10.87 -22.76
N SER D 210 -16.03 12.09 -22.79
CA SER D 210 -15.21 13.29 -22.57
C SER D 210 -14.60 13.29 -21.17
N GLY D 211 -15.26 12.66 -20.21
CA GLY D 211 -14.66 12.55 -18.88
C GLY D 211 -13.36 11.76 -18.91
N TYR D 212 -13.35 10.64 -19.65
CA TYR D 212 -12.15 9.82 -19.77
C TYR D 212 -11.02 10.62 -20.40
N VAL D 213 -11.35 11.38 -21.44
CA VAL D 213 -10.36 12.22 -22.11
C VAL D 213 -9.74 13.21 -21.12
N ALA D 214 -10.59 13.89 -20.36
CA ALA D 214 -10.10 14.87 -19.40
C ALA D 214 -9.21 14.22 -18.35
N GLN D 215 -9.58 13.01 -17.90
CA GLN D 215 -8.76 12.31 -16.90
C GLN D 215 -7.36 12.04 -17.45
N LEU D 216 -7.26 11.57 -18.69
CA LEU D 216 -5.95 11.30 -19.26
C LEU D 216 -5.16 12.60 -19.48
N GLU D 217 -5.84 13.68 -19.92
CA GLU D 217 -5.15 14.96 -20.06
C GLU D 217 -4.56 15.45 -18.75
N PHE D 218 -5.31 15.35 -17.64
CA PHE D 218 -4.77 15.76 -16.35
C PHE D 218 -3.59 14.89 -15.93
N GLY D 219 -3.70 13.57 -16.16
CA GLY D 219 -2.60 12.69 -15.79
C GLY D 219 -1.33 12.98 -16.58
N LEU D 220 -1.50 13.28 -17.87
CA LEU D 220 -0.35 13.67 -18.69
C LEU D 220 0.29 14.95 -18.15
N LYS D 221 -0.52 15.95 -17.81
CA LYS D 221 0.04 17.18 -17.27
CA LYS D 221 0.04 17.19 -17.26
C LYS D 221 0.78 16.92 -15.97
N ALA D 222 0.20 16.06 -15.11
CA ALA D 222 0.81 15.80 -13.81
C ALA D 222 2.13 15.05 -13.97
N LEU D 223 2.18 14.12 -14.94
CA LEU D 223 3.42 13.40 -15.19
C LEU D 223 4.49 14.34 -15.76
N LYS D 224 4.10 15.20 -16.71
CA LYS D 224 5.07 16.15 -17.25
C LYS D 224 5.58 17.11 -16.16
N ASN D 225 4.75 17.46 -15.18
CA ASN D 225 5.21 18.31 -14.10
C ASN D 225 6.37 17.70 -13.32
N THR D 226 6.49 16.37 -13.31
CA THR D 226 7.54 15.68 -12.57
C THR D 226 8.84 15.57 -13.34
N LEU D 227 8.82 15.92 -14.64
CA LEU D 227 10.02 15.74 -15.44
C LEU D 227 11.20 16.63 -15.03
N PRO D 228 11.00 17.90 -14.62
CA PRO D 228 12.20 18.69 -14.26
C PRO D 228 13.02 18.11 -13.12
N HIS D 229 12.38 17.54 -12.09
CA HIS D 229 13.14 16.91 -11.01
C HIS D 229 13.86 15.66 -11.52
N LEU D 230 13.17 14.88 -12.38
CA LEU D 230 13.75 13.66 -12.93
C LEU D 230 14.90 13.94 -13.89
N ALA D 231 14.94 15.13 -14.49
CA ALA D 231 16.02 15.53 -15.39
C ALA D 231 17.33 15.78 -14.67
N GLU D 232 17.30 16.00 -13.36
CA GLU D 232 18.52 16.28 -12.60
C GLU D 232 19.32 15.01 -12.37
N LEU D 233 20.63 15.06 -12.64
CA LEU D 233 21.50 13.90 -12.55
C LEU D 233 22.52 14.01 -11.42
N ALA D 234 22.74 12.90 -10.72
CA ALA D 234 23.67 12.88 -9.61
C ALA D 234 25.12 12.91 -10.06
N LEU D 235 25.39 12.62 -11.33
CA LEU D 235 26.77 12.38 -11.76
C LEU D 235 27.66 13.59 -11.47
N GLY D 236 28.77 13.34 -10.80
CA GLY D 236 29.63 14.39 -10.30
C GLY D 236 29.61 14.54 -8.78
N GLY D 237 28.60 13.96 -8.12
CA GLY D 237 28.64 13.97 -6.66
C GLY D 237 29.66 13.03 -6.06
N THR D 238 30.15 12.05 -6.84
CA THR D 238 31.04 10.97 -6.42
C THR D 238 30.56 10.28 -5.13
N ALA D 239 31.46 10.01 -4.18
CA ALA D 239 31.15 9.04 -3.13
C ALA D 239 30.06 9.51 -2.16
N VAL D 240 30.12 10.77 -1.73
CA VAL D 240 29.22 11.24 -0.68
C VAL D 240 28.48 12.51 -1.07
N GLY D 241 28.71 13.04 -2.27
CA GLY D 241 28.03 14.23 -2.74
C GLY D 241 28.93 15.43 -2.93
N THR D 242 30.16 15.40 -2.42
CA THR D 242 31.04 16.55 -2.43
C THR D 242 31.72 16.80 -3.77
N GLY D 243 31.71 15.83 -4.68
CA GLY D 243 32.45 15.99 -5.91
C GLY D 243 33.93 15.75 -5.78
N LEU D 244 34.38 15.22 -4.65
CA LEU D 244 35.77 14.81 -4.49
C LEU D 244 36.21 13.95 -5.68
N ASN D 245 37.40 14.26 -6.19
CA ASN D 245 38.04 13.55 -7.30
C ASN D 245 37.39 13.83 -8.66
N THR D 246 36.64 14.95 -8.80
CA THR D 246 36.19 15.38 -10.12
C THR D 246 36.95 16.62 -10.59
N PRO D 247 37.23 16.74 -11.89
CA PRO D 247 37.81 17.98 -12.41
C PRO D 247 36.81 19.12 -12.28
N GLN D 248 37.35 20.33 -12.15
CA GLN D 248 36.50 21.52 -12.09
CA GLN D 248 36.51 21.53 -12.09
C GLN D 248 35.61 21.59 -13.33
N GLY D 249 34.30 21.73 -13.10
CA GLY D 249 33.35 21.84 -14.18
C GLY D 249 32.84 20.52 -14.72
N TYR D 250 33.28 19.39 -14.16
CA TYR D 250 32.90 18.09 -14.69
C TYR D 250 31.39 17.85 -14.57
N ASP D 251 30.78 18.25 -13.45
CA ASP D 251 29.36 17.99 -13.27
C ASP D 251 28.53 18.57 -14.42
N VAL D 252 28.78 19.84 -14.75
CA VAL D 252 28.02 20.50 -15.81
C VAL D 252 28.35 19.89 -17.17
N LYS D 253 29.63 19.63 -17.42
CA LYS D 253 30.04 19.13 -18.72
C LYS D 253 29.52 17.72 -18.98
N VAL D 254 29.58 16.85 -17.98
CA VAL D 254 29.13 15.47 -18.21
C VAL D 254 27.62 15.44 -18.43
N ALA D 255 26.87 16.29 -17.73
CA ALA D 255 25.44 16.37 -17.97
C ALA D 255 25.15 16.85 -19.40
N GLU D 256 25.95 17.81 -19.88
CA GLU D 256 25.76 18.28 -21.25
CA GLU D 256 25.79 18.29 -21.27
C GLU D 256 25.99 17.16 -22.25
N TYR D 257 27.01 16.34 -22.05
CA TYR D 257 27.23 15.21 -22.94
C TYR D 257 26.11 14.18 -22.84
N ILE D 258 25.61 13.90 -21.63
CA ILE D 258 24.48 12.98 -21.51
C ILE D 258 23.26 13.52 -22.25
N ALA D 259 22.98 14.82 -22.10
CA ALA D 259 21.87 15.43 -22.82
C ALA D 259 22.07 15.31 -24.34
N LYS D 260 23.30 15.48 -24.80
CA LYS D 260 23.57 15.41 -26.24
C LYS D 260 23.36 13.99 -26.75
N PHE D 261 23.95 13.00 -26.08
CA PHE D 261 23.92 11.63 -26.60
C PHE D 261 22.53 11.03 -26.50
N THR D 262 21.77 11.35 -25.46
CA THR D 262 20.42 10.83 -25.32
C THR D 262 19.38 11.67 -26.07
N GLY D 263 19.71 12.91 -26.39
CA GLY D 263 18.72 13.82 -26.96
C GLY D 263 17.64 14.27 -26.00
N LEU D 264 17.86 14.12 -24.70
CA LEU D 264 16.87 14.48 -23.68
C LEU D 264 17.47 15.57 -22.77
N PRO D 265 16.62 16.40 -22.15
CA PRO D 265 17.12 17.64 -21.50
C PRO D 265 17.60 17.43 -20.06
N PHE D 266 18.59 16.57 -19.89
CA PHE D 266 19.19 16.34 -18.58
C PHE D 266 20.05 17.52 -18.16
N ILE D 267 20.12 17.74 -16.85
CA ILE D 267 20.93 18.79 -16.24
C ILE D 267 21.60 18.20 -15.01
N THR D 268 22.63 18.88 -14.50
CA THR D 268 23.28 18.40 -13.28
C THR D 268 22.40 18.71 -12.07
N ALA D 269 22.38 17.81 -11.09
CA ALA D 269 21.54 18.04 -9.93
C ALA D 269 22.02 19.26 -9.16
N GLU D 270 21.08 20.08 -8.73
CA GLU D 270 21.44 21.28 -7.97
C GLU D 270 22.04 20.94 -6.61
N ASN D 271 21.62 19.83 -6.00
CA ASN D 271 22.15 19.41 -4.71
C ASN D 271 22.52 17.93 -4.80
N LYS D 272 23.81 17.63 -4.78
CA LYS D 272 24.23 16.25 -4.98
C LYS D 272 23.95 15.39 -3.75
N PHE D 273 23.81 15.99 -2.58
CA PHE D 273 23.46 15.22 -1.38
C PHE D 273 22.03 14.70 -1.47
N GLU D 274 21.11 15.55 -1.89
CA GLU D 274 19.74 15.13 -2.17
C GLU D 274 19.70 14.05 -3.25
N ALA D 275 20.61 14.13 -4.22
CA ALA D 275 20.62 13.21 -5.37
C ALA D 275 21.16 11.83 -5.02
N LEU D 276 21.90 11.69 -3.92
CA LEU D 276 22.49 10.44 -3.49
C LEU D 276 21.75 9.80 -2.33
N ALA D 277 21.31 10.62 -1.37
CA ALA D 277 20.75 10.17 -0.11
C ALA D 277 19.28 9.83 -0.22
N ALA D 278 18.65 10.14 -1.35
CA ALA D 278 17.23 9.91 -1.54
C ALA D 278 16.98 9.81 -3.04
N HIS D 279 15.83 9.23 -3.39
CA HIS D 279 15.38 9.15 -4.78
C HIS D 279 13.97 9.70 -4.88
N ASP D 280 13.81 10.89 -4.32
CA ASP D 280 12.52 11.54 -4.28
C ASP D 280 11.97 11.83 -5.68
N ALA D 281 12.83 12.05 -6.69
CA ALA D 281 12.32 12.24 -8.04
C ALA D 281 11.61 10.99 -8.56
N ILE D 282 12.09 9.81 -8.16
CA ILE D 282 11.42 8.57 -8.56
C ILE D 282 10.08 8.45 -7.85
N VAL D 283 10.02 8.83 -6.57
CA VAL D 283 8.75 8.86 -5.84
C VAL D 283 7.77 9.83 -6.50
N GLU D 284 8.26 11.03 -6.84
CA GLU D 284 7.45 12.06 -7.46
C GLU D 284 6.88 11.59 -8.80
N SER D 285 7.77 11.15 -9.70
CA SER D 285 7.32 10.70 -11.02
C SER D 285 6.46 9.45 -10.93
N HIS D 286 6.78 8.50 -10.04
CA HIS D 286 5.96 7.31 -9.96
C HIS D 286 4.57 7.64 -9.43
N GLY D 287 4.45 8.62 -8.54
CA GLY D 287 3.12 9.03 -8.11
C GLY D 287 2.25 9.46 -9.28
N ALA D 288 2.86 10.09 -10.30
CA ALA D 288 2.09 10.50 -11.47
C ALA D 288 1.78 9.31 -12.38
N LEU D 289 2.69 8.34 -12.51
CA LEU D 289 2.33 7.10 -13.20
C LEU D 289 1.17 6.42 -12.50
N LYS D 290 1.19 6.42 -11.16
CA LYS D 290 0.10 5.78 -10.42
CA LYS D 290 0.11 5.79 -10.42
C LYS D 290 -1.20 6.55 -10.59
N GLN D 291 -1.14 7.89 -10.67
CA GLN D 291 -2.33 8.69 -10.95
C GLN D 291 -2.93 8.27 -12.30
N LEU D 292 -2.07 8.11 -13.32
CA LEU D 292 -2.56 7.63 -14.62
C LEU D 292 -3.18 6.25 -14.50
N ALA D 293 -2.54 5.34 -13.75
CA ALA D 293 -3.09 4.00 -13.57
C ALA D 293 -4.44 4.02 -12.88
N VAL D 294 -4.64 4.95 -11.93
CA VAL D 294 -5.91 5.06 -11.25
C VAL D 294 -7.01 5.45 -12.23
N SER D 295 -6.73 6.44 -13.10
CA SER D 295 -7.70 6.85 -14.10
C SER D 295 -7.94 5.76 -15.14
N LEU D 296 -6.86 5.13 -15.60
CA LEU D 296 -6.99 4.07 -16.60
C LEU D 296 -7.82 2.91 -16.07
N PHE D 297 -7.67 2.57 -14.78
CA PHE D 297 -8.49 1.50 -14.22
C PHE D 297 -9.96 1.84 -14.37
N LYS D 298 -10.33 3.07 -13.98
CA LYS D 298 -11.74 3.47 -14.02
C LYS D 298 -12.26 3.46 -15.45
N ILE D 299 -11.46 3.99 -16.39
CA ILE D 299 -11.87 4.00 -17.79
C ILE D 299 -12.10 2.57 -18.29
N ALA D 300 -11.15 1.67 -18.04
CA ALA D 300 -11.28 0.29 -18.51
C ALA D 300 -12.45 -0.42 -17.84
N GLN D 301 -12.69 -0.13 -16.56
CA GLN D 301 -13.81 -0.73 -15.82
C GLN D 301 -15.13 -0.27 -16.41
N ASP D 302 -15.28 1.04 -16.66
CA ASP D 302 -16.51 1.54 -17.27
C ASP D 302 -16.74 0.89 -18.63
N ILE D 303 -15.69 0.79 -19.45
CA ILE D 303 -15.91 0.29 -20.80
C ILE D 303 -16.41 -1.15 -20.78
N ARG D 304 -15.85 -2.01 -19.92
CA ARG D 304 -16.38 -3.36 -19.85
C ARG D 304 -17.79 -3.41 -19.24
N MET D 305 -18.09 -2.54 -18.28
CA MET D 305 -19.45 -2.50 -17.75
CA MET D 305 -19.46 -2.49 -17.75
C MET D 305 -20.45 -2.06 -18.83
N LEU D 306 -20.09 -1.03 -19.62
CA LEU D 306 -20.96 -0.58 -20.69
C LEU D 306 -21.15 -1.64 -21.76
N ALA D 307 -20.13 -2.48 -21.99
CA ALA D 307 -20.21 -3.53 -22.98
C ALA D 307 -20.86 -4.81 -22.47
N SER D 308 -21.17 -4.88 -21.17
CA SER D 308 -21.58 -6.15 -20.59
C SER D 308 -22.80 -6.73 -21.29
N GLY D 309 -22.72 -8.01 -21.64
CA GLY D 309 -23.75 -8.61 -22.46
C GLY D 309 -23.33 -9.98 -22.97
N PRO D 310 -24.02 -10.48 -24.04
CA PRO D 310 -24.97 -9.71 -24.86
C PRO D 310 -26.35 -9.41 -24.26
N ARG D 311 -26.81 -10.15 -23.25
CA ARG D 311 -28.19 -10.00 -22.77
C ARG D 311 -28.35 -9.81 -21.27
N SER D 312 -27.34 -10.11 -20.45
CA SER D 312 -27.53 -10.13 -19.00
C SER D 312 -27.15 -8.83 -18.31
N GLY D 313 -26.75 -7.81 -19.07
CA GLY D 313 -26.14 -6.64 -18.49
C GLY D 313 -26.62 -5.35 -19.12
N ILE D 314 -25.67 -4.47 -19.40
CA ILE D 314 -25.96 -3.11 -19.84
C ILE D 314 -26.03 -3.07 -21.38
N GLY D 315 -24.95 -3.45 -22.04
CA GLY D 315 -24.95 -3.63 -23.48
C GLY D 315 -25.11 -2.35 -24.29
N GLU D 316 -24.71 -1.20 -23.74
CA GLU D 316 -24.84 0.08 -24.43
C GLU D 316 -23.79 0.27 -25.51
N ILE D 317 -22.64 -0.42 -25.44
CA ILE D 317 -21.62 -0.32 -26.48
C ILE D 317 -21.22 -1.70 -26.94
N HIS D 318 -20.61 -1.74 -28.13
CA HIS D 318 -19.94 -2.91 -28.68
C HIS D 318 -18.44 -2.66 -28.57
N ILE D 319 -17.69 -3.71 -28.26
CA ILE D 319 -16.23 -3.67 -28.31
C ILE D 319 -15.71 -4.70 -29.32
N PRO D 320 -14.54 -4.50 -29.89
CA PRO D 320 -14.02 -5.46 -30.87
C PRO D 320 -13.77 -6.83 -30.26
N GLU D 321 -13.90 -7.85 -31.10
CA GLU D 321 -13.46 -9.19 -30.78
C GLU D 321 -12.08 -9.39 -31.39
N ASN D 322 -11.19 -10.03 -30.63
CA ASN D 322 -9.80 -10.22 -31.04
C ASN D 322 -9.45 -11.69 -31.20
N GLU D 323 -10.40 -12.59 -31.04
CA GLU D 323 -10.21 -14.03 -31.10
C GLU D 323 -11.32 -14.60 -31.97
N PRO D 324 -11.16 -15.81 -32.50
N PRO D 324 -11.11 -15.76 -32.57
CA PRO D 324 -12.18 -16.34 -33.43
CA PRO D 324 -12.22 -16.41 -33.28
C PRO D 324 -13.57 -16.56 -32.83
C PRO D 324 -13.30 -16.77 -32.28
N GLY D 325 -13.69 -16.93 -31.56
N GLY D 325 -14.53 -16.46 -32.62
CA GLY D 325 -15.00 -17.29 -31.03
CA GLY D 325 -15.65 -16.92 -31.83
C GLY D 325 -15.45 -18.67 -31.53
C GLY D 325 -16.00 -18.36 -32.14
N SER D 326 -16.72 -18.99 -31.23
CA SER D 326 -17.27 -20.30 -31.54
C SER D 326 -18.71 -20.14 -32.05
N SER D 327 -19.08 -21.04 -32.96
CA SER D 327 -20.36 -20.93 -33.66
CA SER D 327 -20.35 -20.89 -33.65
C SER D 327 -21.54 -21.02 -32.70
N ILE D 328 -21.41 -21.80 -31.63
CA ILE D 328 -22.51 -21.99 -30.69
C ILE D 328 -22.61 -20.87 -29.67
N MET D 329 -21.69 -19.90 -29.70
CA MET D 329 -21.68 -18.75 -28.79
C MET D 329 -21.76 -17.43 -29.56
N PRO D 330 -22.82 -17.22 -30.35
CA PRO D 330 -22.94 -15.95 -31.06
C PRO D 330 -23.13 -14.80 -30.09
N GLY D 331 -22.57 -13.65 -30.44
CA GLY D 331 -22.73 -12.46 -29.63
C GLY D 331 -21.85 -12.41 -28.39
N LYS D 332 -20.99 -13.39 -28.18
CA LYS D 332 -20.11 -13.37 -27.01
CA LYS D 332 -20.11 -13.37 -27.01
C LYS D 332 -19.25 -12.11 -27.03
N VAL D 333 -19.09 -11.51 -25.85
CA VAL D 333 -18.26 -10.33 -25.63
C VAL D 333 -17.04 -10.76 -24.83
N ASN D 334 -15.84 -10.40 -25.29
CA ASN D 334 -14.60 -10.81 -24.65
CA ASN D 334 -14.59 -10.81 -24.69
C ASN D 334 -13.80 -9.55 -24.32
N PRO D 335 -13.92 -9.04 -23.10
CA PRO D 335 -13.26 -7.78 -22.70
C PRO D 335 -11.78 -7.99 -22.34
N THR D 336 -11.05 -8.59 -23.27
CA THR D 336 -9.66 -9.01 -23.06
C THR D 336 -8.76 -7.85 -22.66
N GLN D 337 -8.87 -6.73 -23.38
CA GLN D 337 -7.98 -5.61 -23.12
C GLN D 337 -8.35 -4.92 -21.81
N ASN D 338 -9.62 -4.92 -21.44
CA ASN D 338 -10.02 -4.35 -20.16
C ASN D 338 -9.41 -5.11 -19.01
N GLU D 339 -9.32 -6.44 -19.15
CA GLU D 339 -8.70 -7.27 -18.12
C GLU D 339 -7.20 -7.06 -18.06
N ALA D 340 -6.52 -7.03 -19.21
CA ALA D 340 -5.09 -6.79 -19.19
C ALA D 340 -4.77 -5.43 -18.58
N MET D 341 -5.55 -4.40 -18.95
CA MET D 341 -5.30 -3.06 -18.45
C MET D 341 -5.52 -2.98 -16.94
N THR D 342 -6.67 -3.48 -16.46
CA THR D 342 -6.93 -3.37 -15.03
C THR D 342 -5.92 -4.15 -14.20
N MET D 343 -5.41 -5.28 -14.72
CA MET D 343 -4.34 -5.98 -14.01
C MET D 343 -3.04 -5.17 -13.97
N VAL D 344 -2.66 -4.56 -15.09
CA VAL D 344 -1.50 -3.66 -15.09
C VAL D 344 -1.68 -2.54 -14.07
N CYS D 345 -2.88 -1.97 -14.01
CA CYS D 345 -3.10 -0.89 -13.06
C CYS D 345 -2.93 -1.37 -11.62
N ALA D 346 -3.43 -2.58 -11.31
CA ALA D 346 -3.23 -3.16 -9.98
C ALA D 346 -1.74 -3.30 -9.67
N GLN D 347 -0.96 -3.70 -10.67
CA GLN D 347 0.49 -3.80 -10.49
C GLN D 347 1.11 -2.46 -10.13
N VAL D 348 0.73 -1.39 -10.86
CA VAL D 348 1.29 -0.06 -10.63
C VAL D 348 1.01 0.42 -9.22
N LEU D 349 -0.20 0.14 -8.71
CA LEU D 349 -0.55 0.57 -7.35
CA LEU D 349 -0.51 0.61 -7.36
C LEU D 349 0.42 -0.02 -6.33
N GLY D 350 0.74 -1.31 -6.47
CA GLY D 350 1.65 -1.92 -5.53
C GLY D 350 3.09 -1.50 -5.76
N ASN D 351 3.48 -1.28 -7.01
CA ASN D 351 4.80 -0.72 -7.28
C ASN D 351 4.97 0.62 -6.57
N ASP D 352 3.88 1.41 -6.45
CA ASP D 352 3.97 2.67 -5.74
C ASP D 352 4.25 2.45 -4.25
N THR D 353 3.63 1.43 -3.64
CA THR D 353 3.94 1.11 -2.24
C THR D 353 5.42 0.80 -2.08
N THR D 354 5.97 -0.05 -2.96
CA THR D 354 7.37 -0.43 -2.87
C THR D 354 8.29 0.77 -3.02
N ILE D 355 8.03 1.60 -4.03
CA ILE D 355 8.89 2.77 -4.27
C ILE D 355 8.81 3.73 -3.08
N SER D 356 7.62 3.94 -2.53
CA SER D 356 7.48 4.87 -1.42
C SER D 356 8.19 4.35 -0.18
N PHE D 357 8.04 3.06 0.13
CA PHE D 357 8.76 2.45 1.23
C PHE D 357 10.27 2.62 1.06
N ALA D 358 10.78 2.21 -0.10
CA ALA D 358 12.22 2.29 -0.34
C ALA D 358 12.71 3.74 -0.26
N GLY D 359 11.88 4.68 -0.73
CA GLY D 359 12.30 6.07 -0.72
C GLY D 359 12.46 6.66 0.66
N THR D 360 11.78 6.08 1.68
CA THR D 360 11.94 6.57 3.05
C THR D 360 13.24 6.13 3.68
N GLN D 361 13.92 5.12 3.09
CA GLN D 361 14.88 4.31 3.82
C GLN D 361 16.34 4.70 3.58
N GLY D 362 16.62 5.83 2.95
CA GLY D 362 17.99 6.30 2.89
C GLY D 362 18.54 6.56 4.29
N ASN D 363 19.85 6.30 4.45
CA ASN D 363 20.52 6.60 5.72
C ASN D 363 21.74 7.44 5.42
N TYR D 364 21.86 8.56 6.13
CA TYR D 364 23.03 9.44 5.99
C TYR D 364 23.24 9.79 4.53
N GLU D 365 24.42 9.51 3.95
CA GLU D 365 24.76 10.04 2.64
C GLU D 365 24.23 9.23 1.47
N LEU D 366 23.60 8.07 1.69
CA LEU D 366 23.24 7.21 0.56
C LEU D 366 21.96 6.43 0.79
N ASN D 367 21.05 6.45 -0.19
CA ASN D 367 19.94 5.52 -0.22
C ASN D 367 20.44 4.23 -0.89
N VAL D 368 20.35 3.10 -0.19
CA VAL D 368 20.81 1.85 -0.78
C VAL D 368 19.64 0.90 -1.07
N PHE D 369 18.61 1.47 -1.69
CA PHE D 369 17.49 0.74 -2.27
C PHE D 369 17.37 1.05 -3.76
N LYS D 370 18.49 1.40 -4.41
CA LYS D 370 18.39 1.96 -5.77
C LYS D 370 17.87 0.96 -6.78
N PRO D 371 18.37 -0.28 -6.84
CA PRO D 371 17.87 -1.19 -7.88
C PRO D 371 16.39 -1.50 -7.77
N VAL D 372 15.85 -1.70 -6.56
CA VAL D 372 14.43 -2.03 -6.46
C VAL D 372 13.59 -0.84 -6.89
N MET D 373 14.02 0.40 -6.58
CA MET D 373 13.30 1.57 -7.05
C MET D 373 13.32 1.66 -8.57
N ALA D 374 14.50 1.45 -9.18
CA ALA D 374 14.62 1.54 -10.63
C ALA D 374 13.78 0.49 -11.32
N TYR D 375 13.81 -0.75 -10.81
CA TYR D 375 13.08 -1.86 -11.42
C TYR D 375 11.57 -1.60 -11.37
N ASN D 376 11.05 -1.20 -10.21
CA ASN D 376 9.61 -0.92 -10.12
C ASN D 376 9.21 0.24 -11.02
N PHE D 377 10.03 1.30 -11.04
CA PHE D 377 9.67 2.45 -11.86
C PHE D 377 9.58 2.06 -13.33
N LEU D 378 10.63 1.42 -13.82
CA LEU D 378 10.67 1.05 -15.23
C LEU D 378 9.56 0.08 -15.59
N GLN D 379 9.23 -0.84 -14.68
CA GLN D 379 8.12 -1.76 -14.95
C GLN D 379 6.81 -1.00 -15.10
N SER D 380 6.50 -0.10 -14.17
CA SER D 380 5.27 0.67 -14.31
C SER D 380 5.24 1.45 -15.61
N ALA D 381 6.32 2.15 -15.92
CA ALA D 381 6.34 2.99 -17.12
C ALA D 381 6.17 2.14 -18.38
N GLN D 382 6.82 0.97 -18.42
CA GLN D 382 6.73 0.07 -19.57
C GLN D 382 5.35 -0.55 -19.70
N LEU D 383 4.80 -1.07 -18.59
CA LEU D 383 3.52 -1.75 -18.67
C LEU D 383 2.39 -0.77 -18.98
N ILE D 384 2.43 0.45 -18.43
CA ILE D 384 1.43 1.44 -18.81
C ILE D 384 1.51 1.73 -20.30
N ALA D 385 2.73 1.95 -20.83
CA ALA D 385 2.88 2.21 -22.26
C ALA D 385 2.32 1.08 -23.09
N ASP D 386 2.75 -0.16 -22.81
CA ASP D 386 2.34 -1.30 -23.63
C ASP D 386 0.85 -1.54 -23.52
N ALA D 387 0.30 -1.45 -22.30
CA ALA D 387 -1.14 -1.67 -22.13
C ALA D 387 -1.95 -0.60 -22.85
N CYS D 388 -1.48 0.66 -22.83
CA CYS D 388 -2.20 1.71 -23.55
C CYS D 388 -2.17 1.49 -25.05
N ILE D 389 -1.02 1.04 -25.60
CA ILE D 389 -0.98 0.70 -27.02
C ILE D 389 -1.97 -0.41 -27.34
N SER D 390 -1.94 -1.49 -26.54
CA SER D 390 -2.76 -2.65 -26.82
C SER D 390 -4.24 -2.31 -26.65
N PHE D 391 -4.57 -1.60 -25.57
CA PHE D 391 -5.95 -1.20 -25.34
C PHE D 391 -6.47 -0.31 -26.45
N ASN D 392 -5.65 0.65 -26.90
CA ASN D 392 -6.05 1.51 -28.01
C ASN D 392 -6.33 0.69 -29.25
N ASP D 393 -5.37 -0.15 -29.65
CA ASP D 393 -5.43 -0.80 -30.95
C ASP D 393 -6.46 -1.91 -31.00
N HIS D 394 -6.69 -2.61 -29.86
CA HIS D 394 -7.51 -3.81 -29.82
C HIS D 394 -8.81 -3.59 -29.08
N CYS D 395 -9.08 -2.38 -28.61
CA CYS D 395 -10.37 -2.08 -27.99
C CYS D 395 -10.86 -0.68 -28.36
N ALA D 396 -10.16 0.37 -27.96
CA ALA D 396 -10.74 1.71 -28.01
C ALA D 396 -11.09 2.15 -29.42
N VAL D 397 -10.23 1.86 -30.41
CA VAL D 397 -10.50 2.33 -31.77
C VAL D 397 -11.78 1.73 -32.34
N GLY D 398 -12.20 0.57 -31.82
CA GLY D 398 -13.37 -0.10 -32.33
C GLY D 398 -14.62 0.03 -31.50
N ILE D 399 -14.63 0.87 -30.45
CA ILE D 399 -15.85 1.01 -29.65
C ILE D 399 -16.95 1.62 -30.51
N GLU D 400 -18.14 1.03 -30.46
CA GLU D 400 -19.29 1.56 -31.21
C GLU D 400 -20.53 1.54 -30.33
N PRO D 401 -21.46 2.46 -30.55
CA PRO D 401 -22.68 2.47 -29.73
C PRO D 401 -23.67 1.41 -30.20
N ASN D 402 -24.45 0.91 -29.26
CA ASN D 402 -25.64 0.11 -29.58
C ASN D 402 -26.80 1.08 -29.39
N GLU D 403 -27.17 1.78 -30.45
CA GLU D 403 -28.15 2.85 -30.31
C GLU D 403 -29.52 2.36 -29.89
N PRO D 404 -30.05 1.25 -30.43
CA PRO D 404 -31.35 0.77 -29.92
C PRO D 404 -31.33 0.46 -28.42
N ARG D 405 -30.27 -0.19 -27.93
CA ARG D 405 -30.22 -0.51 -26.51
C ARG D 405 -30.11 0.75 -25.68
N ILE D 406 -29.26 1.70 -26.11
CA ILE D 406 -29.14 2.98 -25.41
C ILE D 406 -30.49 3.66 -25.27
N LYS D 407 -31.24 3.72 -26.37
CA LYS D 407 -32.55 4.37 -26.34
C LYS D 407 -33.51 3.62 -25.41
N GLU D 408 -33.52 2.29 -25.47
CA GLU D 408 -34.37 1.50 -24.58
C GLU D 408 -34.11 1.83 -23.12
N LEU D 409 -32.82 1.95 -22.75
CA LEU D 409 -32.48 2.16 -21.34
C LEU D 409 -32.73 3.58 -20.88
N VAL D 410 -32.60 4.57 -21.78
CA VAL D 410 -32.92 5.97 -21.46
CA VAL D 410 -32.90 5.92 -21.33
C VAL D 410 -34.40 6.12 -21.22
N ASP D 411 -35.18 5.61 -22.18
CA ASP D 411 -36.61 5.90 -22.25
C ASP D 411 -37.37 5.39 -21.04
N LYS D 412 -36.84 4.39 -20.34
CA LYS D 412 -37.55 3.82 -19.21
C LYS D 412 -36.93 4.16 -17.86
N SER D 413 -35.96 5.07 -17.80
CA SER D 413 -35.46 5.50 -16.49
CA SER D 413 -35.45 5.51 -16.51
C SER D 413 -36.54 6.26 -15.76
N LEU D 414 -36.78 5.87 -14.51
CA LEU D 414 -37.76 6.58 -13.69
C LEU D 414 -37.26 7.96 -13.33
N MET D 415 -35.95 8.19 -13.37
CA MET D 415 -35.44 9.50 -13.01
CA MET D 415 -35.42 9.49 -13.02
C MET D 415 -35.57 10.52 -14.13
N LEU D 416 -36.17 10.16 -15.26
CA LEU D 416 -36.67 11.17 -16.18
C LEU D 416 -37.76 12.00 -15.54
N VAL D 417 -38.34 11.52 -14.43
CA VAL D 417 -39.35 12.28 -13.70
C VAL D 417 -38.79 13.59 -13.17
N THR D 418 -37.46 13.70 -13.06
CA THR D 418 -36.83 14.97 -12.70
C THR D 418 -37.29 16.09 -13.63
N ALA D 419 -37.63 15.75 -14.88
CA ALA D 419 -38.12 16.75 -15.83
C ALA D 419 -39.47 17.33 -15.43
N LEU D 420 -40.22 16.67 -14.56
CA LEU D 420 -41.50 17.18 -14.10
C LEU D 420 -41.37 18.06 -12.86
N ASN D 421 -40.16 18.16 -12.28
CA ASN D 421 -39.96 18.96 -11.07
C ASN D 421 -40.41 20.40 -11.29
N THR D 422 -40.03 20.99 -12.42
CA THR D 422 -40.34 22.39 -12.70
C THR D 422 -41.84 22.63 -12.86
N HIS D 423 -42.62 21.58 -13.11
CA HIS D 423 -44.05 21.72 -13.38
C HIS D 423 -44.94 21.32 -12.20
N ILE D 424 -44.54 20.30 -11.43
CA ILE D 424 -45.37 19.78 -10.35
C ILE D 424 -44.65 19.72 -9.01
N GLY D 425 -43.38 20.09 -8.95
CA GLY D 425 -42.68 20.07 -7.68
C GLY D 425 -42.01 18.74 -7.40
N TYR D 426 -40.87 18.83 -6.70
CA TYR D 426 -40.06 17.64 -6.45
C TYR D 426 -40.81 16.60 -5.63
N GLU D 427 -41.75 17.03 -4.78
CA GLU D 427 -42.47 16.07 -3.94
C GLU D 427 -43.49 15.27 -4.75
N ASN D 428 -44.22 15.93 -5.66
CA ASN D 428 -45.17 15.22 -6.50
C ASN D 428 -44.45 14.26 -7.46
N ALA D 429 -43.34 14.71 -8.04
CA ALA D 429 -42.59 13.84 -8.94
C ALA D 429 -42.08 12.60 -8.22
N ALA D 430 -41.68 12.75 -6.95
CA ALA D 430 -41.23 11.60 -6.18
C ALA D 430 -42.35 10.58 -6.02
N LYS D 431 -43.57 11.05 -5.75
CA LYS D 431 -44.70 10.13 -5.60
C LYS D 431 -44.95 9.33 -6.87
N ILE D 432 -44.80 9.98 -8.04
CA ILE D 432 -44.97 9.26 -9.29
C ILE D 432 -43.91 8.17 -9.45
N ALA D 433 -42.64 8.55 -9.32
CA ALA D 433 -41.56 7.57 -9.47
C ALA D 433 -41.70 6.46 -8.44
N LYS D 434 -42.04 6.81 -7.20
CA LYS D 434 -42.18 5.80 -6.16
C LYS D 434 -43.34 4.86 -6.46
N THR D 435 -44.40 5.37 -7.09
CA THR D 435 -45.55 4.52 -7.41
C THR D 435 -45.24 3.56 -8.54
N ALA D 436 -44.60 4.06 -9.61
CA ALA D 436 -44.21 3.19 -10.71
C ALA D 436 -43.28 2.09 -10.23
N HIS D 437 -42.28 2.44 -9.42
CA HIS D 437 -41.38 1.45 -8.87
C HIS D 437 -42.14 0.39 -8.08
N LYS D 438 -43.11 0.82 -7.28
CA LYS D 438 -43.88 -0.13 -6.48
C LYS D 438 -44.78 -1.00 -7.35
N ASN D 439 -45.38 -0.40 -8.39
CA ASN D 439 -46.37 -1.10 -9.21
C ASN D 439 -45.76 -1.75 -10.46
N GLY D 440 -44.47 -1.55 -10.71
CA GLY D 440 -43.89 -2.07 -11.94
C GLY D 440 -44.44 -1.45 -13.20
N THR D 441 -45.02 -0.25 -13.10
CA THR D 441 -45.62 0.44 -14.22
C THR D 441 -44.68 1.51 -14.74
N THR D 442 -45.14 2.27 -15.73
CA THR D 442 -44.35 3.35 -16.28
C THR D 442 -44.65 4.66 -15.57
N LEU D 443 -43.75 5.64 -15.76
CA LEU D 443 -43.96 6.96 -15.18
C LEU D 443 -45.24 7.60 -15.70
N LYS D 444 -45.43 7.56 -17.02
CA LYS D 444 -46.56 8.24 -17.65
C LYS D 444 -47.88 7.70 -17.13
N GLU D 445 -48.00 6.39 -17.01
CA GLU D 445 -49.26 5.80 -16.56
C GLU D 445 -49.58 6.19 -15.12
N GLU D 446 -48.58 6.23 -14.24
CA GLU D 446 -48.85 6.58 -12.85
C GLU D 446 -49.15 8.07 -12.71
N ALA D 447 -48.44 8.93 -13.44
CA ALA D 447 -48.72 10.36 -13.38
C ALA D 447 -50.16 10.65 -13.80
N ILE D 448 -50.69 9.90 -14.76
CA ILE D 448 -52.10 10.05 -15.13
C ILE D 448 -53.01 9.46 -14.06
N ASN D 449 -52.64 8.27 -13.53
CA ASN D 449 -53.43 7.66 -12.47
C ASN D 449 -53.55 8.58 -11.27
N LEU D 450 -52.45 9.20 -10.86
CA LEU D 450 -52.46 10.13 -9.73
C LEU D 450 -53.20 11.42 -10.04
N GLY D 451 -53.56 11.68 -11.29
CA GLY D 451 -54.16 12.94 -11.65
C GLY D 451 -53.22 14.11 -11.60
N LEU D 452 -51.91 13.86 -11.66
CA LEU D 452 -50.92 14.93 -11.56
C LEU D 452 -50.51 15.48 -12.91
N VAL D 453 -50.52 14.66 -13.96
CA VAL D 453 -50.13 15.08 -15.30
C VAL D 453 -51.05 14.40 -16.30
N THR D 454 -51.39 15.12 -17.38
CA THR D 454 -52.12 14.51 -18.48
C THR D 454 -51.14 13.84 -19.43
N ALA D 455 -51.69 13.04 -20.35
CA ALA D 455 -50.86 12.36 -21.33
C ALA D 455 -50.15 13.36 -22.24
N GLU D 456 -50.89 14.36 -22.75
CA GLU D 456 -50.28 15.35 -23.62
C GLU D 456 -49.21 16.15 -22.89
N GLN D 457 -49.48 16.57 -21.65
CA GLN D 457 -48.47 17.28 -20.87
C GLN D 457 -47.24 16.42 -20.65
N PHE D 458 -47.42 15.12 -20.44
CA PHE D 458 -46.27 14.24 -20.21
C PHE D 458 -45.39 14.14 -21.46
N ASP D 459 -46.01 13.98 -22.63
CA ASP D 459 -45.23 13.88 -23.86
C ASP D 459 -44.53 15.19 -24.19
N GLU D 460 -45.15 16.32 -23.87
CA GLU D 460 -44.54 17.61 -24.18
C GLU D 460 -43.41 17.95 -23.20
N TRP D 461 -43.57 17.58 -21.93
CA TRP D 461 -42.63 18.01 -20.90
C TRP D 461 -41.43 17.08 -20.72
N VAL D 462 -41.54 15.81 -21.11
CA VAL D 462 -40.52 14.81 -20.83
C VAL D 462 -39.80 14.47 -22.12
N LYS D 463 -38.65 15.09 -22.34
CA LYS D 463 -37.82 14.84 -23.53
C LYS D 463 -36.39 14.66 -23.07
N PRO D 464 -35.83 13.45 -23.13
CA PRO D 464 -34.44 13.26 -22.69
C PRO D 464 -33.44 14.13 -23.43
N GLU D 465 -33.66 14.41 -24.72
CA GLU D 465 -32.70 15.19 -25.49
C GLU D 465 -32.60 16.62 -25.00
N ASP D 466 -33.56 17.10 -24.22
CA ASP D 466 -33.52 18.46 -23.67
C ASP D 466 -32.89 18.51 -22.28
N MET D 467 -32.37 17.39 -21.78
CA MET D 467 -31.87 17.29 -20.41
C MET D 467 -30.36 17.17 -20.32
N VAL D 468 -29.63 17.43 -21.40
CA VAL D 468 -28.19 17.19 -21.39
C VAL D 468 -27.38 18.49 -21.33
N GLY D 469 -28.02 19.59 -20.89
CA GLY D 469 -27.35 20.86 -20.71
C GLY D 469 -28.05 21.73 -19.68
N SER D 470 -27.56 22.96 -19.55
CA SER D 470 -28.09 23.89 -18.56
CA SER D 470 -28.09 23.91 -18.57
C SER D 470 -29.46 24.41 -18.99
N LEU D 471 -30.09 25.16 -18.09
CA LEU D 471 -31.39 25.77 -18.34
C LEU D 471 -31.29 26.81 -19.46
C1 EDO E . -22.48 -3.91 -13.85
O1 EDO E . -22.60 -5.33 -13.87
C2 EDO E . -23.85 -3.29 -13.73
O2 EDO E . -23.69 -1.87 -13.70
C1 EDO F . 23.94 3.59 13.54
O1 EDO F . 24.20 4.30 12.33
C2 EDO F . 22.50 3.81 13.94
O2 EDO F . 22.27 3.13 15.17
#